data_5CGA
#
_entry.id   5CGA
#
_cell.length_a   62.026
_cell.length_b   62.362
_cell.length_c   108.320
_cell.angle_alpha   92.59
_cell.angle_beta   91.39
_cell.angle_gamma   101.28
#
_symmetry.space_group_name_H-M   'P 1'
#
loop_
_entity.id
_entity.type
_entity.pdbx_description
1 polymer 'Hydroxyethylthiazole kinase'
2 non-polymer 2-(1,3,5-trimethyl-1H-pyrazol-4-yl)ethanol
3 non-polymer 'MAGNESIUM ION'
4 water water
#
_entity_poly.entity_id   1
_entity_poly.type   'polypeptide(L)'
_entity_poly.pdbx_seq_one_letter_code
;MNYLNNIRIENPLTICYTNDVVKNFTANGLLSIGASPAMSEAPEEAEEFYKVAQALLINIGTLTAQNEQDIIAIAQTANE
AGLPIVFDPVAVGASTYRKQFCKLLLKSAKVSVIKGNASEILALIDDTATMKGTDSDANLDAVTIAKKAYAIYKTAIVIT
GKEDVIVQGDKAIVLANGSPLLARVTGAGCLLGGIIAGFLFRETEPDIEALIEAVSVFNIAAEVAAENENCGGPGTFSPL
LLDTLYHLNETTYQQRIRIQEVEENLYQQSGHHHHHH
;
_entity_poly.pdbx_strand_id   A,B,C,E,F,H
#
# COMPACT_ATOMS: atom_id res chain seq x y z
N MET A 1 41.83 26.51 -0.72
CA MET A 1 40.90 26.68 0.42
C MET A 1 39.81 27.79 0.30
N ASN A 2 39.53 28.30 -0.92
CA ASN A 2 38.48 29.34 -1.08
C ASN A 2 37.10 28.96 -0.51
N TYR A 3 36.60 27.77 -0.83
CA TYR A 3 35.26 27.43 -0.44
C TYR A 3 35.17 27.12 1.04
N LEU A 4 36.18 26.47 1.64
CA LEU A 4 36.12 26.13 3.02
C LEU A 4 36.13 27.40 3.91
N ASN A 5 36.89 28.41 3.53
CA ASN A 5 36.79 29.68 4.23
C ASN A 5 35.32 30.21 4.26
N ASN A 6 34.67 30.14 3.14
CA ASN A 6 33.28 30.57 3.03
C ASN A 6 32.33 29.75 3.83
N ILE A 7 32.56 28.41 3.94
CA ILE A 7 31.72 27.61 4.76
C ILE A 7 31.84 28.05 6.24
N ARG A 8 33.08 28.33 6.68
CA ARG A 8 33.31 28.72 8.07
C ARG A 8 32.64 30.08 8.38
N ILE A 9 32.59 30.96 7.41
CA ILE A 9 32.00 32.30 7.62
C ILE A 9 30.47 32.32 7.44
N GLU A 10 29.98 31.65 6.42
CA GLU A 10 28.59 31.71 6.08
C GLU A 10 27.75 30.61 6.77
N ASN A 11 28.36 29.55 7.24
CA ASN A 11 27.64 28.51 7.95
C ASN A 11 26.41 27.96 7.22
N PRO A 12 26.62 27.44 5.99
CA PRO A 12 25.54 27.10 5.09
C PRO A 12 24.64 26.01 5.69
N LEU A 13 23.34 26.28 5.64
CA LEU A 13 22.37 25.26 6.08
C LEU A 13 22.38 24.10 5.05
N THR A 14 22.70 22.94 5.56
CA THR A 14 22.86 21.78 4.76
C THR A 14 21.90 20.68 5.23
N ILE A 15 20.91 20.38 4.42
CA ILE A 15 19.88 19.45 4.82
C ILE A 15 20.40 18.07 4.50
N CYS A 16 20.26 17.13 5.41
CA CYS A 16 20.69 15.80 5.21
C CYS A 16 19.54 14.82 5.46
N TYR A 17 19.21 14.07 4.46
CA TYR A 17 18.34 12.91 4.56
C TYR A 17 19.27 11.73 4.40
N THR A 18 19.71 11.21 5.50
CA THR A 18 20.71 10.18 5.46
C THR A 18 20.38 9.04 6.34
N ASN A 19 21.27 8.08 6.40
CA ASN A 19 20.93 6.81 6.99
C ASN A 19 21.17 6.84 8.46
N ASP A 20 20.54 5.90 9.12
CA ASP A 20 20.54 5.85 10.54
C ASP A 20 21.87 5.44 11.18
N VAL A 21 22.83 4.93 10.43
CA VAL A 21 24.08 4.54 11.02
C VAL A 21 25.03 5.72 11.12
N VAL A 22 24.82 6.70 10.32
CA VAL A 22 25.80 7.78 10.14
C VAL A 22 25.25 9.18 10.38
N LYS A 23 24.04 9.33 10.92
CA LYS A 23 23.45 10.68 11.07
C LYS A 23 24.31 11.55 12.07
N ASN A 24 24.65 11.02 13.22
CA ASN A 24 25.41 11.77 14.16
C ASN A 24 26.80 12.19 13.59
N PHE A 25 27.47 11.23 12.97
CA PHE A 25 28.77 11.51 12.45
C PHE A 25 28.73 12.46 11.32
N THR A 26 27.72 12.38 10.49
CA THR A 26 27.60 13.25 9.41
C THR A 26 27.40 14.69 10.00
N ALA A 27 26.46 14.80 10.92
CA ALA A 27 26.19 16.11 11.48
C ALA A 27 27.44 16.72 12.15
N ASN A 28 28.22 15.95 12.89
CA ASN A 28 29.42 16.40 13.50
C ASN A 28 30.49 16.78 12.49
N GLY A 29 30.62 16.05 11.41
CA GLY A 29 31.52 16.44 10.33
C GLY A 29 31.19 17.74 9.68
N LEU A 30 29.92 17.94 9.39
CA LEU A 30 29.48 19.19 8.86
C LEU A 30 29.67 20.34 9.86
N LEU A 31 29.36 20.13 11.11
CA LEU A 31 29.60 21.17 12.12
C LEU A 31 31.10 21.52 12.24
N SER A 32 31.98 20.53 12.11
CA SER A 32 33.37 20.73 12.23
C SER A 32 33.97 21.62 11.14
N ILE A 33 33.43 21.61 9.92
CA ILE A 33 33.91 22.46 8.91
C ILE A 33 33.16 23.80 8.90
N GLY A 34 32.21 23.98 9.79
CA GLY A 34 31.46 25.24 9.92
C GLY A 34 30.11 25.32 9.24
N ALA A 35 29.64 24.21 8.67
CA ALA A 35 28.31 24.21 8.06
C ALA A 35 27.27 24.08 9.16
N SER A 36 26.01 24.22 8.80
CA SER A 36 24.90 24.07 9.77
C SER A 36 24.07 22.86 9.29
N PRO A 37 24.38 21.69 9.80
CA PRO A 37 23.57 20.56 9.35
C PRO A 37 22.12 20.58 9.92
N ALA A 38 21.20 20.09 9.16
CA ALA A 38 19.84 19.82 9.62
C ALA A 38 19.32 18.48 9.01
N MET A 39 19.05 17.54 9.88
CA MET A 39 18.54 16.24 9.43
C MET A 39 17.05 16.23 9.45
N SER A 40 16.46 16.91 8.53
CA SER A 40 15.05 16.97 8.40
C SER A 40 14.66 15.90 7.40
N GLU A 41 13.65 15.16 7.75
CA GLU A 41 13.11 14.12 6.89
C GLU A 41 11.63 14.25 6.56
N ALA A 42 10.93 15.22 7.16
CA ALA A 42 9.50 15.34 7.01
C ALA A 42 9.25 16.11 5.74
N PRO A 43 8.61 15.47 4.79
CA PRO A 43 8.19 16.25 3.60
C PRO A 43 7.32 17.45 3.91
N GLU A 44 6.60 17.44 5.03
CA GLU A 44 5.77 18.58 5.45
C GLU A 44 6.55 19.89 5.71
N GLU A 45 7.82 19.82 5.96
CA GLU A 45 8.59 21.02 6.22
C GLU A 45 9.67 21.29 5.19
N ALA A 46 9.68 20.50 4.12
CA ALA A 46 10.74 20.60 3.13
C ALA A 46 10.67 21.89 2.38
N GLU A 47 9.49 22.31 2.00
CA GLU A 47 9.35 23.58 1.26
C GLU A 47 9.90 24.80 2.07
N GLU A 48 9.57 24.90 3.34
CA GLU A 48 10.09 25.98 4.17
C GLU A 48 11.58 25.86 4.44
N PHE A 49 12.09 24.66 4.72
CA PHE A 49 13.48 24.50 4.97
C PHE A 49 14.31 24.77 3.69
N TYR A 50 13.85 24.29 2.57
CA TYR A 50 14.65 24.26 1.33
C TYR A 50 14.80 25.63 0.74
N LYS A 51 13.83 26.50 1.01
CA LYS A 51 13.92 27.92 0.57
C LYS A 51 15.20 28.53 1.15
N VAL A 52 15.55 28.19 2.35
CA VAL A 52 16.69 28.83 3.04
C VAL A 52 17.97 27.93 3.12
N ALA A 53 17.88 26.72 2.60
CA ALA A 53 19.01 25.83 2.63
C ALA A 53 19.95 26.03 1.44
N GLN A 54 21.18 25.55 1.58
CA GLN A 54 22.19 25.59 0.52
C GLN A 54 22.42 24.31 -0.27
N ALA A 55 22.02 23.17 0.32
CA ALA A 55 22.05 21.93 -0.38
C ALA A 55 21.23 20.91 0.41
N LEU A 56 20.95 19.84 -0.29
CA LEU A 56 20.37 18.61 0.27
C LEU A 56 21.25 17.41 -0.05
N LEU A 57 21.52 16.62 0.96
CA LEU A 57 22.08 15.25 0.79
C LEU A 57 20.95 14.24 0.88
N ILE A 58 20.87 13.36 -0.11
CA ILE A 58 20.04 12.19 -0.05
C ILE A 58 20.98 10.97 -0.06
N ASN A 59 20.94 10.20 1.02
CA ASN A 59 21.74 8.99 1.15
C ASN A 59 20.81 7.82 1.49
N ILE A 60 20.82 6.75 0.68
CA ILE A 60 19.86 5.66 0.85
C ILE A 60 20.38 4.46 1.59
N GLY A 61 21.38 4.69 2.41
CA GLY A 61 21.98 3.63 3.17
C GLY A 61 21.04 2.74 3.90
N THR A 62 20.01 3.27 4.51
CA THR A 62 19.16 2.30 5.17
C THR A 62 17.76 2.36 4.59
N LEU A 63 17.69 2.38 3.27
CA LEU A 63 16.45 2.47 2.58
C LEU A 63 15.46 1.46 3.08
N THR A 64 14.23 1.92 3.37
CA THR A 64 13.07 1.04 3.62
C THR A 64 11.81 1.61 3.03
N ALA A 65 10.73 0.85 3.11
CA ALA A 65 9.44 1.31 2.52
C ALA A 65 8.98 2.63 3.18
N GLN A 66 9.29 2.83 4.45
CA GLN A 66 9.00 4.07 5.17
C GLN A 66 9.59 5.32 4.50
N ASN A 67 10.73 5.17 3.80
CA ASN A 67 11.49 6.26 3.24
C ASN A 67 11.17 6.50 1.77
N GLU A 68 10.78 5.48 1.02
CA GLU A 68 10.82 5.60 -0.42
C GLU A 68 10.07 6.80 -0.95
N GLN A 69 8.77 6.86 -0.64
CA GLN A 69 7.93 7.90 -1.24
C GLN A 69 8.36 9.28 -0.69
N ASP A 70 8.71 9.34 0.56
CA ASP A 70 9.23 10.58 1.17
C ASP A 70 10.50 11.13 0.50
N ILE A 71 11.41 10.22 0.14
CA ILE A 71 12.61 10.63 -0.62
C ILE A 71 12.29 11.18 -2.00
N ILE A 72 11.41 10.52 -2.74
CA ILE A 72 10.97 11.02 -4.00
C ILE A 72 10.34 12.39 -3.81
N ALA A 73 9.42 12.51 -2.86
CA ALA A 73 8.73 13.77 -2.66
C ALA A 73 9.75 14.90 -2.33
N ILE A 74 10.71 14.70 -1.42
CA ILE A 74 11.61 15.76 -1.02
C ILE A 74 12.59 16.08 -2.14
N ALA A 75 12.90 15.12 -2.99
CA ALA A 75 13.75 15.40 -4.16
C ALA A 75 13.02 16.32 -5.11
N GLN A 76 11.72 16.12 -5.29
CA GLN A 76 10.94 16.97 -6.14
C GLN A 76 10.84 18.33 -5.53
N THR A 77 10.59 18.41 -4.24
CA THR A 77 10.53 19.71 -3.58
C THR A 77 11.86 20.48 -3.70
N ALA A 78 12.99 19.76 -3.63
CA ALA A 78 14.29 20.35 -3.86
C ALA A 78 14.47 20.90 -5.27
N ASN A 79 14.09 20.12 -6.29
CA ASN A 79 14.15 20.58 -7.66
C ASN A 79 13.30 21.84 -7.85
N GLU A 80 12.06 21.82 -7.36
CA GLU A 80 11.21 23.02 -7.43
C GLU A 80 11.79 24.23 -6.68
N ALA A 81 12.49 24.01 -5.59
CA ALA A 81 13.12 25.09 -4.84
C ALA A 81 14.45 25.57 -5.46
N GLY A 82 15.00 24.87 -6.46
CA GLY A 82 16.39 25.13 -6.89
C GLY A 82 17.51 24.74 -5.95
N LEU A 83 17.21 23.81 -5.02
CA LEU A 83 18.12 23.35 -4.06
C LEU A 83 18.93 22.17 -4.62
N PRO A 84 20.25 22.30 -4.70
CA PRO A 84 21.02 21.18 -5.25
C PRO A 84 21.02 19.95 -4.37
N ILE A 85 20.99 18.80 -5.03
CA ILE A 85 20.94 17.52 -4.35
C ILE A 85 22.27 16.76 -4.59
N VAL A 86 22.84 16.28 -3.53
CA VAL A 86 23.93 15.31 -3.56
C VAL A 86 23.30 13.95 -3.27
N PHE A 87 23.46 13.01 -4.20
CA PHE A 87 22.86 11.71 -4.07
C PHE A 87 23.92 10.66 -3.87
N ASP A 88 23.74 9.85 -2.85
CA ASP A 88 24.63 8.76 -2.49
C ASP A 88 23.82 7.43 -2.56
N PRO A 89 24.01 6.68 -3.65
CA PRO A 89 23.25 5.45 -3.90
C PRO A 89 23.96 4.29 -3.21
N VAL A 90 23.96 4.34 -1.91
CA VAL A 90 24.69 3.36 -1.06
C VAL A 90 24.32 1.90 -1.30
N ALA A 91 25.31 1.10 -1.68
CA ALA A 91 25.08 -0.35 -1.95
C ALA A 91 24.08 -0.65 -3.00
N VAL A 92 23.93 0.23 -3.98
CA VAL A 92 22.95 0.04 -5.00
C VAL A 92 23.16 -1.26 -5.77
N GLY A 93 24.40 -1.67 -5.92
CA GLY A 93 24.68 -2.93 -6.63
C GLY A 93 24.37 -4.16 -5.79
N ALA A 94 24.05 -3.99 -4.52
CA ALA A 94 23.80 -5.14 -3.65
C ALA A 94 22.37 -5.68 -3.66
N SER A 95 21.39 -4.91 -4.13
CA SER A 95 20.08 -5.43 -4.27
C SER A 95 19.29 -4.82 -5.40
N THR A 96 18.40 -5.62 -5.92
CA THR A 96 17.47 -5.15 -6.91
C THR A 96 16.57 -4.06 -6.31
N TYR A 97 16.20 -4.20 -5.05
CA TYR A 97 15.40 -3.22 -4.38
C TYR A 97 16.08 -1.83 -4.46
N ARG A 98 17.36 -1.72 -4.11
CA ARG A 98 18.05 -0.42 -4.19
C ARG A 98 18.25 0.05 -5.64
N LYS A 99 18.57 -0.86 -6.52
CA LYS A 99 18.67 -0.56 -7.98
C LYS A 99 17.40 0.04 -8.54
N GLN A 100 16.30 -0.64 -8.31
CA GLN A 100 15.00 -0.18 -8.85
C GLN A 100 14.69 1.22 -8.22
N PHE A 101 14.96 1.38 -6.94
CA PHE A 101 14.67 2.68 -6.31
C PHE A 101 15.54 3.81 -6.88
N CYS A 102 16.85 3.56 -7.03
CA CYS A 102 17.73 4.60 -7.53
C CYS A 102 17.36 4.98 -8.97
N LYS A 103 16.97 4.00 -9.78
CA LYS A 103 16.46 4.27 -11.14
C LYS A 103 15.18 5.15 -11.08
N LEU A 104 14.24 4.81 -10.21
CA LEU A 104 13.05 5.61 -10.03
C LEU A 104 13.37 7.04 -9.61
N LEU A 105 14.26 7.20 -8.66
CA LEU A 105 14.65 8.51 -8.13
C LEU A 105 15.26 9.36 -9.24
N LEU A 106 16.22 8.78 -9.96
CA LEU A 106 16.93 9.54 -10.98
C LEU A 106 16.07 9.82 -12.23
N LYS A 107 14.95 9.10 -12.40
CA LYS A 107 13.97 9.44 -13.46
C LYS A 107 13.08 10.57 -12.93
N SER A 108 12.90 10.63 -11.63
CA SER A 108 11.90 11.52 -11.01
C SER A 108 12.47 12.91 -10.68
N ALA A 109 13.79 13.02 -10.53
CA ALA A 109 14.41 14.26 -10.06
C ALA A 109 15.79 14.43 -10.63
N LYS A 110 16.20 15.66 -10.82
CA LYS A 110 17.55 15.98 -11.27
C LYS A 110 18.42 16.15 -10.03
N VAL A 111 19.53 15.47 -9.93
CA VAL A 111 20.46 15.69 -8.83
C VAL A 111 21.64 16.48 -9.38
N SER A 112 22.40 17.07 -8.48
CA SER A 112 23.56 17.91 -8.84
C SER A 112 24.90 17.19 -8.74
N VAL A 113 24.99 16.15 -7.91
CA VAL A 113 26.19 15.34 -7.74
C VAL A 113 25.71 13.93 -7.39
N ILE A 114 26.23 12.94 -8.08
CA ILE A 114 26.07 11.56 -7.72
C ILE A 114 27.44 11.12 -7.19
N LYS A 115 27.48 10.59 -5.98
CA LYS A 115 28.73 10.19 -5.32
C LYS A 115 28.62 8.69 -4.88
N GLY A 116 29.60 7.91 -5.25
CA GLY A 116 29.64 6.54 -4.80
C GLY A 116 30.97 5.90 -5.09
N ASN A 117 31.13 4.65 -4.70
CA ASN A 117 32.32 3.90 -5.09
C ASN A 117 32.10 3.34 -6.50
N ALA A 118 33.12 2.73 -7.09
CA ALA A 118 33.06 2.34 -8.47
C ALA A 118 31.94 1.29 -8.71
N SER A 119 31.79 0.39 -7.76
CA SER A 119 30.83 -0.65 -7.88
C SER A 119 29.41 -0.06 -7.86
N GLU A 120 29.19 0.97 -7.06
CA GLU A 120 27.88 1.61 -6.96
C GLU A 120 27.55 2.35 -8.24
N ILE A 121 28.51 3.10 -8.77
CA ILE A 121 28.25 3.85 -10.00
C ILE A 121 28.13 2.97 -11.20
N LEU A 122 28.92 1.90 -11.23
CA LEU A 122 28.77 0.89 -12.25
C LEU A 122 27.37 0.28 -12.26
N ALA A 123 26.84 0.00 -11.08
CA ALA A 123 25.54 -0.61 -10.96
C ALA A 123 24.43 0.33 -11.44
N LEU A 124 24.63 1.62 -11.30
CA LEU A 124 23.68 2.57 -11.79
C LEU A 124 23.62 2.64 -13.29
N ILE A 125 24.77 2.44 -13.95
CA ILE A 125 24.80 2.56 -15.40
C ILE A 125 24.56 1.23 -16.13
N ASP A 126 24.57 0.16 -15.34
CA ASP A 126 23.78 -1.10 -15.59
C ASP A 126 24.20 -2.23 -14.62
N LEU A 140 37.04 -2.37 -15.73
CA LEU A 140 36.69 -0.99 -16.09
C LEU A 140 37.28 0.06 -15.09
N ASP A 141 37.92 1.04 -15.70
CA ASP A 141 38.59 2.14 -14.98
C ASP A 141 37.53 3.07 -14.32
N ALA A 142 37.83 3.61 -13.16
CA ALA A 142 36.89 4.53 -12.49
C ALA A 142 36.66 5.76 -13.33
N VAL A 143 37.69 6.20 -14.04
CA VAL A 143 37.48 7.35 -14.94
C VAL A 143 36.49 7.03 -16.06
N THR A 144 36.62 5.87 -16.66
CA THR A 144 35.68 5.47 -17.69
C THR A 144 34.28 5.33 -17.13
N ILE A 145 34.14 4.73 -15.95
CA ILE A 145 32.83 4.58 -15.33
C ILE A 145 32.21 5.93 -15.03
N ALA A 146 33.02 6.85 -14.49
CA ALA A 146 32.54 8.19 -14.20
C ALA A 146 32.09 8.93 -15.47
N LYS A 147 32.85 8.83 -16.56
CA LYS A 147 32.47 9.52 -17.78
C LYS A 147 31.18 8.94 -18.37
N LYS A 148 31.05 7.61 -18.37
CA LYS A 148 29.82 6.99 -18.84
C LYS A 148 28.64 7.45 -17.99
N ALA A 149 28.82 7.50 -16.67
CA ALA A 149 27.74 7.98 -15.80
C ALA A 149 27.41 9.44 -16.09
N TYR A 150 28.44 10.24 -16.32
CA TYR A 150 28.23 11.67 -16.68
C TYR A 150 27.43 11.80 -17.99
N ALA A 151 27.77 10.99 -18.98
CA ALA A 151 27.01 10.97 -20.25
C ALA A 151 25.54 10.58 -20.10
N ILE A 152 25.23 9.67 -19.18
CA ILE A 152 23.85 9.24 -18.94
C ILE A 152 23.04 10.24 -18.08
N TYR A 153 23.63 10.73 -16.99
CA TYR A 153 22.91 11.61 -16.08
C TYR A 153 23.14 13.10 -16.23
N LYS A 154 24.15 13.51 -16.99
CA LYS A 154 24.55 14.93 -17.14
C LYS A 154 24.53 15.63 -15.78
N THR A 155 25.26 15.03 -14.84
CA THR A 155 25.34 15.47 -13.47
C THR A 155 26.78 15.15 -13.02
N ALA A 156 27.33 15.96 -12.15
CA ALA A 156 28.70 15.72 -11.64
C ALA A 156 28.73 14.33 -11.04
N ILE A 157 29.80 13.60 -11.28
CA ILE A 157 29.99 12.31 -10.71
C ILE A 157 31.23 12.33 -9.89
N VAL A 158 31.17 11.81 -8.66
CA VAL A 158 32.33 11.63 -7.81
C VAL A 158 32.41 10.13 -7.51
N ILE A 159 33.52 9.52 -7.89
CA ILE A 159 33.75 8.11 -7.57
C ILE A 159 34.89 8.02 -6.56
N THR A 160 34.58 7.60 -5.36
CA THR A 160 35.57 7.42 -4.35
C THR A 160 36.25 6.08 -4.55
N GLY A 161 37.48 5.97 -4.07
CA GLY A 161 38.25 4.70 -4.23
C GLY A 161 39.66 4.96 -3.77
N LYS A 162 40.57 4.11 -4.16
CA LYS A 162 41.98 4.31 -3.77
C LYS A 162 42.43 5.71 -4.25
N GLU A 163 42.15 6.02 -5.51
CA GLU A 163 42.19 7.40 -6.02
C GLU A 163 40.73 7.83 -6.27
N ASP A 164 40.40 9.09 -5.99
CA ASP A 164 39.06 9.58 -6.24
C ASP A 164 38.98 10.21 -7.62
N VAL A 165 37.83 10.09 -8.27
CA VAL A 165 37.60 10.64 -9.55
C VAL A 165 36.41 11.54 -9.53
N ILE A 166 36.56 12.72 -10.15
CA ILE A 166 35.50 13.63 -10.28
C ILE A 166 35.35 14.01 -11.75
N VAL A 167 34.14 13.91 -12.27
CA VAL A 167 33.81 14.36 -13.59
C VAL A 167 32.73 15.40 -13.48
N GLN A 168 32.97 16.58 -14.06
CA GLN A 168 31.97 17.61 -14.08
C GLN A 168 32.23 18.47 -15.29
N GLY A 169 31.16 18.81 -16.01
CA GLY A 169 31.31 19.60 -17.25
C GLY A 169 32.30 18.96 -18.20
N ASP A 170 33.31 19.71 -18.59
CA ASP A 170 34.29 19.26 -19.57
C ASP A 170 35.56 18.68 -18.92
N LYS A 171 35.57 18.47 -17.61
CA LYS A 171 36.80 18.01 -16.93
C LYS A 171 36.63 16.71 -16.16
N ALA A 172 37.71 15.96 -16.10
CA ALA A 172 37.79 14.81 -15.26
C ALA A 172 39.10 14.94 -14.51
N ILE A 173 39.04 14.74 -13.21
CA ILE A 173 40.18 14.85 -12.35
C ILE A 173 40.34 13.65 -11.49
N VAL A 174 41.58 13.29 -11.18
CA VAL A 174 41.89 12.20 -10.23
C VAL A 174 42.62 12.78 -9.05
N LEU A 175 42.20 12.44 -7.84
CA LEU A 175 42.78 12.90 -6.59
C LEU A 175 43.31 11.75 -5.79
N ALA A 176 44.34 11.99 -4.98
CA ALA A 176 45.09 10.90 -4.34
C ALA A 176 45.48 11.19 -2.91
N ASN A 177 44.54 11.63 -2.10
CA ASN A 177 44.79 11.87 -0.68
C ASN A 177 43.97 10.94 0.19
N GLY A 178 44.32 10.86 1.45
CA GLY A 178 43.46 10.12 2.42
C GLY A 178 44.28 9.15 3.30
N SER A 179 43.59 8.31 4.06
CA SER A 179 44.22 7.32 4.95
C SER A 179 43.41 5.98 4.92
N PRO A 180 44.07 4.87 5.16
CA PRO A 180 43.41 3.58 5.22
C PRO A 180 42.50 3.47 6.44
N LEU A 181 42.81 4.20 7.53
CA LEU A 181 41.88 4.22 8.67
C LEU A 181 40.54 4.69 8.30
N LEU A 182 40.37 5.52 7.28
CA LEU A 182 39.02 5.93 6.86
C LEU A 182 38.08 4.81 6.52
N ALA A 183 38.59 3.78 5.89
CA ALA A 183 37.76 2.60 5.59
C ALA A 183 37.28 1.87 6.85
N ARG A 184 37.84 2.22 8.02
CA ARG A 184 37.56 1.40 9.18
C ARG A 184 36.73 2.21 10.13
N VAL A 185 36.20 3.29 9.64
CA VAL A 185 35.28 4.07 10.40
C VAL A 185 34.01 4.02 9.63
N THR A 186 32.90 3.65 10.30
CA THR A 186 31.63 3.55 9.51
C THR A 186 31.16 4.91 9.10
N GLY A 187 30.66 4.96 7.89
CA GLY A 187 30.09 6.15 7.39
C GLY A 187 31.09 7.21 6.94
N ALA A 188 32.36 6.83 6.68
CA ALA A 188 33.37 7.89 6.19
C ALA A 188 32.81 8.42 4.90
N GLY A 189 32.43 7.53 3.99
CA GLY A 189 32.12 8.04 2.64
C GLY A 189 30.72 8.62 2.71
N CYS A 190 29.93 8.17 3.72
CA CYS A 190 28.61 8.83 3.95
C CYS A 190 28.78 10.30 4.42
N LEU A 191 29.75 10.50 5.29
CA LEU A 191 30.08 11.83 5.74
C LEU A 191 30.66 12.63 4.55
N LEU A 192 31.42 12.01 3.72
CA LEU A 192 31.87 12.77 2.52
C LEU A 192 30.77 13.33 1.65
N GLY A 193 29.68 12.55 1.48
CA GLY A 193 28.50 13.06 0.78
C GLY A 193 27.97 14.34 1.39
N GLY A 194 27.91 14.33 2.69
CA GLY A 194 27.53 15.54 3.45
C GLY A 194 28.47 16.72 3.29
N ILE A 195 29.77 16.47 3.35
CA ILE A 195 30.78 17.50 3.18
C ILE A 195 30.58 18.09 1.79
N ILE A 196 30.44 17.26 0.74
CA ILE A 196 30.25 17.77 -0.62
C ILE A 196 29.00 18.69 -0.65
N ALA A 197 27.92 18.27 0.00
CA ALA A 197 26.72 19.13 0.04
C ALA A 197 27.05 20.46 0.69
N GLY A 198 27.92 20.43 1.67
CA GLY A 198 28.37 21.65 2.34
C GLY A 198 29.09 22.67 1.49
N PHE A 199 29.68 22.22 0.39
CA PHE A 199 30.49 23.02 -0.51
C PHE A 199 29.66 23.56 -1.65
N LEU A 200 28.36 23.27 -1.72
CA LEU A 200 27.61 23.63 -2.96
C LEU A 200 27.08 25.06 -3.06
N PHE A 201 26.73 25.63 -1.96
CA PHE A 201 26.25 27.00 -1.93
C PHE A 201 25.13 27.26 -2.87
N ARG A 202 24.21 26.34 -2.96
CA ARG A 202 23.02 26.46 -3.74
C ARG A 202 23.22 26.47 -5.21
N GLU A 203 24.36 26.01 -5.67
CA GLU A 203 24.65 25.91 -7.12
C GLU A 203 24.21 24.56 -7.62
N THR A 204 23.26 24.54 -8.52
CA THR A 204 22.74 23.30 -9.01
C THR A 204 23.65 22.66 -10.07
N GLU A 205 24.58 23.42 -10.61
CA GLU A 205 25.65 22.89 -11.46
C GLU A 205 27.04 23.29 -10.85
N PRO A 206 27.47 22.63 -9.82
CA PRO A 206 28.62 23.14 -9.07
C PRO A 206 29.92 23.13 -9.94
N ASP A 207 30.75 24.14 -9.69
CA ASP A 207 32.05 24.19 -10.25
C ASP A 207 32.83 23.00 -9.81
N ILE A 208 33.52 22.39 -10.76
CA ILE A 208 34.41 21.27 -10.36
C ILE A 208 35.37 21.64 -9.21
N GLU A 209 35.78 22.91 -9.14
CA GLU A 209 36.68 23.31 -8.05
C GLU A 209 36.08 23.16 -6.67
N ALA A 210 34.77 23.35 -6.54
CA ALA A 210 34.12 23.08 -5.21
C ALA A 210 34.12 21.63 -4.85
N LEU A 211 33.96 20.79 -5.86
CA LEU A 211 33.93 19.33 -5.59
C LEU A 211 35.36 18.84 -5.26
N ILE A 212 36.35 19.31 -6.01
CA ILE A 212 37.78 19.02 -5.72
C ILE A 212 38.13 19.44 -4.28
N GLU A 213 37.73 20.66 -3.90
CA GLU A 213 38.01 21.11 -2.57
C GLU A 213 37.33 20.29 -1.52
N ALA A 214 36.07 19.94 -1.72
CA ALA A 214 35.33 19.14 -0.78
C ALA A 214 36.05 17.77 -0.48
N VAL A 215 36.40 17.10 -1.57
CA VAL A 215 36.98 15.78 -1.49
C VAL A 215 38.41 15.90 -0.87
N SER A 216 39.13 16.95 -1.27
CA SER A 216 40.49 17.17 -0.81
C SER A 216 40.54 17.55 0.67
N VAL A 217 39.61 18.42 1.12
CA VAL A 217 39.53 18.78 2.47
C VAL A 217 39.31 17.52 3.33
N PHE A 218 38.39 16.70 2.90
CA PHE A 218 38.05 15.50 3.68
C PHE A 218 39.27 14.55 3.74
N ASN A 219 39.83 14.26 2.59
CA ASN A 219 40.92 13.33 2.54
C ASN A 219 42.23 13.80 3.13
N ILE A 220 42.50 15.08 3.01
CA ILE A 220 43.67 15.64 3.64
C ILE A 220 43.48 15.60 5.14
N ALA A 221 42.27 15.97 5.62
CA ALA A 221 42.06 15.91 7.07
C ALA A 221 42.29 14.48 7.61
N ALA A 222 41.86 13.54 6.85
CA ALA A 222 42.03 12.14 7.23
C ALA A 222 43.47 11.74 7.31
N GLU A 223 44.27 12.16 6.31
CA GLU A 223 45.65 11.91 6.28
C GLU A 223 46.33 12.49 7.48
N VAL A 224 46.01 13.75 7.79
CA VAL A 224 46.65 14.43 8.90
C VAL A 224 46.23 13.80 10.26
N ALA A 225 44.94 13.51 10.41
CA ALA A 225 44.44 12.88 11.67
C ALA A 225 45.19 11.52 11.93
N ALA A 226 45.36 10.73 10.88
CA ALA A 226 46.04 9.40 11.01
C ALA A 226 47.50 9.53 11.39
N GLU A 227 48.15 10.65 11.08
CA GLU A 227 49.52 10.92 11.52
C GLU A 227 49.65 11.51 12.88
N ASN A 228 48.54 11.87 13.50
CA ASN A 228 48.59 12.45 14.80
C ASN A 228 49.11 11.44 15.79
N GLU A 229 49.94 11.88 16.72
CA GLU A 229 50.59 10.93 17.61
C GLU A 229 49.55 10.23 18.52
N ASN A 230 48.38 10.84 18.71
CA ASN A 230 47.35 10.25 19.58
C ASN A 230 46.35 9.38 18.82
N CYS A 231 46.62 9.13 17.54
CA CYS A 231 45.78 8.27 16.79
C CYS A 231 46.23 6.87 17.05
N GLY A 232 45.47 6.06 17.78
CA GLY A 232 45.90 4.72 18.15
C GLY A 232 45.07 3.63 17.39
N GLY A 233 44.23 4.00 16.49
CA GLY A 233 43.37 3.11 15.73
C GLY A 233 42.09 3.71 15.28
N PRO A 234 41.14 2.94 14.78
CA PRO A 234 39.97 3.53 14.17
C PRO A 234 39.02 4.21 15.17
N GLY A 235 39.10 3.83 16.43
CA GLY A 235 38.29 4.46 17.49
C GLY A 235 38.81 5.87 17.79
N THR A 236 40.08 6.04 17.97
CA THR A 236 40.66 7.36 18.29
C THR A 236 40.76 8.21 17.05
N PHE A 237 40.78 7.55 15.87
CA PHE A 237 40.88 8.32 14.64
C PHE A 237 39.69 9.24 14.43
N SER A 238 38.49 8.76 14.73
CA SER A 238 37.32 9.47 14.37
C SER A 238 37.24 10.87 15.09
N PRO A 239 37.39 10.91 16.37
CA PRO A 239 37.50 12.25 17.04
C PRO A 239 38.64 13.13 16.49
N LEU A 240 39.77 12.53 16.14
CA LEU A 240 40.83 13.28 15.53
C LEU A 240 40.52 13.82 14.18
N LEU A 241 39.82 13.07 13.36
CA LEU A 241 39.39 13.50 12.08
C LEU A 241 38.52 14.75 12.20
N LEU A 242 37.57 14.70 13.15
CA LEU A 242 36.76 15.92 13.39
C LEU A 242 37.62 17.09 13.86
N ASP A 243 38.58 16.92 14.78
CA ASP A 243 39.46 17.97 15.18
C ASP A 243 40.19 18.55 13.96
N THR A 244 40.67 17.65 13.09
CA THR A 244 41.49 18.06 11.98
C THR A 244 40.68 18.81 10.93
N LEU A 245 39.43 18.40 10.66
CA LEU A 245 38.54 19.12 9.83
C LEU A 245 38.31 20.54 10.43
N TYR A 246 38.15 20.59 11.74
CA TYR A 246 37.93 21.86 12.36
C TYR A 246 39.11 22.82 12.25
N HIS A 247 40.35 22.35 12.35
CA HIS A 247 41.50 23.15 12.34
C HIS A 247 42.13 23.31 10.95
N LEU A 248 41.67 22.60 9.93
CA LEU A 248 42.45 22.54 8.71
C LEU A 248 42.68 23.95 8.17
N ASN A 249 43.93 24.22 7.83
CA ASN A 249 44.28 25.57 7.30
C ASN A 249 44.80 25.50 5.88
N GLU A 250 44.96 26.66 5.26
CA GLU A 250 45.35 26.70 3.89
C GLU A 250 46.74 26.16 3.68
N THR A 251 47.66 26.38 4.59
CA THR A 251 49.01 25.91 4.39
C THR A 251 49.04 24.39 4.27
N THR A 252 48.34 23.77 5.16
CA THR A 252 48.30 22.29 5.19
C THR A 252 47.62 21.81 3.94
N TYR A 253 46.50 22.41 3.54
CA TYR A 253 45.77 22.02 2.39
C TYR A 253 46.66 22.08 1.14
N GLN A 254 47.30 23.21 0.95
CA GLN A 254 48.15 23.38 -0.24
C GLN A 254 49.39 22.47 -0.25
N GLN A 255 50.04 22.27 0.89
CA GLN A 255 51.20 21.36 0.96
C GLN A 255 50.79 19.91 0.65
N ARG A 256 49.60 19.50 1.04
CA ARG A 256 49.25 18.06 0.97
C ARG A 256 48.47 17.66 -0.23
N ILE A 257 47.80 18.58 -0.89
CA ILE A 257 46.88 18.18 -1.92
C ILE A 257 47.62 17.45 -3.06
N ARG A 258 47.07 16.35 -3.53
CA ARG A 258 47.71 15.58 -4.63
C ARG A 258 46.66 15.36 -5.70
N ILE A 259 46.68 16.20 -6.69
CA ILE A 259 45.67 16.17 -7.75
C ILE A 259 46.45 15.64 -8.92
N GLN A 260 46.14 14.41 -9.35
CA GLN A 260 47.10 13.50 -10.04
C GLN A 260 46.99 13.52 -11.57
N GLU A 261 45.80 13.80 -12.07
CA GLU A 261 45.62 14.02 -13.51
C GLU A 261 44.41 14.87 -13.66
N VAL A 262 44.35 15.57 -14.79
CA VAL A 262 43.24 16.44 -15.19
C VAL A 262 43.02 16.29 -16.70
N GLU A 263 41.78 16.05 -17.13
CA GLU A 263 41.47 15.76 -18.54
C GLU A 263 40.38 16.72 -18.96
N GLU A 264 40.61 17.58 -19.98
CA GLU A 264 39.56 18.49 -20.50
C GLU A 264 38.96 17.96 -21.81
N ASN A 265 37.64 17.81 -21.87
CA ASN A 265 36.95 17.30 -23.08
C ASN A 265 36.75 18.46 -24.06
N MET B 1 42.56 -17.34 19.75
CA MET B 1 42.33 -16.34 18.67
C MET B 1 42.06 -16.90 17.23
N ASN B 2 41.70 -18.16 17.10
CA ASN B 2 41.43 -18.70 15.80
C ASN B 2 40.38 -17.97 14.98
N TYR B 3 39.21 -17.76 15.57
CA TYR B 3 38.13 -17.18 14.82
C TYR B 3 38.39 -15.73 14.50
N LEU B 4 38.99 -15.00 15.41
CA LEU B 4 39.23 -13.56 15.13
C LEU B 4 40.14 -13.36 13.96
N ASN B 5 41.16 -14.20 13.85
CA ASN B 5 42.03 -14.16 12.66
C ASN B 5 41.27 -14.32 11.36
N ASN B 6 40.32 -15.24 11.37
CA ASN B 6 39.44 -15.48 10.23
C ASN B 6 38.48 -14.37 9.95
N ILE B 7 37.99 -13.71 11.01
CA ILE B 7 37.21 -12.51 10.75
C ILE B 7 38.03 -11.45 10.01
N ARG B 8 39.23 -11.21 10.49
CA ARG B 8 40.09 -10.14 9.91
C ARG B 8 40.45 -10.39 8.46
N ILE B 9 40.54 -11.63 8.07
CA ILE B 9 40.93 -12.05 6.70
C ILE B 9 39.74 -12.16 5.74
N GLU B 10 38.66 -12.73 6.23
CA GLU B 10 37.49 -12.97 5.42
C GLU B 10 36.49 -11.82 5.41
N ASN B 11 36.53 -10.96 6.42
CA ASN B 11 35.60 -9.83 6.48
C ASN B 11 34.14 -10.21 6.30
N PRO B 12 33.60 -11.06 7.18
CA PRO B 12 32.25 -11.62 7.06
C PRO B 12 31.12 -10.54 7.06
N LEU B 13 30.32 -10.57 6.02
CA LEU B 13 29.10 -9.73 5.96
C LEU B 13 28.14 -10.08 7.08
N THR B 14 27.93 -9.12 7.99
CA THR B 14 27.21 -9.34 9.19
C THR B 14 26.01 -8.36 9.15
N ILE B 15 24.83 -8.90 8.99
CA ILE B 15 23.61 -8.08 8.89
C ILE B 15 23.15 -7.75 10.26
N CYS B 16 22.85 -6.45 10.54
CA CYS B 16 22.40 -6.10 11.90
C CYS B 16 21.07 -5.32 11.80
N TYR B 17 20.05 -5.90 12.40
CA TYR B 17 18.72 -5.27 12.56
C TYR B 17 18.77 -4.93 14.00
N THR B 18 19.16 -3.69 14.30
CA THR B 18 19.32 -3.30 15.67
C THR B 18 18.70 -1.98 16.00
N ASN B 19 18.95 -1.50 17.21
CA ASN B 19 18.19 -0.42 17.70
C ASN B 19 18.89 0.87 17.35
N ASP B 20 18.11 1.91 17.36
CA ASP B 20 18.53 3.17 16.91
C ASP B 20 19.55 3.89 17.85
N VAL B 21 19.72 3.44 19.06
CA VAL B 21 20.68 4.06 19.94
C VAL B 21 22.10 3.58 19.65
N VAL B 22 22.21 2.41 19.02
CA VAL B 22 23.53 1.72 18.98
C VAL B 22 23.97 1.35 17.61
N LYS B 23 23.32 1.82 16.58
CA LYS B 23 23.64 1.37 15.20
C LYS B 23 25.06 1.79 14.82
N ASN B 24 25.43 3.02 15.11
CA ASN B 24 26.77 3.48 14.78
C ASN B 24 27.86 2.76 15.54
N PHE B 25 27.67 2.57 16.85
CA PHE B 25 28.63 1.94 17.66
C PHE B 25 28.75 0.48 17.26
N THR B 26 27.65 -0.15 16.93
CA THR B 26 27.70 -1.55 16.55
C THR B 26 28.48 -1.69 15.24
N ALA B 27 28.19 -0.85 14.30
CA ALA B 27 28.85 -0.92 12.99
C ALA B 27 30.37 -0.68 13.20
N ASN B 28 30.74 0.34 13.95
CA ASN B 28 32.14 0.57 14.27
C ASN B 28 32.86 -0.52 15.04
N GLY B 29 32.21 -1.18 15.98
CA GLY B 29 32.81 -2.35 16.65
C GLY B 29 32.99 -3.55 15.77
N LEU B 30 32.07 -3.76 14.87
CA LEU B 30 32.21 -4.79 13.85
C LEU B 30 33.28 -4.46 12.85
N LEU B 31 33.33 -3.24 12.36
CA LEU B 31 34.45 -2.83 11.52
C LEU B 31 35.84 -2.96 12.22
N SER B 32 35.94 -2.66 13.50
CA SER B 32 37.15 -2.75 14.23
C SER B 32 37.75 -4.19 14.34
N ILE B 33 36.90 -5.23 14.38
CA ILE B 33 37.39 -6.57 14.43
C ILE B 33 37.53 -7.15 13.00
N GLY B 34 37.19 -6.40 11.97
CA GLY B 34 37.36 -6.80 10.59
C GLY B 34 36.13 -7.29 9.86
N ALA B 35 34.97 -7.32 10.55
CA ALA B 35 33.76 -7.73 9.90
C ALA B 35 33.25 -6.66 9.01
N SER B 36 32.30 -6.99 8.19
CA SER B 36 31.67 -6.06 7.27
C SER B 36 30.20 -5.90 7.74
N PRO B 37 29.95 -4.88 8.54
CA PRO B 37 28.55 -4.72 8.97
C PRO B 37 27.65 -4.17 7.88
N ALA B 38 26.38 -4.55 7.86
CA ALA B 38 25.38 -3.98 7.03
C ALA B 38 24.04 -3.84 7.80
N MET B 39 23.62 -2.60 8.04
CA MET B 39 22.38 -2.40 8.84
C MET B 39 21.19 -2.34 7.90
N SER B 40 20.83 -3.44 7.29
CA SER B 40 19.74 -3.52 6.34
C SER B 40 18.50 -3.90 7.14
N GLU B 41 17.43 -3.16 6.95
CA GLU B 41 16.14 -3.41 7.62
C GLU B 41 14.97 -3.65 6.69
N ALA B 42 15.19 -3.53 5.38
CA ALA B 42 14.12 -3.69 4.42
C ALA B 42 13.92 -5.20 4.14
N PRO B 43 12.71 -5.74 4.43
CA PRO B 43 12.46 -7.10 4.01
C PRO B 43 12.64 -7.32 2.52
N GLU B 44 12.43 -6.29 1.73
CA GLU B 44 12.56 -6.37 0.28
C GLU B 44 13.98 -6.75 -0.24
N GLU B 45 14.99 -6.56 0.51
CA GLU B 45 16.35 -6.93 0.11
C GLU B 45 16.94 -8.01 0.94
N ALA B 46 16.16 -8.58 1.88
CA ALA B 46 16.69 -9.57 2.79
C ALA B 46 17.13 -10.85 2.07
N GLU B 47 16.34 -11.30 1.16
CA GLU B 47 16.66 -12.53 0.44
C GLU B 47 18.02 -12.42 -0.33
N GLU B 48 18.23 -11.32 -1.02
CA GLU B 48 19.53 -11.07 -1.70
C GLU B 48 20.69 -10.91 -0.76
N PHE B 49 20.56 -10.11 0.30
CA PHE B 49 21.60 -9.91 1.22
C PHE B 49 21.95 -11.18 1.98
N TYR B 50 20.96 -11.95 2.37
CA TYR B 50 21.15 -13.05 3.31
C TYR B 50 21.86 -14.20 2.63
N LYS B 51 21.67 -14.29 1.32
CA LYS B 51 22.33 -15.35 0.53
C LYS B 51 23.85 -15.23 0.67
N VAL B 52 24.35 -14.02 0.75
CA VAL B 52 25.78 -13.80 0.88
C VAL B 52 26.29 -13.40 2.31
N ALA B 53 25.40 -13.25 3.29
CA ALA B 53 25.77 -12.89 4.59
C ALA B 53 26.21 -14.09 5.43
N GLN B 54 26.97 -13.80 6.47
CA GLN B 54 27.39 -14.83 7.45
C GLN B 54 26.57 -14.95 8.70
N ALA B 55 25.83 -13.88 9.07
CA ALA B 55 24.98 -13.91 10.23
C ALA B 55 24.03 -12.71 10.16
N LEU B 56 22.98 -12.84 10.94
CA LEU B 56 22.02 -11.76 11.23
C LEU B 56 21.91 -11.55 12.70
N LEU B 57 22.04 -10.26 13.13
CA LEU B 57 21.73 -9.87 14.46
C LEU B 57 20.31 -9.22 14.44
N ILE B 58 19.49 -9.68 15.35
CA ILE B 58 18.15 -9.10 15.62
C ILE B 58 18.19 -8.61 17.06
N ASN B 59 18.11 -7.29 17.22
CA ASN B 59 18.12 -6.65 18.56
C ASN B 59 16.87 -5.76 18.69
N ILE B 60 16.05 -5.99 19.72
CA ILE B 60 14.73 -5.32 19.81
C ILE B 60 14.75 -4.12 20.75
N GLY B 61 15.93 -3.56 20.97
CA GLY B 61 16.03 -2.41 21.81
C GLY B 61 15.05 -1.30 21.58
N THR B 62 14.75 -0.94 20.36
CA THR B 62 13.76 0.14 20.26
C THR B 62 12.57 -0.35 19.48
N LEU B 63 12.05 -1.53 19.88
CA LEU B 63 10.91 -2.09 19.24
C LEU B 63 9.73 -1.17 19.18
N THR B 64 9.13 -1.05 18.01
CA THR B 64 7.86 -0.36 17.83
C THR B 64 7.01 -1.08 16.80
N ALA B 65 5.76 -0.67 16.64
CA ALA B 65 4.83 -1.25 15.69
C ALA B 65 5.32 -1.22 14.22
N GLN B 66 6.10 -0.22 13.86
CA GLN B 66 6.81 -0.17 12.56
C GLN B 66 7.78 -1.35 12.29
N ASN B 67 8.33 -1.95 13.33
CA ASN B 67 9.33 -2.98 13.21
C ASN B 67 8.73 -4.41 13.30
N GLU B 68 7.60 -4.61 13.97
CA GLU B 68 7.26 -5.95 14.46
C GLU B 68 7.12 -6.95 13.32
N GLN B 69 6.29 -6.62 12.34
CA GLN B 69 6.06 -7.59 11.23
C GLN B 69 7.37 -7.72 10.42
N ASP B 70 8.12 -6.66 10.25
CA ASP B 70 9.36 -6.74 9.49
C ASP B 70 10.36 -7.68 10.14
N ILE B 71 10.50 -7.62 11.46
CA ILE B 71 11.43 -8.50 12.16
C ILE B 71 11.01 -9.95 12.00
N ILE B 72 9.73 -10.22 12.14
CA ILE B 72 9.26 -11.58 11.95
C ILE B 72 9.58 -12.02 10.50
N ALA B 73 9.28 -11.20 9.54
CA ALA B 73 9.52 -11.56 8.14
C ALA B 73 10.99 -11.81 7.87
N ILE B 74 11.87 -10.97 8.35
CA ILE B 74 13.31 -11.19 8.07
C ILE B 74 13.86 -12.40 8.81
N ALA B 75 13.35 -12.70 10.02
CA ALA B 75 13.80 -13.87 10.72
C ALA B 75 13.41 -15.17 9.93
N GLN B 76 12.25 -15.18 9.33
CA GLN B 76 11.81 -16.26 8.51
C GLN B 76 12.67 -16.31 7.25
N THR B 77 13.02 -15.16 6.70
CA THR B 77 13.86 -15.16 5.48
C THR B 77 15.23 -15.74 5.83
N ALA B 78 15.74 -15.41 7.02
CA ALA B 78 17.00 -15.91 7.50
C ALA B 78 16.99 -17.43 7.65
N ASN B 79 15.97 -17.97 8.33
CA ASN B 79 15.80 -19.42 8.42
C ASN B 79 15.80 -20.08 7.07
N GLU B 80 15.05 -19.54 6.13
CA GLU B 80 14.99 -20.11 4.79
C GLU B 80 16.37 -20.07 4.06
N ALA B 81 17.14 -19.06 4.34
CA ALA B 81 18.46 -18.87 3.73
C ALA B 81 19.56 -19.66 4.43
N GLY B 82 19.27 -20.26 5.58
CA GLY B 82 20.30 -20.84 6.40
C GLY B 82 21.20 -19.88 7.13
N LEU B 83 20.76 -18.64 7.28
CA LEU B 83 21.56 -17.58 7.90
C LEU B 83 21.33 -17.60 9.38
N PRO B 84 22.37 -17.80 10.21
CA PRO B 84 22.13 -17.85 11.60
C PRO B 84 21.79 -16.52 12.25
N ILE B 85 20.90 -16.60 13.20
CA ILE B 85 20.41 -15.40 13.88
C ILE B 85 20.94 -15.35 15.28
N VAL B 86 21.42 -14.17 15.66
CA VAL B 86 21.68 -13.86 17.01
C VAL B 86 20.54 -12.92 17.48
N PHE B 87 19.87 -13.30 18.54
CA PHE B 87 18.71 -12.56 19.07
C PHE B 87 19.03 -11.97 20.42
N ASP B 88 18.82 -10.65 20.54
CA ASP B 88 19.02 -9.92 21.78
C ASP B 88 17.66 -9.35 22.23
N PRO B 89 17.03 -9.97 23.19
CA PRO B 89 15.66 -9.58 23.68
C PRO B 89 15.74 -8.47 24.69
N VAL B 90 16.31 -7.34 24.24
CA VAL B 90 16.60 -6.23 25.12
C VAL B 90 15.40 -5.77 25.96
N ALA B 91 15.61 -5.70 27.30
CA ALA B 91 14.57 -5.22 28.22
C ALA B 91 13.26 -6.00 28.14
N VAL B 92 13.30 -7.27 27.74
CA VAL B 92 12.13 -8.01 27.62
C VAL B 92 11.31 -8.12 28.90
N GLY B 93 11.98 -8.13 30.03
CA GLY B 93 11.27 -8.20 31.29
C GLY B 93 10.63 -6.87 31.69
N ALA B 94 10.87 -5.81 30.95
CA ALA B 94 10.34 -4.49 31.35
C ALA B 94 8.92 -4.25 30.81
N SER B 95 8.43 -4.97 29.79
CA SER B 95 7.09 -4.79 29.34
C SER B 95 6.44 -6.03 28.76
N THR B 96 5.14 -6.09 28.91
CA THR B 96 4.38 -7.15 28.29
C THR B 96 4.47 -7.06 26.77
N TYR B 97 4.54 -5.83 26.25
CA TYR B 97 4.72 -5.63 24.83
C TYR B 97 5.95 -6.39 24.35
N ARG B 98 7.11 -6.19 25.00
CA ARG B 98 8.32 -6.88 24.55
C ARG B 98 8.25 -8.38 24.80
N LYS B 99 7.73 -8.78 25.92
CA LYS B 99 7.52 -10.23 26.23
C LYS B 99 6.70 -10.92 25.19
N GLN B 100 5.56 -10.35 24.85
CA GLN B 100 4.71 -10.95 23.87
C GLN B 100 5.45 -11.01 22.54
N PHE B 101 6.18 -9.96 22.17
CA PHE B 101 6.86 -10.01 20.88
C PHE B 101 7.98 -11.06 20.83
N CYS B 102 8.75 -11.16 21.87
CA CYS B 102 9.85 -12.12 21.86
C CYS B 102 9.31 -13.56 21.86
N LYS B 103 8.22 -13.82 22.56
CA LYS B 103 7.51 -15.12 22.46
C LYS B 103 7.06 -15.40 21.01
N LEU B 104 6.43 -14.44 20.39
CA LEU B 104 6.04 -14.60 19.03
C LEU B 104 7.26 -14.90 18.10
N LEU B 105 8.34 -14.18 18.25
CA LEU B 105 9.52 -14.32 17.41
C LEU B 105 10.10 -15.71 17.57
N LEU B 106 10.22 -16.15 18.82
CA LEU B 106 10.78 -17.46 19.08
C LEU B 106 9.86 -18.65 18.78
N LYS B 107 8.54 -18.42 18.56
CA LYS B 107 7.64 -19.40 18.00
C LYS B 107 7.61 -19.32 16.46
N SER B 108 8.20 -18.32 15.88
CA SER B 108 8.12 -18.11 14.45
C SER B 108 9.41 -18.48 13.75
N ALA B 109 10.51 -18.54 14.49
CA ALA B 109 11.78 -18.73 13.86
C ALA B 109 12.70 -19.42 14.80
N LYS B 110 13.64 -20.17 14.22
CA LYS B 110 14.75 -20.76 14.98
C LYS B 110 15.95 -19.79 14.99
N VAL B 111 16.41 -19.44 16.18
CA VAL B 111 17.55 -18.63 16.30
C VAL B 111 18.75 -19.42 16.70
N SER B 112 19.95 -18.85 16.51
CA SER B 112 21.17 -19.59 16.76
C SER B 112 21.86 -19.27 18.00
N VAL B 113 21.69 -18.03 18.51
CA VAL B 113 22.23 -17.62 19.79
C VAL B 113 21.21 -16.63 20.40
N ILE B 114 20.89 -16.82 21.66
CA ILE B 114 20.05 -15.88 22.40
C ILE B 114 20.97 -15.31 23.41
N LYS B 115 21.11 -13.98 23.39
CA LYS B 115 22.02 -13.29 24.29
C LYS B 115 21.25 -12.24 25.13
N GLY B 116 21.48 -12.22 26.41
CA GLY B 116 20.86 -11.16 27.26
C GLY B 116 21.48 -11.18 28.61
N ASN B 117 21.05 -10.24 29.49
CA ASN B 117 21.41 -10.34 30.85
C ASN B 117 20.49 -11.33 31.59
N ALA B 118 20.77 -11.62 32.86
CA ALA B 118 20.07 -12.63 33.60
C ALA B 118 18.56 -12.33 33.73
N SER B 119 18.26 -11.06 33.93
CA SER B 119 16.91 -10.67 34.07
C SER B 119 16.14 -10.79 32.76
N GLU B 120 16.76 -10.49 31.63
CA GLU B 120 16.15 -10.66 30.30
C GLU B 120 15.89 -12.15 29.98
N ILE B 121 16.91 -13.00 30.18
CA ILE B 121 16.69 -14.42 29.91
C ILE B 121 15.68 -15.03 30.85
N LEU B 122 15.73 -14.66 32.14
CA LEU B 122 14.75 -15.12 33.10
C LEU B 122 13.31 -14.78 32.67
N ALA B 123 13.12 -13.56 32.18
CA ALA B 123 11.83 -13.10 31.74
C ALA B 123 11.34 -13.87 30.53
N LEU B 124 12.23 -14.27 29.64
CA LEU B 124 11.86 -15.13 28.55
C LEU B 124 11.31 -16.47 29.00
N ILE B 125 11.96 -17.07 29.97
CA ILE B 125 11.60 -18.47 30.35
C ILE B 125 10.42 -18.46 31.30
N ASP B 126 10.28 -17.34 32.02
CA ASP B 126 9.27 -16.87 32.94
C ASP B 126 9.85 -16.64 34.28
N LEU B 140 17.65 -18.72 39.72
CA LEU B 140 18.35 -17.64 40.44
C LEU B 140 19.81 -17.46 39.97
N ASP B 141 20.63 -18.51 39.92
CA ASP B 141 22.03 -18.43 39.35
C ASP B 141 21.96 -18.24 37.83
N ALA B 142 22.85 -17.42 37.25
CA ALA B 142 22.88 -17.28 35.81
C ALA B 142 23.08 -18.66 35.10
N VAL B 143 23.88 -19.53 35.67
CA VAL B 143 24.13 -20.80 35.03
C VAL B 143 22.83 -21.57 34.96
N THR B 144 22.08 -21.59 36.07
CA THR B 144 20.82 -22.32 36.09
C THR B 144 19.89 -21.71 35.07
N ILE B 145 19.84 -20.37 35.01
CA ILE B 145 18.90 -19.73 34.13
C ILE B 145 19.28 -20.11 32.68
N ALA B 146 20.57 -20.03 32.37
CA ALA B 146 21.07 -20.36 31.00
C ALA B 146 20.72 -21.79 30.63
N LYS B 147 20.93 -22.73 31.56
CA LYS B 147 20.59 -24.15 31.29
C LYS B 147 19.08 -24.37 31.10
N LYS B 148 18.25 -23.73 31.93
CA LYS B 148 16.79 -23.78 31.66
C LYS B 148 16.39 -23.22 30.35
N ALA B 149 16.98 -22.07 29.97
CA ALA B 149 16.67 -21.53 28.66
C ALA B 149 17.13 -22.41 27.51
N TYR B 150 18.31 -22.97 27.66
CA TYR B 150 18.83 -23.87 26.61
C TYR B 150 17.82 -25.06 26.51
N ALA B 151 17.34 -25.57 27.62
CA ALA B 151 16.41 -26.76 27.56
C ALA B 151 15.13 -26.36 26.83
N ILE B 152 14.70 -25.10 26.95
CA ILE B 152 13.49 -24.66 26.27
C ILE B 152 13.70 -24.44 24.78
N TYR B 153 14.73 -23.67 24.42
CA TYR B 153 14.90 -23.24 23.06
C TYR B 153 15.86 -24.08 22.21
N LYS B 154 16.62 -24.96 22.86
CA LYS B 154 17.65 -25.79 22.19
C LYS B 154 18.52 -24.95 21.26
N THR B 155 18.97 -23.82 21.81
CA THR B 155 19.70 -22.77 21.12
C THR B 155 20.73 -22.24 22.08
N ALA B 156 21.91 -21.93 21.61
CA ALA B 156 22.98 -21.42 22.48
C ALA B 156 22.48 -20.23 23.25
N ILE B 157 22.85 -20.18 24.53
CA ILE B 157 22.43 -19.06 25.39
C ILE B 157 23.68 -18.40 25.85
N VAL B 158 23.72 -17.08 25.79
CA VAL B 158 24.78 -16.31 26.39
C VAL B 158 24.18 -15.32 27.39
N ILE B 159 24.53 -15.43 28.65
CA ILE B 159 24.04 -14.50 29.66
C ILE B 159 25.22 -13.62 30.08
N THR B 160 25.11 -12.33 29.81
CA THR B 160 26.11 -11.41 30.24
C THR B 160 25.80 -10.96 31.68
N GLY B 161 26.83 -10.60 32.43
CA GLY B 161 26.68 -10.21 33.83
C GLY B 161 28.05 -9.97 34.43
N LYS B 162 28.16 -10.01 35.75
CA LYS B 162 29.46 -9.86 36.43
C LYS B 162 30.45 -10.89 35.88
N GLU B 163 30.01 -12.14 35.87
CA GLU B 163 30.62 -13.19 35.06
C GLU B 163 29.64 -13.53 33.91
N ASP B 164 30.16 -13.85 32.73
CA ASP B 164 29.34 -14.28 31.62
C ASP B 164 29.17 -15.79 31.62
N VAL B 165 28.04 -16.27 31.16
CA VAL B 165 27.75 -17.68 31.03
C VAL B 165 27.39 -17.98 29.60
N ILE B 166 27.97 -19.07 29.06
CA ILE B 166 27.59 -19.57 27.78
C ILE B 166 27.22 -21.05 27.92
N VAL B 167 26.06 -21.40 27.39
CA VAL B 167 25.59 -22.78 27.34
C VAL B 167 25.28 -23.13 25.91
N GLN B 168 25.93 -24.19 25.44
CA GLN B 168 25.72 -24.67 24.10
C GLN B 168 25.87 -26.18 24.20
N GLY B 169 24.88 -26.88 23.65
CA GLY B 169 24.85 -28.33 23.73
C GLY B 169 24.93 -28.76 25.18
N ASP B 170 25.92 -29.60 25.47
CA ASP B 170 26.07 -30.18 26.79
C ASP B 170 27.13 -29.46 27.62
N LYS B 171 27.64 -28.31 27.15
CA LYS B 171 28.65 -27.60 27.90
C LYS B 171 28.10 -26.29 28.41
N ALA B 172 28.58 -25.92 29.59
CA ALA B 172 28.33 -24.61 30.13
C ALA B 172 29.66 -24.07 30.61
N ILE B 173 29.93 -22.81 30.36
CA ILE B 173 31.16 -22.20 30.69
C ILE B 173 30.89 -20.85 31.35
N VAL B 174 31.74 -20.48 32.31
CA VAL B 174 31.67 -19.15 32.95
C VAL B 174 32.94 -18.37 32.61
N LEU B 175 32.82 -17.15 32.14
CA LEU B 175 33.93 -16.31 31.79
C LEU B 175 33.95 -15.09 32.71
N ALA B 176 35.15 -14.57 33.01
CA ALA B 176 35.32 -13.54 34.02
C ALA B 176 36.27 -12.45 33.57
N ASN B 177 36.05 -11.93 32.39
CA ASN B 177 36.83 -10.79 31.92
C ASN B 177 35.94 -9.54 31.83
N GLY B 178 36.56 -8.38 31.70
CA GLY B 178 35.81 -7.18 31.29
C GLY B 178 36.15 -6.03 32.21
N SER B 179 35.31 -4.99 32.15
CA SER B 179 35.53 -3.74 32.90
C SER B 179 34.13 -3.20 33.27
N PRO B 180 34.00 -2.63 34.46
CA PRO B 180 32.81 -1.87 34.84
C PRO B 180 32.53 -0.72 33.88
N LEU B 181 33.55 -0.16 33.22
CA LEU B 181 33.27 0.93 32.23
C LEU B 181 32.37 0.52 31.17
N LEU B 182 32.31 -0.78 30.85
CA LEU B 182 31.45 -1.18 29.80
C LEU B 182 29.98 -0.94 30.03
N ALA B 183 29.54 -0.97 31.25
CA ALA B 183 28.15 -0.62 31.52
C ALA B 183 27.88 0.89 31.31
N ARG B 184 28.93 1.68 31.12
CA ARG B 184 28.75 3.16 31.11
C ARG B 184 28.91 3.66 29.73
N VAL B 185 28.96 2.75 28.80
CA VAL B 185 28.96 3.07 27.42
C VAL B 185 27.72 2.47 26.80
N THR B 186 26.86 3.27 26.22
CA THR B 186 25.57 2.75 25.82
C THR B 186 25.76 1.75 24.71
N GLY B 187 24.97 0.70 24.78
CA GLY B 187 25.03 -0.30 23.78
C GLY B 187 26.25 -1.20 23.78
N ALA B 188 26.98 -1.28 24.88
CA ALA B 188 28.11 -2.25 24.99
C ALA B 188 27.55 -3.60 24.70
N GLY B 189 26.48 -4.00 25.40
CA GLY B 189 26.05 -5.39 25.27
C GLY B 189 25.42 -5.55 23.94
N CYS B 190 24.87 -4.44 23.41
CA CYS B 190 24.26 -4.44 22.08
C CYS B 190 25.34 -4.70 21.01
N LEU B 191 26.51 -4.09 21.19
CA LEU B 191 27.66 -4.35 20.32
C LEU B 191 28.10 -5.80 20.52
N LEU B 192 28.07 -6.33 21.72
CA LEU B 192 28.47 -7.71 21.90
C LEU B 192 27.65 -8.64 21.05
N GLY B 193 26.35 -8.37 20.94
CA GLY B 193 25.46 -9.17 20.08
C GLY B 193 25.90 -9.19 18.66
N GLY B 194 26.33 -8.06 18.19
CA GLY B 194 26.89 -7.93 16.87
C GLY B 194 28.28 -8.59 16.70
N ILE B 195 29.09 -8.57 17.71
CA ILE B 195 30.39 -9.25 17.69
C ILE B 195 30.16 -10.76 17.64
N ILE B 196 29.28 -11.28 18.48
CA ILE B 196 28.90 -12.68 18.39
C ILE B 196 28.43 -13.04 16.96
N ALA B 197 27.55 -12.25 16.35
CA ALA B 197 27.13 -12.55 15.00
C ALA B 197 28.35 -12.61 14.05
N GLY B 198 29.31 -11.74 14.27
CA GLY B 198 30.57 -11.74 13.51
C GLY B 198 31.42 -13.01 13.58
N PHE B 199 31.24 -13.81 14.63
CA PHE B 199 32.04 -15.01 14.89
C PHE B 199 31.29 -16.22 14.38
N LEU B 200 30.09 -16.09 13.76
CA LEU B 200 29.30 -17.33 13.40
C LEU B 200 29.69 -18.00 12.11
N PHE B 201 30.12 -17.24 11.12
CA PHE B 201 30.48 -17.83 9.83
C PHE B 201 29.44 -18.78 9.27
N ARG B 202 28.20 -18.38 9.33
CA ARG B 202 27.09 -19.07 8.77
C ARG B 202 26.80 -20.39 9.41
N GLU B 203 27.27 -20.61 10.62
CA GLU B 203 26.98 -21.84 11.33
C GLU B 203 25.72 -21.64 12.14
N THR B 204 24.67 -22.39 11.85
CA THR B 204 23.41 -22.22 12.55
C THR B 204 23.45 -22.89 13.92
N GLU B 205 24.43 -23.77 14.16
CA GLU B 205 24.66 -24.36 15.46
C GLU B 205 26.10 -24.11 15.89
N PRO B 206 26.40 -22.88 16.29
CA PRO B 206 27.87 -22.58 16.41
C PRO B 206 28.57 -23.36 17.51
N ASP B 207 29.84 -23.63 17.30
CA ASP B 207 30.69 -24.26 18.28
C ASP B 207 30.73 -23.34 19.48
N ILE B 208 30.64 -23.95 20.65
CA ILE B 208 30.87 -23.15 21.85
C ILE B 208 32.18 -22.37 21.85
N GLU B 209 33.23 -22.88 21.20
CA GLU B 209 34.49 -22.14 21.10
C GLU B 209 34.40 -20.82 20.38
N ALA B 210 33.56 -20.69 19.35
CA ALA B 210 33.32 -19.43 18.69
C ALA B 210 32.67 -18.43 19.63
N LEU B 211 31.72 -18.90 20.44
CA LEU B 211 31.00 -18.00 21.36
C LEU B 211 31.89 -17.57 22.47
N ILE B 212 32.72 -18.47 23.00
CA ILE B 212 33.71 -18.16 24.01
C ILE B 212 34.72 -17.12 23.50
N GLU B 213 35.16 -17.28 22.26
CA GLU B 213 36.07 -16.32 21.68
C GLU B 213 35.42 -14.97 21.51
N ALA B 214 34.20 -14.94 20.98
CA ALA B 214 33.51 -13.67 20.74
C ALA B 214 33.42 -12.86 22.05
N VAL B 215 32.97 -13.53 23.07
CA VAL B 215 32.76 -12.85 24.40
C VAL B 215 34.05 -12.45 24.99
N SER B 216 35.08 -13.32 24.88
CA SER B 216 36.34 -13.10 25.42
C SER B 216 37.11 -11.97 24.69
N VAL B 217 37.00 -11.91 23.38
CA VAL B 217 37.66 -10.86 22.62
C VAL B 217 37.06 -9.51 23.14
N PHE B 218 35.76 -9.49 23.27
CA PHE B 218 35.10 -8.19 23.67
C PHE B 218 35.49 -7.81 25.03
N ASN B 219 35.38 -8.72 25.99
CA ASN B 219 35.74 -8.39 27.31
C ASN B 219 37.17 -8.11 27.58
N ILE B 220 38.07 -8.83 26.91
CA ILE B 220 39.50 -8.59 27.11
C ILE B 220 39.86 -7.28 26.49
N ALA B 221 39.31 -6.96 25.34
CA ALA B 221 39.53 -5.63 24.74
C ALA B 221 39.09 -4.53 25.74
N ALA B 222 37.96 -4.75 26.35
CA ALA B 222 37.50 -3.81 27.39
C ALA B 222 38.43 -3.64 28.54
N GLU B 223 38.95 -4.76 29.08
CA GLU B 223 39.82 -4.73 30.13
C GLU B 223 41.09 -3.98 29.79
N VAL B 224 41.63 -4.21 28.62
CA VAL B 224 42.85 -3.57 28.19
C VAL B 224 42.65 -2.07 27.91
N ALA B 225 41.54 -1.73 27.31
CA ALA B 225 41.21 -0.31 27.08
C ALA B 225 41.10 0.43 28.36
N ALA B 226 40.47 -0.13 29.36
CA ALA B 226 40.33 0.54 30.66
C ALA B 226 41.63 0.74 31.41
N GLU B 227 42.67 -0.07 31.15
CA GLU B 227 43.95 0.10 31.68
C GLU B 227 44.85 1.03 30.91
N ASN B 228 44.44 1.46 29.77
CA ASN B 228 45.21 2.38 28.97
C ASN B 228 45.40 3.69 29.70
N GLU B 229 46.62 4.25 29.62
CA GLU B 229 46.92 5.45 30.38
C GLU B 229 46.11 6.66 29.85
N ASN B 230 45.61 6.60 28.62
CA ASN B 230 44.73 7.67 28.07
C ASN B 230 43.22 7.44 28.31
N CYS B 231 42.86 6.44 29.09
CA CYS B 231 41.49 6.23 29.41
C CYS B 231 41.13 7.01 30.66
N GLY B 232 40.39 8.07 30.49
CA GLY B 232 40.12 8.97 31.65
C GLY B 232 38.63 8.84 32.12
N GLY B 233 37.90 7.91 31.60
CA GLY B 233 36.46 7.67 31.92
C GLY B 233 35.70 7.07 30.81
N PRO B 234 34.33 6.99 30.88
CA PRO B 234 33.54 6.30 29.90
C PRO B 234 33.56 6.93 28.54
N GLY B 235 33.81 8.24 28.47
CA GLY B 235 33.86 8.90 27.17
C GLY B 235 35.15 8.53 26.38
N THR B 236 36.29 8.64 26.98
CA THR B 236 37.56 8.25 26.30
C THR B 236 37.70 6.74 26.20
N PHE B 237 37.03 6.01 27.07
CA PHE B 237 37.00 4.53 26.98
C PHE B 237 36.49 3.99 25.69
N SER B 238 35.44 4.58 25.12
CA SER B 238 34.82 4.06 23.93
C SER B 238 35.72 4.04 22.67
N PRO B 239 36.33 5.15 22.33
CA PRO B 239 37.33 5.12 21.25
C PRO B 239 38.51 4.15 21.56
N LEU B 240 38.94 4.08 22.79
CA LEU B 240 39.98 3.14 23.16
C LEU B 240 39.56 1.69 22.99
N LEU B 241 38.33 1.39 23.33
CA LEU B 241 37.78 0.04 23.14
C LEU B 241 37.86 -0.34 21.70
N LEU B 242 37.44 0.53 20.82
CA LEU B 242 37.50 0.27 19.40
C LEU B 242 38.95 0.09 18.95
N ASP B 243 39.88 0.90 19.38
CA ASP B 243 41.31 0.71 19.02
C ASP B 243 41.80 -0.66 19.50
N THR B 244 41.44 -1.04 20.70
CA THR B 244 41.92 -2.24 21.36
C THR B 244 41.36 -3.47 20.67
N LEU B 245 40.09 -3.43 20.22
CA LEU B 245 39.51 -4.49 19.39
C LEU B 245 40.28 -4.59 18.10
N TYR B 246 40.58 -3.46 17.54
CA TYR B 246 41.30 -3.44 16.27
C TYR B 246 42.70 -4.06 16.38
N HIS B 247 43.42 -3.82 17.47
CA HIS B 247 44.80 -4.24 17.63
C HIS B 247 44.93 -5.56 18.41
N LEU B 248 43.84 -6.11 18.90
CA LEU B 248 43.96 -7.21 19.91
C LEU B 248 44.76 -8.39 19.27
N ASN B 249 45.72 -8.88 19.98
CA ASN B 249 46.57 -9.96 19.41
C ASN B 249 46.43 -11.21 20.23
N GLU B 250 47.01 -12.32 19.72
CA GLU B 250 46.89 -13.58 20.36
C GLU B 250 47.55 -13.60 21.70
N THR B 251 48.67 -12.96 21.83
CA THR B 251 49.41 -12.96 23.05
C THR B 251 48.59 -12.39 24.20
N THR B 252 47.98 -11.26 23.93
CA THR B 252 47.17 -10.57 24.94
C THR B 252 45.96 -11.43 25.25
N TYR B 253 45.32 -11.97 24.21
CA TYR B 253 44.15 -12.81 24.42
C TYR B 253 44.48 -13.95 25.35
N GLN B 254 45.56 -14.66 25.03
CA GLN B 254 45.90 -15.86 25.82
C GLN B 254 46.37 -15.51 27.27
N GLN B 255 47.08 -14.41 27.44
CA GLN B 255 47.47 -14.00 28.79
C GLN B 255 46.26 -13.62 29.66
N ARG B 256 45.27 -12.97 29.07
CA ARG B 256 44.19 -12.40 29.88
C ARG B 256 42.98 -13.23 30.06
N ILE B 257 42.77 -14.21 29.21
CA ILE B 257 41.49 -14.86 29.19
C ILE B 257 41.28 -15.62 30.51
N ARG B 258 40.09 -15.50 31.10
CA ARG B 258 39.81 -16.16 32.43
C ARG B 258 38.50 -16.93 32.26
N ILE B 259 38.60 -18.22 32.09
CA ILE B 259 37.46 -19.03 31.70
C ILE B 259 37.39 -20.22 32.63
N GLN B 260 36.16 -20.68 32.96
CA GLN B 260 35.93 -21.94 33.75
C GLN B 260 34.74 -22.80 33.27
N GLU B 261 34.95 -24.11 33.10
CA GLU B 261 33.89 -24.99 32.66
C GLU B 261 33.15 -25.21 33.93
N VAL B 262 31.83 -25.21 33.91
CA VAL B 262 31.11 -25.62 35.15
C VAL B 262 31.04 -27.15 35.19
N MET C 1 26.03 20.42 44.53
CA MET C 1 26.02 19.04 44.01
C MET C 1 25.00 18.03 44.57
N ASN C 2 24.04 18.49 45.29
CA ASN C 2 23.10 17.62 45.91
C ASN C 2 22.39 16.59 45.01
N TYR C 3 21.79 17.06 43.96
CA TYR C 3 20.98 16.21 43.14
C TYR C 3 21.87 15.24 42.36
N LEU C 4 23.04 15.71 41.94
CA LEU C 4 23.94 14.83 41.18
C LEU C 4 24.33 13.63 42.04
N ASN C 5 24.53 13.81 43.33
CA ASN C 5 24.83 12.69 44.19
C ASN C 5 23.75 11.64 44.20
N ASN C 6 22.51 12.09 44.19
CA ASN C 6 21.40 11.21 44.16
C ASN C 6 21.21 10.52 42.83
N ILE C 7 21.55 11.18 41.74
CA ILE C 7 21.55 10.51 40.47
C ILE C 7 22.55 9.33 40.48
N ARG C 8 23.74 9.59 40.98
CA ARG C 8 24.82 8.59 40.97
C ARG C 8 24.44 7.42 41.76
N ILE C 9 23.73 7.61 42.84
CA ILE C 9 23.36 6.49 43.74
C ILE C 9 22.09 5.78 43.28
N GLU C 10 21.07 6.52 42.85
CA GLU C 10 19.77 5.97 42.57
C GLU C 10 19.61 5.51 41.16
N ASN C 11 20.45 6.00 40.24
CA ASN C 11 20.39 5.49 38.87
C ASN C 11 18.97 5.66 38.27
N PRO C 12 18.46 6.90 38.20
CA PRO C 12 17.08 7.13 37.81
C PRO C 12 16.81 6.77 36.37
N LEU C 13 15.79 5.95 36.18
CA LEU C 13 15.31 5.62 34.85
C LEU C 13 14.76 6.82 34.16
N THR C 14 15.37 7.16 33.03
CA THR C 14 15.11 8.43 32.37
C THR C 14 14.71 8.05 30.98
N ILE C 15 13.40 8.17 30.67
CA ILE C 15 12.91 7.78 29.35
C ILE C 15 13.20 8.91 28.37
N CYS C 16 13.77 8.60 27.21
CA CYS C 16 13.99 9.60 26.18
C CYS C 16 13.36 9.27 24.89
N TYR C 17 12.42 10.15 24.44
CA TYR C 17 11.90 10.09 23.12
C TYR C 17 12.60 11.24 22.43
N THR C 18 13.68 10.95 21.67
CA THR C 18 14.47 12.01 21.12
C THR C 18 14.80 11.75 19.72
N ASN C 19 15.59 12.65 19.15
CA ASN C 19 15.79 12.62 17.77
C ASN C 19 16.94 11.73 17.38
N ASP C 20 16.90 11.33 16.13
CA ASP C 20 17.80 10.30 15.64
C ASP C 20 19.27 10.74 15.55
N VAL C 21 19.57 12.01 15.60
CA VAL C 21 20.89 12.47 15.46
C VAL C 21 21.61 12.38 16.75
N VAL C 22 20.88 12.37 17.86
CA VAL C 22 21.47 12.49 19.17
C VAL C 22 21.13 11.42 20.17
N LYS C 23 20.51 10.34 19.75
CA LYS C 23 20.14 9.28 20.69
C LYS C 23 21.34 8.73 21.44
N ASN C 24 22.38 8.34 20.68
CA ASN C 24 23.53 7.70 21.31
C ASN C 24 24.28 8.63 22.31
N PHE C 25 24.41 9.89 21.92
CA PHE C 25 25.11 10.85 22.75
C PHE C 25 24.31 11.19 23.94
N THR C 26 22.99 11.29 23.75
CA THR C 26 22.15 11.53 24.93
C THR C 26 22.23 10.42 25.93
N ALA C 27 22.08 9.20 25.47
CA ALA C 27 22.21 8.08 26.31
C ALA C 27 23.53 8.00 27.03
N ASN C 28 24.64 8.21 26.33
CA ASN C 28 25.96 8.25 26.97
C ASN C 28 26.17 9.33 27.99
N GLY C 29 25.62 10.50 27.74
CA GLY C 29 25.69 11.61 28.70
C GLY C 29 24.95 11.26 29.98
N LEU C 30 23.74 10.68 29.84
CA LEU C 30 22.96 10.16 30.98
C LEU C 30 23.65 9.06 31.74
N LEU C 31 24.24 8.12 31.01
CA LEU C 31 25.07 7.10 31.69
C LEU C 31 26.29 7.69 32.45
N SER C 32 26.91 8.77 31.93
CA SER C 32 28.06 9.30 32.53
C SER C 32 27.78 9.97 33.87
N ILE C 33 26.56 10.55 34.06
CA ILE C 33 26.23 11.10 35.37
C ILE C 33 25.56 10.08 36.28
N GLY C 34 25.34 8.86 35.79
CA GLY C 34 24.77 7.82 36.64
C GLY C 34 23.27 7.53 36.45
N ALA C 35 22.65 8.14 35.47
CA ALA C 35 21.22 7.89 35.21
C ALA C 35 21.12 6.59 34.39
N SER C 36 19.89 6.11 34.22
CA SER C 36 19.62 4.90 33.45
C SER C 36 18.79 5.34 32.27
N PRO C 37 19.40 5.61 31.11
CA PRO C 37 18.57 6.06 29.98
C PRO C 37 17.81 4.91 29.34
N ALA C 38 16.60 5.14 28.87
CA ALA C 38 15.88 4.22 28.07
C ALA C 38 15.21 4.91 26.92
N MET C 39 15.64 4.62 25.72
CA MET C 39 15.01 5.25 24.52
C MET C 39 13.81 4.44 24.02
N SER C 40 12.72 4.45 24.78
CA SER C 40 11.52 3.72 24.43
C SER C 40 10.62 4.67 23.69
N GLU C 41 10.13 4.23 22.54
CA GLU C 41 9.27 5.00 21.71
C GLU C 41 7.86 4.39 21.42
N ALA C 42 7.61 3.14 21.85
CA ALA C 42 6.41 2.45 21.57
C ALA C 42 5.34 2.81 22.62
N PRO C 43 4.22 3.38 22.17
CA PRO C 43 3.18 3.73 23.13
C PRO C 43 2.67 2.52 23.85
N GLU C 44 2.80 1.35 23.26
CA GLU C 44 2.35 0.11 23.83
C GLU C 44 3.07 -0.28 25.11
N GLU C 45 4.21 0.31 25.39
CA GLU C 45 4.87 -0.02 26.65
C GLU C 45 5.03 1.17 27.58
N ALA C 46 4.49 2.31 27.16
CA ALA C 46 4.67 3.53 27.90
C ALA C 46 4.06 3.42 29.31
N GLU C 47 2.89 2.85 29.43
CA GLU C 47 2.27 2.75 30.76
C GLU C 47 3.14 1.94 31.76
N GLU C 48 3.63 0.79 31.34
CA GLU C 48 4.49 0.00 32.17
C GLU C 48 5.83 0.66 32.48
N PHE C 49 6.48 1.26 31.48
CA PHE C 49 7.76 1.89 31.72
C PHE C 49 7.58 3.12 32.65
N TYR C 50 6.53 3.90 32.39
CA TYR C 50 6.39 5.20 33.04
C TYR C 50 6.08 5.10 34.49
N LYS C 51 5.43 3.98 34.88
CA LYS C 51 5.15 3.71 36.30
C LYS C 51 6.45 3.65 37.11
N VAL C 52 7.53 3.17 36.52
CA VAL C 52 8.80 3.07 37.24
C VAL C 52 9.86 4.16 36.88
N ALA C 53 9.58 4.98 35.88
CA ALA C 53 10.54 5.96 35.42
C ALA C 53 10.53 7.20 36.31
N GLN C 54 11.57 7.99 36.19
CA GLN C 54 11.66 9.27 36.91
C GLN C 54 11.40 10.49 36.10
N ALA C 55 11.53 10.42 34.79
CA ALA C 55 11.24 11.48 33.86
C ALA C 55 11.15 10.99 32.48
N LEU C 56 10.56 11.79 31.62
CA LEU C 56 10.48 11.62 30.19
C LEU C 56 11.01 12.85 29.52
N LEU C 57 11.92 12.61 28.55
CA LEU C 57 12.29 13.67 27.62
C LEU C 57 11.57 13.48 26.33
N ILE C 58 10.98 14.51 25.82
CA ILE C 58 10.41 14.57 24.47
C ILE C 58 11.17 15.66 23.70
N ASN C 59 11.84 15.28 22.61
CA ASN C 59 12.63 16.16 21.80
C ASN C 59 12.17 15.91 20.39
N ILE C 60 11.79 16.97 19.69
CA ILE C 60 11.16 16.86 18.36
C ILE C 60 12.11 17.11 17.17
N GLY C 61 13.40 16.98 17.43
CA GLY C 61 14.39 17.27 16.43
C GLY C 61 14.16 16.68 15.09
N THR C 62 13.73 15.43 15.02
CA THR C 62 13.54 14.93 13.69
C THR C 62 12.10 14.49 13.55
N LEU C 63 11.20 15.36 13.95
CA LEU C 63 9.78 15.11 13.80
C LEU C 63 9.37 14.69 12.47
N THR C 64 8.60 13.59 12.41
CA THR C 64 7.91 13.17 11.16
C THR C 64 6.52 12.66 11.48
N ALA C 65 5.75 12.38 10.46
CA ALA C 65 4.42 11.90 10.61
C ALA C 65 4.38 10.60 11.43
N GLN C 66 5.39 9.77 11.29
CA GLN C 66 5.48 8.53 12.10
C GLN C 66 5.47 8.79 13.62
N ASN C 67 5.97 9.95 14.06
CA ASN C 67 6.17 10.27 15.46
C ASN C 67 4.96 11.04 16.05
N GLU C 68 4.23 11.83 15.24
CA GLU C 68 3.33 12.83 15.79
C GLU C 68 2.29 12.28 16.75
N GLN C 69 1.54 11.30 16.30
CA GLN C 69 0.46 10.77 17.16
C GLN C 69 1.06 10.04 18.35
N ASP C 70 2.16 9.30 18.12
CA ASP C 70 2.81 8.63 19.22
C ASP C 70 3.29 9.56 20.34
N ILE C 71 3.88 10.70 19.97
CA ILE C 71 4.34 11.64 20.95
C ILE C 71 3.13 12.14 21.79
N ILE C 72 2.09 12.54 21.12
CA ILE C 72 0.89 13.03 21.84
C ILE C 72 0.37 11.94 22.80
N ALA C 73 0.26 10.71 22.30
CA ALA C 73 -0.14 9.62 23.16
C ALA C 73 0.78 9.39 24.36
N ILE C 74 2.10 9.38 24.19
CA ILE C 74 2.97 9.14 25.31
C ILE C 74 2.99 10.28 26.30
N ALA C 75 2.82 11.50 25.80
CA ALA C 75 2.76 12.66 26.69
C ALA C 75 1.52 12.51 27.60
N GLN C 76 0.44 12.04 27.06
CA GLN C 76 -0.82 11.87 27.86
C GLN C 76 -0.63 10.74 28.81
N THR C 77 0.11 9.68 28.37
CA THR C 77 0.39 8.57 29.29
C THR C 77 1.28 9.02 30.43
N ALA C 78 2.22 9.90 30.14
CA ALA C 78 3.08 10.44 31.18
C ALA C 78 2.28 11.27 32.23
N ASN C 79 1.45 12.18 31.75
CA ASN C 79 0.58 12.98 32.67
C ASN C 79 -0.20 12.06 33.55
N GLU C 80 -0.84 11.06 32.98
CA GLU C 80 -1.66 10.11 33.77
C GLU C 80 -0.81 9.39 34.81
N ALA C 81 0.46 9.08 34.48
CA ALA C 81 1.35 8.36 35.36
C ALA C 81 2.01 9.29 36.39
N GLY C 82 1.86 10.60 36.25
CA GLY C 82 2.60 11.53 37.11
C GLY C 82 4.11 11.64 36.75
N LEU C 83 4.47 11.32 35.50
CA LEU C 83 5.88 11.29 35.06
C LEU C 83 6.22 12.63 34.44
N PRO C 84 7.14 13.39 35.03
CA PRO C 84 7.41 14.72 34.51
C PRO C 84 8.09 14.69 33.13
N ILE C 85 7.69 15.62 32.30
CA ILE C 85 8.10 15.68 30.94
C ILE C 85 9.05 16.86 30.82
N VAL C 86 10.19 16.61 30.16
CA VAL C 86 11.03 17.71 29.69
C VAL C 86 10.78 17.80 28.21
N PHE C 87 10.42 18.98 27.73
CA PHE C 87 10.09 19.15 26.29
C PHE C 87 11.10 20.07 25.65
N ASP C 88 11.64 19.63 24.54
CA ASP C 88 12.59 20.38 23.73
C ASP C 88 12.06 20.59 22.34
N PRO C 89 11.57 21.82 22.07
CA PRO C 89 10.90 22.13 20.81
C PRO C 89 11.96 22.58 19.77
N VAL C 90 12.77 21.62 19.39
CA VAL C 90 13.85 21.88 18.46
C VAL C 90 13.43 22.48 17.13
N ALA C 91 14.01 23.64 16.79
CA ALA C 91 13.83 24.29 15.50
C ALA C 91 12.36 24.62 15.22
N VAL C 92 11.60 24.85 16.27
CA VAL C 92 10.19 25.14 16.12
C VAL C 92 9.95 26.36 15.24
N GLY C 93 10.85 27.33 15.30
CA GLY C 93 10.70 28.52 14.53
C GLY C 93 11.01 28.29 13.04
N ALA C 94 11.55 27.13 12.69
CA ALA C 94 11.97 26.89 11.30
C ALA C 94 10.85 26.40 10.40
N SER C 95 9.73 25.91 10.97
CA SER C 95 8.62 25.52 10.09
C SER C 95 7.25 25.60 10.74
N THR C 96 6.26 25.74 9.91
CA THR C 96 4.86 25.76 10.38
C THR C 96 4.46 24.36 10.84
N TYR C 97 5.03 23.35 10.21
CA TYR C 97 4.87 21.99 10.66
C TYR C 97 5.28 21.80 12.13
N ARG C 98 6.46 22.25 12.54
CA ARG C 98 6.87 22.12 13.89
C ARG C 98 6.03 23.01 14.84
N LYS C 99 5.80 24.25 14.42
CA LYS C 99 4.95 25.21 15.23
C LYS C 99 3.57 24.65 15.52
N GLN C 100 2.93 24.09 14.51
CA GLN C 100 1.61 23.50 14.71
C GLN C 100 1.70 22.30 15.65
N PHE C 101 2.76 21.47 15.53
CA PHE C 101 2.85 20.34 16.38
C PHE C 101 3.12 20.73 17.82
N CYS C 102 4.03 21.67 18.05
CA CYS C 102 4.34 22.03 19.41
C CYS C 102 3.10 22.70 20.11
N LYS C 103 2.36 23.50 19.38
CA LYS C 103 1.08 24.07 19.88
C LYS C 103 0.12 22.91 20.27
N LEU C 104 0.00 21.90 19.39
CA LEU C 104 -0.85 20.78 19.70
C LEU C 104 -0.40 20.02 20.95
N LEU C 105 0.91 19.76 21.07
CA LEU C 105 1.45 19.06 22.20
C LEU C 105 1.18 19.82 23.50
N LEU C 106 1.44 21.11 23.48
CA LEU C 106 1.26 21.87 24.71
C LEU C 106 -0.21 22.15 25.08
N LYS C 107 -1.12 21.94 24.16
CA LYS C 107 -2.57 22.00 24.43
C LYS C 107 -3.03 20.62 24.85
N SER C 108 -2.22 19.58 24.68
CA SER C 108 -2.65 18.22 24.96
C SER C 108 -2.07 17.68 26.24
N ALA C 109 -0.97 18.25 26.74
CA ALA C 109 -0.32 17.74 27.88
C ALA C 109 0.36 18.82 28.67
N LYS C 110 0.49 18.58 29.93
CA LYS C 110 1.22 19.45 30.83
C LYS C 110 2.68 19.00 30.90
N VAL C 111 3.63 19.85 30.55
CA VAL C 111 5.05 19.48 30.70
C VAL C 111 5.62 20.11 31.88
N SER C 112 6.75 19.61 32.34
CA SER C 112 7.38 20.08 33.53
C SER C 112 8.54 21.06 33.31
N VAL C 113 9.23 20.96 32.18
CA VAL C 113 10.27 21.88 31.80
C VAL C 113 10.23 22.03 30.29
N ILE C 114 10.29 23.25 29.79
CA ILE C 114 10.39 23.53 28.39
C ILE C 114 11.77 24.10 28.23
N LYS C 115 12.57 23.51 27.36
CA LYS C 115 13.97 23.92 27.18
C LYS C 115 14.24 24.20 25.72
N GLY C 116 14.84 25.34 25.44
CA GLY C 116 15.22 25.67 24.06
C GLY C 116 16.15 26.84 24.04
N ASN C 117 16.58 27.23 22.85
CA ASN C 117 17.29 28.51 22.69
C ASN C 117 16.28 29.61 22.57
N ALA C 118 16.75 30.83 22.55
CA ALA C 118 15.88 31.98 22.60
C ALA C 118 14.92 32.02 21.40
N SER C 119 15.45 31.69 20.23
CA SER C 119 14.67 31.75 19.06
C SER C 119 13.58 30.69 19.07
N GLU C 120 13.86 29.51 19.62
CA GLU C 120 12.86 28.44 19.76
C GLU C 120 11.71 28.84 20.76
N ILE C 121 12.10 29.34 21.93
CA ILE C 121 11.09 29.79 22.90
C ILE C 121 10.30 30.94 22.40
N LEU C 122 10.96 31.91 21.75
CA LEU C 122 10.26 32.99 21.14
C LEU C 122 9.21 32.54 20.12
N ALA C 123 9.58 31.58 19.29
CA ALA C 123 8.65 31.07 18.26
C ALA C 123 7.46 30.39 18.91
N LEU C 124 7.65 29.74 20.05
CA LEU C 124 6.51 29.15 20.80
C LEU C 124 5.51 30.16 21.28
N ILE C 125 6.01 31.29 21.76
CA ILE C 125 5.12 32.26 22.39
C ILE C 125 4.59 33.21 21.34
N ASP C 126 5.35 33.41 20.26
CA ASP C 126 4.97 34.35 19.20
C ASP C 126 3.78 33.70 18.51
N ASP C 127 3.97 32.46 18.15
CA ASP C 127 2.88 31.76 17.47
C ASP C 127 1.72 31.21 18.34
N THR C 128 1.80 31.24 19.67
CA THR C 128 0.53 31.27 20.47
C THR C 128 -0.34 32.45 20.03
N LEU C 140 12.80 40.22 23.40
CA LEU C 140 14.16 40.37 22.88
C LEU C 140 15.19 39.72 23.84
N ASP C 141 15.22 40.14 25.11
CA ASP C 141 16.17 39.56 26.09
C ASP C 141 15.70 38.13 26.36
N ALA C 142 16.64 37.22 26.61
CA ALA C 142 16.28 35.87 26.95
C ALA C 142 15.48 35.86 28.27
N VAL C 143 15.82 36.73 29.22
CA VAL C 143 15.07 36.76 30.45
C VAL C 143 13.61 37.13 30.20
N THR C 144 13.37 38.16 29.40
CA THR C 144 12.03 38.56 29.10
C THR C 144 11.27 37.47 28.39
N ILE C 145 11.93 36.79 27.46
CA ILE C 145 11.30 35.73 26.72
C ILE C 145 10.91 34.63 27.69
N ALA C 146 11.85 34.23 28.54
CA ALA C 146 11.61 33.15 29.47
C ALA C 146 10.43 33.49 30.40
N LYS C 147 10.35 34.71 30.89
CA LYS C 147 9.25 35.10 31.78
C LYS C 147 7.90 35.11 31.03
N LYS C 148 7.86 35.59 29.78
CA LYS C 148 6.65 35.51 28.99
C LYS C 148 6.21 34.11 28.72
N ALA C 149 7.17 33.21 28.47
CA ALA C 149 6.80 31.83 28.28
C ALA C 149 6.32 31.17 29.56
N TYR C 150 7.01 31.47 30.65
CA TYR C 150 6.58 30.94 31.94
C TYR C 150 5.13 31.40 32.18
N ALA C 151 4.84 32.65 31.91
CA ALA C 151 3.44 33.16 32.15
C ALA C 151 2.41 32.39 31.30
N ILE C 152 2.79 32.00 30.07
CA ILE C 152 1.86 31.33 29.23
C ILE C 152 1.65 29.87 29.63
N TYR C 153 2.73 29.16 29.89
CA TYR C 153 2.63 27.74 30.15
C TYR C 153 2.61 27.33 31.60
N LYS C 154 3.01 28.22 32.49
CA LYS C 154 3.13 27.93 33.96
C LYS C 154 3.94 26.68 34.17
N THR C 155 5.08 26.66 33.50
CA THR C 155 5.99 25.49 33.43
C THR C 155 7.40 26.09 33.43
N ALA C 156 8.33 25.43 34.10
CA ALA C 156 9.73 25.88 34.19
C ALA C 156 10.24 26.06 32.78
N ILE C 157 10.96 27.13 32.56
CA ILE C 157 11.54 27.44 31.23
C ILE C 157 13.04 27.47 31.44
N VAL C 158 13.77 26.81 30.52
CA VAL C 158 15.22 26.90 30.45
C VAL C 158 15.58 27.40 29.06
N ILE C 159 16.19 28.54 28.99
CA ILE C 159 16.64 29.06 27.69
C ILE C 159 18.18 29.00 27.69
N THR C 160 18.70 28.21 26.77
CA THR C 160 20.13 28.11 26.59
C THR C 160 20.61 29.24 25.68
N GLY C 161 21.86 29.62 25.83
CA GLY C 161 22.46 30.67 25.07
C GLY C 161 23.86 30.96 25.61
N LYS C 162 24.42 32.10 25.25
CA LYS C 162 25.75 32.50 25.75
C LYS C 162 25.70 32.49 27.30
N GLU C 163 24.65 33.09 27.86
CA GLU C 163 24.25 32.87 29.26
C GLU C 163 22.94 32.06 29.22
N ASP C 164 22.79 31.09 30.13
CA ASP C 164 21.55 30.38 30.24
C ASP C 164 20.60 31.08 31.22
N VAL C 165 19.31 30.95 30.95
CA VAL C 165 18.26 31.50 31.82
C VAL C 165 17.32 30.41 32.27
N ILE C 166 16.99 30.41 33.57
CA ILE C 166 16.02 29.54 34.11
C ILE C 166 14.96 30.32 34.85
N VAL C 167 13.71 30.06 34.52
CA VAL C 167 12.57 30.67 35.22
C VAL C 167 11.75 29.56 35.76
N GLN C 168 11.51 29.57 37.06
CA GLN C 168 10.62 28.60 37.67
C GLN C 168 9.91 29.34 38.82
N GLY C 169 8.58 29.27 38.83
CA GLY C 169 7.78 29.99 39.82
C GLY C 169 8.09 31.46 39.75
N ASP C 170 8.51 32.02 40.87
CA ASP C 170 8.74 33.45 41.00
C ASP C 170 10.23 33.81 40.84
N LYS C 171 11.09 32.87 40.45
CA LYS C 171 12.51 33.15 40.43
C LYS C 171 13.02 33.02 39.00
N ALA C 172 13.95 33.89 38.66
CA ALA C 172 14.62 33.81 37.37
C ALA C 172 16.12 33.90 37.67
N ILE C 173 16.91 33.06 37.01
CA ILE C 173 18.31 32.99 37.28
C ILE C 173 19.03 33.00 35.95
N VAL C 174 20.22 33.58 35.95
CA VAL C 174 21.08 33.61 34.78
C VAL C 174 22.38 32.90 35.15
N LEU C 175 22.80 31.95 34.33
CA LEU C 175 23.98 31.14 34.57
C LEU C 175 24.98 31.38 33.43
N ALA C 176 26.27 31.40 33.76
CA ALA C 176 27.31 31.83 32.85
C ALA C 176 28.49 30.87 32.83
N ASN C 177 28.22 29.59 32.68
CA ASN C 177 29.29 28.61 32.55
C ASN C 177 29.28 28.02 31.14
N GLY C 178 30.35 27.31 30.80
CA GLY C 178 30.32 26.48 29.59
C GLY C 178 31.55 26.77 28.68
N SER C 179 31.47 26.29 27.44
CA SER C 179 32.56 26.45 26.47
C SER C 179 31.98 26.63 25.08
N PRO C 180 32.69 27.35 24.23
CA PRO C 180 32.30 27.51 22.84
C PRO C 180 32.34 26.20 22.07
N LEU C 181 33.20 25.26 22.49
CA LEU C 181 33.24 23.93 21.80
C LEU C 181 31.95 23.23 21.92
N LEU C 182 31.13 23.51 22.93
CA LEU C 182 29.80 22.87 22.95
C LEU C 182 28.92 23.13 21.78
N ALA C 183 28.98 24.30 21.24
CA ALA C 183 28.20 24.59 20.02
C ALA C 183 28.68 23.79 18.78
N ARG C 184 29.83 23.10 18.87
CA ARG C 184 30.36 22.51 17.70
C ARG C 184 30.24 21.02 17.84
N VAL C 185 29.48 20.58 18.83
CA VAL C 185 29.20 19.18 18.99
C VAL C 185 27.73 19.04 18.75
N THR C 186 27.31 18.16 17.83
CA THR C 186 25.89 18.03 17.58
C THR C 186 25.19 17.49 18.79
N GLY C 187 24.00 18.01 18.99
CA GLY C 187 23.18 17.56 20.04
C GLY C 187 23.66 17.90 21.47
N ALA C 188 24.52 18.92 21.64
CA ALA C 188 24.94 19.36 23.06
C ALA C 188 23.70 19.72 23.77
N GLY C 189 22.89 20.58 23.16
CA GLY C 189 21.75 21.06 23.97
C GLY C 189 20.71 19.98 24.04
N CYS C 190 20.70 19.09 23.05
CA CYS C 190 19.78 17.95 23.11
C CYS C 190 20.11 17.05 24.26
N LEU C 191 21.41 16.82 24.47
CA LEU C 191 21.83 16.06 25.61
C LEU C 191 21.42 16.85 26.90
N LEU C 192 21.59 18.15 26.89
CA LEU C 192 21.24 18.89 28.12
C LEU C 192 19.76 18.65 28.51
N GLY C 193 18.86 18.57 27.52
CA GLY C 193 17.48 18.16 27.78
C GLY C 193 17.33 16.85 28.51
N GLY C 194 18.11 15.88 28.04
CA GLY C 194 18.26 14.65 28.79
C GLY C 194 18.82 14.74 30.17
N ILE C 195 19.87 15.53 30.36
CA ILE C 195 20.46 15.69 31.66
C ILE C 195 19.37 16.30 32.63
N ILE C 196 18.68 17.34 32.13
CA ILE C 196 17.63 17.95 32.99
C ILE C 196 16.64 16.89 33.38
N ALA C 197 16.21 16.05 32.44
CA ALA C 197 15.29 14.98 32.81
C ALA C 197 15.85 14.11 33.92
N GLY C 198 17.16 13.85 33.85
CA GLY C 198 17.84 13.06 34.89
C GLY C 198 17.75 13.60 36.27
N PHE C 199 17.60 14.91 36.36
CA PHE C 199 17.63 15.63 37.65
C PHE C 199 16.18 15.78 38.27
N LEU C 200 15.13 15.23 37.62
CA LEU C 200 13.71 15.53 38.08
C LEU C 200 13.22 14.67 39.16
N PHE C 201 13.61 13.39 39.20
CA PHE C 201 13.19 12.52 40.28
C PHE C 201 11.64 12.52 40.49
N ARG C 202 10.93 12.50 39.40
CA ARG C 202 9.50 12.34 39.38
C ARG C 202 8.79 13.52 40.00
N GLU C 203 9.45 14.68 40.04
CA GLU C 203 8.83 15.90 40.52
C GLU C 203 8.27 16.62 39.29
N THR C 204 6.96 16.71 39.22
CA THR C 204 6.34 17.36 38.12
C THR C 204 6.43 18.88 38.20
N GLU C 205 6.77 19.41 39.36
CA GLU C 205 7.08 20.85 39.52
C GLU C 205 8.47 20.99 40.14
N PRO C 206 9.51 20.79 39.33
CA PRO C 206 10.83 20.69 39.95
C PRO C 206 11.31 21.97 40.61
N ASP C 207 12.05 21.78 41.67
CA ASP C 207 12.66 22.86 42.36
C ASP C 207 13.61 23.55 41.42
N ILE C 208 13.60 24.87 41.42
CA ILE C 208 14.58 25.60 40.56
C ILE C 208 16.03 25.14 40.87
N GLU C 209 16.33 24.71 42.09
CA GLU C 209 17.63 24.26 42.41
C GLU C 209 18.08 23.04 41.59
N ALA C 210 17.17 22.11 41.35
CA ALA C 210 17.47 20.94 40.53
C ALA C 210 17.81 21.37 39.11
N LEU C 211 17.09 22.36 38.60
CA LEU C 211 17.33 22.81 37.24
C LEU C 211 18.69 23.56 37.12
N ILE C 212 18.98 24.40 38.07
CA ILE C 212 20.25 25.11 38.15
C ILE C 212 21.41 24.11 38.24
N GLU C 213 21.25 23.07 39.06
CA GLU C 213 22.29 22.07 39.13
C GLU C 213 22.47 21.36 37.82
N ALA C 214 21.40 20.95 37.16
CA ALA C 214 21.43 20.22 35.88
C ALA C 214 22.17 20.99 34.80
N VAL C 215 21.87 22.27 34.72
CA VAL C 215 22.50 23.12 33.74
C VAL C 215 23.94 23.42 34.10
N SER C 216 24.21 23.66 35.39
CA SER C 216 25.51 23.96 35.86
C SER C 216 26.46 22.73 35.76
N VAL C 217 25.97 21.54 36.09
CA VAL C 217 26.77 20.34 36.00
C VAL C 217 27.23 20.22 34.52
N PHE C 218 26.32 20.40 33.62
CA PHE C 218 26.63 20.22 32.21
C PHE C 218 27.60 21.25 31.73
N ASN C 219 27.30 22.51 31.96
CA ASN C 219 28.19 23.57 31.53
C ASN C 219 29.54 23.66 32.23
N ILE C 220 29.62 23.32 33.51
CA ILE C 220 30.91 23.26 34.20
C ILE C 220 31.72 22.08 33.63
N ALA C 221 31.07 20.95 33.38
CA ALA C 221 31.83 19.84 32.81
C ALA C 221 32.38 20.23 31.42
N ALA C 222 31.60 20.94 30.64
CA ALA C 222 32.05 21.46 29.38
C ALA C 222 33.25 22.38 29.46
N GLU C 223 33.25 23.28 30.44
CA GLU C 223 34.32 24.16 30.65
C GLU C 223 35.58 23.47 31.03
N VAL C 224 35.48 22.48 31.91
CA VAL C 224 36.62 21.74 32.38
C VAL C 224 37.14 20.83 31.24
N ALA C 225 36.24 20.14 30.55
CA ALA C 225 36.66 19.30 29.40
C ALA C 225 37.48 20.12 28.39
N ALA C 226 37.02 21.30 28.05
CA ALA C 226 37.69 22.15 27.05
C ALA C 226 39.06 22.63 27.49
N GLU C 227 39.32 22.74 28.80
CA GLU C 227 40.63 23.02 29.33
C GLU C 227 41.59 21.84 29.38
N ASN C 228 41.09 20.65 29.19
CA ASN C 228 41.95 19.48 29.29
C ASN C 228 43.02 19.54 28.21
N GLU C 229 44.24 19.12 28.54
CA GLU C 229 45.36 19.31 27.65
C GLU C 229 45.17 18.40 26.42
N ASN C 230 44.34 17.36 26.54
CA ASN C 230 44.04 16.44 25.40
C ASN C 230 42.85 16.85 24.56
N CYS C 231 42.23 18.01 24.86
CA CYS C 231 41.20 18.51 24.04
C CYS C 231 41.78 19.22 22.85
N GLY C 232 41.65 18.71 21.65
CA GLY C 232 42.25 19.29 20.48
C GLY C 232 41.23 19.87 19.51
N GLY C 233 39.98 19.83 19.88
CA GLY C 233 38.91 20.30 19.05
C GLY C 233 37.60 19.68 19.35
N PRO C 234 36.59 19.84 18.48
CA PRO C 234 35.27 19.39 18.84
C PRO C 234 35.08 17.84 18.78
N GLY C 235 35.95 17.16 18.08
CA GLY C 235 35.94 15.68 18.07
C GLY C 235 36.46 15.15 19.37
N THR C 236 37.62 15.60 19.84
CA THR C 236 38.15 15.11 21.10
C THR C 236 37.41 15.61 22.29
N PHE C 237 36.79 16.77 22.11
CA PHE C 237 35.98 17.36 23.22
C PHE C 237 34.84 16.51 23.73
N SER C 238 34.16 15.80 22.86
CA SER C 238 32.99 15.04 23.22
C SER C 238 33.24 13.85 24.14
N PRO C 239 34.28 13.05 23.88
CA PRO C 239 34.69 12.09 24.86
C PRO C 239 35.14 12.67 26.15
N LEU C 240 35.86 13.77 26.12
CA LEU C 240 36.33 14.43 27.33
C LEU C 240 35.12 14.96 28.17
N LEU C 241 34.12 15.48 27.53
CA LEU C 241 32.93 15.97 28.22
C LEU C 241 32.29 14.85 29.00
N LEU C 242 32.17 13.71 28.38
CA LEU C 242 31.63 12.54 29.10
C LEU C 242 32.53 12.16 30.26
N ASP C 243 33.86 12.12 30.10
CA ASP C 243 34.72 11.78 31.19
C ASP C 243 34.53 12.77 32.35
N THR C 244 34.43 14.05 31.99
CA THR C 244 34.32 15.14 32.99
C THR C 244 32.99 15.08 33.76
N LEU C 245 31.90 14.74 33.10
CA LEU C 245 30.61 14.50 33.73
C LEU C 245 30.73 13.33 34.70
N TYR C 246 31.40 12.27 34.26
CA TYR C 246 31.64 11.12 35.14
C TYR C 246 32.41 11.42 36.40
N HIS C 247 33.45 12.26 36.33
CA HIS C 247 34.31 12.59 37.40
C HIS C 247 33.91 13.85 38.22
N LEU C 248 32.94 14.60 37.74
CA LEU C 248 32.76 15.98 38.34
C LEU C 248 32.53 15.82 39.84
N ASN C 249 33.22 16.65 40.59
CA ASN C 249 33.09 16.61 42.08
C ASN C 249 32.64 17.92 42.63
N GLU C 250 32.31 17.91 43.92
CA GLU C 250 31.72 19.09 44.52
C GLU C 250 32.68 20.25 44.57
N THR C 251 33.96 19.99 44.80
CA THR C 251 34.95 21.06 44.78
C THR C 251 35.05 21.83 43.51
N THR C 252 35.08 21.10 42.39
CA THR C 252 35.10 21.70 41.11
C THR C 252 33.81 22.45 40.82
N TYR C 253 32.67 21.84 41.16
CA TYR C 253 31.39 22.46 40.90
C TYR C 253 31.33 23.82 41.67
N GLN C 254 31.65 23.79 42.93
CA GLN C 254 31.51 25.01 43.78
C GLN C 254 32.55 26.09 43.41
N GLN C 255 33.75 25.71 42.98
CA GLN C 255 34.71 26.69 42.49
C GLN C 255 34.30 27.35 41.20
N ARG C 256 33.62 26.61 40.31
CA ARG C 256 33.40 27.14 38.99
C ARG C 256 32.07 27.74 38.74
N ILE C 257 31.09 27.42 39.56
CA ILE C 257 29.72 27.77 39.20
C ILE C 257 29.59 29.31 39.15
N ARG C 258 28.93 29.83 38.11
CA ARG C 258 28.74 31.31 37.98
C ARG C 258 27.25 31.53 37.73
N ILE C 259 26.55 31.89 38.78
CA ILE C 259 25.13 32.04 38.78
C ILE C 259 24.78 33.43 39.32
N GLN C 260 23.76 34.06 38.74
CA GLN C 260 23.17 35.33 39.27
C GLN C 260 21.61 35.31 39.30
N GLU C 261 20.99 35.58 40.46
CA GLU C 261 19.50 35.79 40.48
C GLU C 261 19.22 37.13 39.83
N VAL C 262 18.25 37.18 38.91
CA VAL C 262 17.87 38.46 38.32
C VAL C 262 17.05 39.21 39.37
N MET D 1 -37.80 2.77 -42.03
CA MET D 1 -38.14 1.78 -40.97
C MET D 1 -38.55 0.38 -41.47
N ASN D 2 -38.28 0.04 -42.73
CA ASN D 2 -38.66 -1.29 -43.22
C ASN D 2 -38.17 -2.44 -42.32
N TYR D 3 -36.88 -2.47 -42.02
CA TYR D 3 -36.33 -3.63 -41.38
C TYR D 3 -36.80 -3.72 -39.95
N LEU D 4 -36.92 -2.58 -39.27
CA LEU D 4 -37.33 -2.61 -37.88
C LEU D 4 -38.73 -3.18 -37.72
N ASN D 5 -39.63 -2.86 -38.63
CA ASN D 5 -40.98 -3.43 -38.63
C ASN D 5 -40.93 -4.96 -38.70
N ASN D 6 -40.03 -5.47 -39.51
CA ASN D 6 -39.88 -6.90 -39.65
C ASN D 6 -39.26 -7.52 -38.43
N ILE D 7 -38.33 -6.83 -37.77
CA ILE D 7 -37.78 -7.35 -36.53
C ILE D 7 -38.91 -7.51 -35.50
N ARG D 8 -39.77 -6.49 -35.39
CA ARG D 8 -40.84 -6.51 -34.40
C ARG D 8 -41.86 -7.62 -34.66
N ILE D 9 -42.07 -7.95 -35.93
CA ILE D 9 -43.02 -8.99 -36.30
C ILE D 9 -42.41 -10.40 -36.26
N GLU D 10 -41.19 -10.54 -36.77
CA GLU D 10 -40.57 -11.85 -36.88
C GLU D 10 -39.75 -12.28 -35.67
N ASN D 11 -39.37 -11.34 -34.81
CA ASN D 11 -38.64 -11.66 -33.59
C ASN D 11 -37.40 -12.56 -33.84
N PRO D 12 -36.50 -12.11 -34.72
CA PRO D 12 -35.34 -12.89 -35.11
C PRO D 12 -34.41 -13.34 -33.97
N LEU D 13 -34.18 -14.65 -33.92
CA LEU D 13 -33.22 -15.21 -32.98
C LEU D 13 -31.81 -14.74 -33.32
N THR D 14 -31.19 -14.06 -32.36
CA THR D 14 -29.96 -13.37 -32.56
C THR D 14 -28.99 -13.86 -31.50
N ILE D 15 -28.04 -14.66 -31.93
CA ILE D 15 -27.11 -15.26 -31.01
C ILE D 15 -26.02 -14.26 -30.72
N CYS D 16 -25.69 -14.09 -29.45
CA CYS D 16 -24.61 -13.21 -29.07
C CYS D 16 -23.56 -13.94 -28.24
N TYR D 17 -22.33 -13.92 -28.74
CA TYR D 17 -21.16 -14.32 -28.00
C TYR D 17 -20.43 -13.05 -27.69
N THR D 18 -20.72 -12.50 -26.52
CA THR D 18 -20.22 -11.16 -26.24
C THR D 18 -19.58 -11.10 -24.91
N ASN D 19 -19.12 -9.91 -24.53
CA ASN D 19 -18.31 -9.80 -23.40
C ASN D 19 -19.13 -9.61 -22.13
N ASP D 20 -18.49 -9.91 -21.05
CA ASP D 20 -19.14 -10.02 -19.75
C ASP D 20 -19.65 -8.67 -19.22
N VAL D 21 -19.17 -7.55 -19.76
CA VAL D 21 -19.54 -6.28 -19.24
C VAL D 21 -20.89 -5.85 -19.78
N VAL D 22 -21.25 -6.34 -20.95
CA VAL D 22 -22.39 -5.84 -21.68
C VAL D 22 -23.48 -6.86 -22.01
N LYS D 23 -23.40 -8.09 -21.49
CA LYS D 23 -24.36 -9.12 -21.88
C LYS D 23 -25.79 -8.71 -21.58
N ASN D 24 -26.05 -8.24 -20.36
CA ASN D 24 -27.39 -7.85 -19.99
C ASN D 24 -27.93 -6.70 -20.82
N PHE D 25 -27.10 -5.68 -21.03
CA PHE D 25 -27.54 -4.50 -21.78
C PHE D 25 -27.79 -4.87 -23.20
N THR D 26 -26.91 -5.70 -23.75
CA THR D 26 -27.08 -6.13 -25.11
C THR D 26 -28.41 -6.91 -25.30
N ALA D 27 -28.68 -7.82 -24.39
CA ALA D 27 -29.89 -8.63 -24.47
C ALA D 27 -31.13 -7.71 -24.33
N ASN D 28 -31.07 -6.76 -23.39
CA ASN D 28 -32.18 -5.82 -23.23
C ASN D 28 -32.40 -4.94 -24.41
N GLY D 29 -31.33 -4.49 -25.05
CA GLY D 29 -31.47 -3.69 -26.26
C GLY D 29 -32.12 -4.48 -27.37
N LEU D 30 -31.65 -5.69 -27.58
CA LEU D 30 -32.25 -6.56 -28.60
C LEU D 30 -33.71 -6.87 -28.33
N LEU D 31 -34.03 -7.19 -27.08
CA LEU D 31 -35.43 -7.38 -26.70
C LEU D 31 -36.26 -6.16 -26.97
N SER D 32 -35.71 -4.99 -26.68
CA SER D 32 -36.43 -3.78 -26.89
C SER D 32 -36.86 -3.53 -28.33
N ILE D 33 -36.02 -3.86 -29.31
CA ILE D 33 -36.42 -3.68 -30.71
C ILE D 33 -37.22 -4.88 -31.27
N GLY D 34 -37.45 -5.90 -30.44
CA GLY D 34 -38.31 -7.02 -30.82
C GLY D 34 -37.55 -8.26 -31.25
N ALA D 35 -36.21 -8.22 -31.17
CA ALA D 35 -35.43 -9.42 -31.49
C ALA D 35 -35.50 -10.39 -30.31
N SER D 36 -35.00 -11.59 -30.55
CA SER D 36 -34.94 -12.61 -29.53
C SER D 36 -33.45 -12.94 -29.25
N PRO D 37 -32.86 -12.28 -28.29
CA PRO D 37 -31.46 -12.55 -28.05
C PRO D 37 -31.23 -13.93 -27.39
N ALA D 38 -30.12 -14.57 -27.72
CA ALA D 38 -29.67 -15.73 -26.99
C ALA D 38 -28.15 -15.65 -26.80
N MET D 39 -27.71 -15.57 -25.56
CA MET D 39 -26.29 -15.53 -25.27
C MET D 39 -25.75 -16.95 -25.07
N SER D 40 -25.69 -17.71 -26.15
CA SER D 40 -25.17 -19.07 -26.10
C SER D 40 -23.70 -19.01 -26.41
N GLU D 41 -22.89 -19.64 -25.57
CA GLU D 41 -21.44 -19.70 -25.76
C GLU D 41 -20.85 -21.11 -25.88
N ALA D 42 -21.69 -22.13 -25.68
CA ALA D 42 -21.23 -23.52 -25.74
C ALA D 42 -21.15 -23.97 -27.20
N PRO D 43 -19.94 -24.28 -27.69
CA PRO D 43 -19.88 -24.89 -29.02
C PRO D 43 -20.74 -26.15 -29.19
N GLU D 44 -20.99 -26.87 -28.11
CA GLU D 44 -21.80 -28.12 -28.16
C GLU D 44 -23.25 -27.89 -28.61
N GLU D 45 -23.75 -26.65 -28.56
CA GLU D 45 -25.12 -26.40 -28.99
C GLU D 45 -25.19 -25.45 -30.16
N ALA D 46 -24.03 -25.06 -30.69
CA ALA D 46 -24.00 -24.06 -31.75
C ALA D 46 -24.68 -24.56 -33.01
N GLU D 47 -24.45 -25.81 -33.37
CA GLU D 47 -25.09 -26.35 -34.58
C GLU D 47 -26.62 -26.27 -34.52
N GLU D 48 -27.19 -26.71 -33.41
CA GLU D 48 -28.64 -26.71 -33.26
C GLU D 48 -29.18 -25.30 -33.19
N PHE D 49 -28.52 -24.42 -32.46
CA PHE D 49 -28.96 -23.03 -32.38
C PHE D 49 -28.83 -22.27 -33.69
N TYR D 50 -27.74 -22.49 -34.41
CA TYR D 50 -27.44 -21.70 -35.61
C TYR D 50 -28.35 -22.00 -36.77
N LYS D 51 -28.84 -23.24 -36.82
CA LYS D 51 -29.76 -23.68 -37.87
C LYS D 51 -30.99 -22.76 -37.86
N VAL D 52 -31.43 -22.35 -36.70
CA VAL D 52 -32.66 -21.56 -36.61
C VAL D 52 -32.39 -20.03 -36.37
N ALA D 53 -31.14 -19.63 -36.16
CA ALA D 53 -30.84 -18.25 -35.86
C ALA D 53 -30.77 -17.40 -37.12
N GLN D 54 -30.88 -16.10 -36.92
CA GLN D 54 -30.78 -15.13 -38.02
C GLN D 54 -29.44 -14.41 -38.09
N ALA D 55 -28.70 -14.39 -36.99
CA ALA D 55 -27.33 -13.82 -36.97
C ALA D 55 -26.61 -14.24 -35.73
N LEU D 56 -25.28 -14.09 -35.78
CA LEU D 56 -24.39 -14.24 -34.67
C LEU D 56 -23.53 -13.00 -34.50
N LEU D 57 -23.49 -12.50 -33.28
CA LEU D 57 -22.53 -11.47 -32.89
C LEU D 57 -21.37 -12.15 -32.15
N ILE D 58 -20.16 -11.84 -32.58
CA ILE D 58 -18.96 -12.19 -31.88
C ILE D 58 -18.25 -10.91 -31.47
N ASN D 59 -18.14 -10.71 -30.17
CA ASN D 59 -17.54 -9.53 -29.62
C ASN D 59 -16.46 -10.03 -28.68
N ILE D 60 -15.21 -9.56 -28.87
CA ILE D 60 -14.07 -10.07 -28.09
C ILE D 60 -13.64 -9.19 -26.91
N GLY D 61 -14.57 -8.37 -26.45
CA GLY D 61 -14.28 -7.48 -25.34
C GLY D 61 -13.54 -8.08 -24.16
N THR D 62 -13.93 -9.27 -23.71
CA THR D 62 -13.22 -9.78 -22.57
C THR D 62 -12.53 -11.08 -22.96
N LEU D 63 -11.87 -11.07 -24.11
CA LEU D 63 -11.13 -12.23 -24.60
C LEU D 63 -10.16 -12.82 -23.57
N THR D 64 -10.28 -14.13 -23.34
CA THR D 64 -9.30 -14.86 -22.54
C THR D 64 -9.05 -16.23 -23.18
N ALA D 65 -8.07 -16.95 -22.65
CA ALA D 65 -7.71 -18.26 -23.19
C ALA D 65 -8.88 -19.25 -23.16
N GLN D 66 -9.77 -19.13 -22.17
CA GLN D 66 -11.00 -19.92 -22.10
C GLN D 66 -11.92 -19.73 -23.33
N ASN D 67 -11.89 -18.57 -23.97
CA ASN D 67 -12.76 -18.23 -25.11
C ASN D 67 -12.17 -18.55 -26.48
N GLU D 68 -10.83 -18.54 -26.61
CA GLU D 68 -10.24 -18.40 -27.96
C GLU D 68 -10.67 -19.50 -28.89
N GLN D 69 -10.48 -20.74 -28.43
CA GLN D 69 -10.77 -21.89 -29.30
C GLN D 69 -12.26 -22.04 -29.54
N ASP D 70 -13.06 -21.72 -28.52
CA ASP D 70 -14.51 -21.74 -28.67
C ASP D 70 -15.01 -20.76 -29.72
N ILE D 71 -14.45 -19.54 -29.73
CA ILE D 71 -14.86 -18.55 -30.70
C ILE D 71 -14.54 -18.98 -32.11
N ILE D 72 -13.34 -19.49 -32.30
CA ILE D 72 -12.96 -20.01 -33.61
C ILE D 72 -13.93 -21.12 -34.02
N ALA D 73 -14.18 -22.07 -33.11
CA ALA D 73 -15.08 -23.17 -33.42
C ALA D 73 -16.48 -22.70 -33.77
N ILE D 74 -17.05 -21.78 -33.02
CA ILE D 74 -18.40 -21.32 -33.35
C ILE D 74 -18.45 -20.49 -34.61
N ALA D 75 -17.41 -19.72 -34.90
CA ALA D 75 -17.39 -18.96 -36.16
C ALA D 75 -17.43 -19.93 -37.35
N GLN D 76 -16.69 -21.01 -37.25
CA GLN D 76 -16.69 -22.06 -38.30
C GLN D 76 -18.05 -22.76 -38.37
N THR D 77 -18.67 -23.04 -37.20
CA THR D 77 -20.03 -23.58 -37.20
C THR D 77 -21.03 -22.62 -37.88
N ALA D 78 -20.86 -21.33 -37.64
CA ALA D 78 -21.70 -20.32 -38.30
C ALA D 78 -21.55 -20.28 -39.82
N ASN D 79 -20.30 -20.24 -40.30
CA ASN D 79 -20.03 -20.29 -41.74
C ASN D 79 -20.69 -21.52 -42.36
N GLU D 80 -20.48 -22.70 -41.75
CA GLU D 80 -21.08 -23.96 -42.26
C GLU D 80 -22.62 -23.88 -42.26
N ALA D 81 -23.20 -23.16 -41.30
CA ALA D 81 -24.65 -23.03 -41.22
C ALA D 81 -25.20 -21.91 -42.12
N GLY D 82 -24.34 -21.09 -42.72
CA GLY D 82 -24.80 -19.92 -43.46
C GLY D 82 -25.32 -18.79 -42.58
N LEU D 83 -24.88 -18.77 -41.33
CA LEU D 83 -25.34 -17.78 -40.36
C LEU D 83 -24.40 -16.58 -40.40
N PRO D 84 -24.92 -15.41 -40.70
CA PRO D 84 -24.02 -14.26 -40.79
C PRO D 84 -23.44 -13.89 -39.43
N ILE D 85 -22.19 -13.44 -39.46
CA ILE D 85 -21.46 -13.04 -38.27
C ILE D 85 -21.21 -11.55 -38.30
N VAL D 86 -21.53 -10.90 -37.19
CA VAL D 86 -21.11 -9.53 -36.95
C VAL D 86 -19.94 -9.66 -35.99
N PHE D 87 -18.82 -9.08 -36.36
CA PHE D 87 -17.62 -9.21 -35.59
C PHE D 87 -17.22 -7.83 -35.05
N ASP D 88 -17.00 -7.77 -33.74
CA ASP D 88 -16.59 -6.57 -33.03
C ASP D 88 -15.23 -6.81 -32.38
N PRO D 89 -14.15 -6.35 -33.02
CA PRO D 89 -12.77 -6.55 -32.56
C PRO D 89 -12.38 -5.53 -31.50
N VAL D 90 -13.10 -5.59 -30.40
CA VAL D 90 -12.94 -4.64 -29.30
C VAL D 90 -11.48 -4.50 -28.83
N ALA D 91 -10.99 -3.26 -28.81
CA ALA D 91 -9.64 -2.91 -28.33
C ALA D 91 -8.52 -3.68 -29.03
N VAL D 92 -8.74 -4.08 -30.29
CA VAL D 92 -7.74 -4.86 -31.00
C VAL D 92 -6.40 -4.13 -31.09
N GLY D 93 -6.41 -2.81 -31.20
CA GLY D 93 -5.18 -2.05 -31.26
C GLY D 93 -4.47 -1.96 -29.92
N ALA D 94 -5.10 -2.39 -28.83
CA ALA D 94 -4.50 -2.24 -27.52
C ALA D 94 -3.55 -3.38 -27.12
N SER D 95 -3.62 -4.54 -27.77
CA SER D 95 -2.66 -5.62 -27.46
C SER D 95 -2.37 -6.53 -28.63
N THR D 96 -1.17 -7.06 -28.64
CA THR D 96 -0.78 -8.04 -29.62
C THR D 96 -1.61 -9.32 -29.46
N TYR D 97 -2.01 -9.64 -28.23
CA TYR D 97 -2.89 -10.77 -27.95
C TYR D 97 -4.17 -10.64 -28.76
N ARG D 98 -4.83 -9.48 -28.69
CA ARG D 98 -6.04 -9.31 -29.45
C ARG D 98 -5.77 -9.25 -30.96
N LYS D 99 -4.72 -8.54 -31.37
CA LYS D 99 -4.36 -8.44 -32.80
C LYS D 99 -4.17 -9.81 -33.41
N GLN D 100 -3.38 -10.63 -32.74
CA GLN D 100 -3.12 -11.98 -33.24
C GLN D 100 -4.39 -12.81 -33.28
N PHE D 101 -5.25 -12.68 -32.27
CA PHE D 101 -6.48 -13.44 -32.30
C PHE D 101 -7.41 -12.97 -33.43
N CYS D 102 -7.57 -11.68 -33.63
CA CYS D 102 -8.46 -11.20 -34.67
C CYS D 102 -7.94 -11.59 -36.08
N LYS D 103 -6.63 -11.52 -36.29
CA LYS D 103 -6.00 -12.01 -37.56
C LYS D 103 -6.33 -13.52 -37.73
N LEU D 104 -6.14 -14.30 -36.67
CA LEU D 104 -6.50 -15.71 -36.73
C LEU D 104 -7.97 -15.92 -37.07
N LEU D 105 -8.86 -15.19 -36.41
CA LEU D 105 -10.29 -15.36 -36.65
C LEU D 105 -10.65 -15.04 -38.06
N LEU D 106 -10.16 -13.91 -38.57
CA LEU D 106 -10.52 -13.48 -39.93
C LEU D 106 -9.86 -14.29 -41.03
N LYS D 107 -8.79 -15.00 -40.72
CA LYS D 107 -8.22 -16.00 -41.63
C LYS D 107 -9.09 -17.27 -41.58
N SER D 108 -9.76 -17.55 -40.46
CA SER D 108 -10.44 -18.83 -40.19
C SER D 108 -11.90 -18.85 -40.61
N ALA D 109 -12.50 -17.67 -40.71
CA ALA D 109 -13.93 -17.58 -40.95
C ALA D 109 -14.29 -16.32 -41.73
N LYS D 110 -15.35 -16.39 -42.52
CA LYS D 110 -15.85 -15.22 -43.25
C LYS D 110 -16.87 -14.56 -42.36
N VAL D 111 -16.72 -13.26 -42.11
CA VAL D 111 -17.74 -12.54 -41.36
C VAL D 111 -18.52 -11.66 -42.31
N SER D 112 -19.67 -11.19 -41.85
CA SER D 112 -20.58 -10.42 -42.70
C SER D 112 -20.53 -8.92 -42.42
N VAL D 113 -20.16 -8.54 -41.21
CA VAL D 113 -19.99 -7.13 -40.85
C VAL D 113 -18.84 -7.12 -39.88
N ILE D 114 -17.94 -6.15 -40.05
CA ILE D 114 -16.91 -5.85 -39.06
C ILE D 114 -17.19 -4.47 -38.54
N LYS D 115 -17.36 -4.33 -37.24
CA LYS D 115 -17.77 -3.10 -36.59
C LYS D 115 -16.73 -2.73 -35.55
N GLY D 116 -16.27 -1.49 -35.59
CA GLY D 116 -15.40 -1.00 -34.55
C GLY D 116 -15.23 0.48 -34.62
N ASN D 117 -14.45 1.05 -33.70
CA ASN D 117 -14.10 2.42 -33.82
C ASN D 117 -12.92 2.57 -34.79
N ALA D 118 -12.53 3.79 -35.09
CA ALA D 118 -11.50 4.01 -36.15
C ALA D 118 -10.18 3.36 -35.78
N SER D 119 -9.82 3.47 -34.51
CA SER D 119 -8.58 2.90 -33.99
C SER D 119 -8.57 1.38 -34.12
N GLU D 120 -9.70 0.76 -33.83
CA GLU D 120 -9.83 -0.69 -33.96
C GLU D 120 -9.72 -1.17 -35.42
N ILE D 121 -10.44 -0.54 -36.33
CA ILE D 121 -10.40 -0.96 -37.72
C ILE D 121 -9.01 -0.65 -38.33
N LEU D 122 -8.41 0.46 -37.93
CA LEU D 122 -7.07 0.80 -38.39
C LEU D 122 -6.04 -0.27 -37.97
N ALA D 123 -6.16 -0.72 -36.74
CA ALA D 123 -5.28 -1.76 -36.19
C ALA D 123 -5.46 -3.08 -36.94
N LEU D 124 -6.67 -3.39 -37.38
CA LEU D 124 -6.90 -4.59 -38.22
C LEU D 124 -6.21 -4.53 -39.57
N ILE D 125 -6.19 -3.37 -40.18
CA ILE D 125 -5.64 -3.28 -41.53
C ILE D 125 -4.13 -3.06 -41.46
N ASP D 126 -3.62 -2.74 -40.29
CA ASP D 126 -2.25 -3.21 -39.87
C ASP D 126 -1.27 -2.09 -39.55
N LEU D 140 -7.65 10.60 -37.46
CA LEU D 140 -8.04 9.38 -38.19
C LEU D 140 -9.20 9.65 -39.15
N ASP D 141 -9.01 9.34 -40.44
CA ASP D 141 -9.97 9.61 -41.49
C ASP D 141 -10.85 8.35 -41.72
N ALA D 142 -12.02 8.35 -41.13
CA ALA D 142 -12.77 7.08 -40.92
C ALA D 142 -13.30 6.54 -42.27
N VAL D 143 -13.66 7.42 -43.20
CA VAL D 143 -14.10 6.94 -44.48
C VAL D 143 -12.97 6.23 -45.25
N THR D 144 -11.78 6.83 -45.25
CA THR D 144 -10.62 6.17 -45.88
C THR D 144 -10.31 4.87 -45.23
N ILE D 145 -10.31 4.83 -43.89
CA ILE D 145 -10.04 3.59 -43.18
C ILE D 145 -11.08 2.52 -43.52
N ALA D 146 -12.36 2.88 -43.51
CA ALA D 146 -13.44 1.93 -43.85
C ALA D 146 -13.37 1.43 -45.26
N LYS D 147 -13.04 2.27 -46.22
CA LYS D 147 -12.84 1.82 -47.58
C LYS D 147 -11.63 0.88 -47.75
N LYS D 148 -10.52 1.19 -47.08
CA LYS D 148 -9.34 0.26 -47.12
C LYS D 148 -9.71 -1.07 -46.52
N ALA D 149 -10.42 -1.08 -45.38
CA ALA D 149 -10.81 -2.33 -44.79
C ALA D 149 -11.73 -3.12 -45.69
N TYR D 150 -12.68 -2.44 -46.32
CA TYR D 150 -13.61 -3.11 -47.21
C TYR D 150 -12.83 -3.75 -48.40
N ALA D 151 -11.86 -3.03 -48.96
CA ALA D 151 -11.04 -3.58 -50.01
C ALA D 151 -10.31 -4.83 -49.52
N ILE D 152 -9.87 -4.87 -48.28
CA ILE D 152 -9.11 -6.05 -47.79
C ILE D 152 -10.04 -7.24 -47.49
N TYR D 153 -11.15 -6.99 -46.81
CA TYR D 153 -11.97 -8.08 -46.29
C TYR D 153 -13.18 -8.39 -47.15
N LYS D 154 -13.51 -7.50 -48.10
CA LYS D 154 -14.74 -7.61 -48.94
C LYS D 154 -15.98 -7.95 -48.09
N THR D 155 -16.12 -7.20 -47.01
CA THR D 155 -17.09 -7.46 -45.94
C THR D 155 -17.52 -6.06 -45.52
N ALA D 156 -18.80 -5.89 -45.21
CA ALA D 156 -19.31 -4.61 -44.75
C ALA D 156 -18.49 -4.15 -43.55
N ILE D 157 -18.21 -2.86 -43.51
CA ILE D 157 -17.44 -2.28 -42.44
C ILE D 157 -18.30 -1.18 -41.83
N VAL D 158 -18.39 -1.16 -40.52
CA VAL D 158 -19.05 -0.09 -39.79
C VAL D 158 -18.05 0.49 -38.85
N ILE D 159 -17.74 1.76 -38.99
CA ILE D 159 -16.88 2.45 -38.05
C ILE D 159 -17.71 3.48 -37.24
N THR D 160 -17.78 3.25 -35.95
CA THR D 160 -18.49 4.16 -35.07
C THR D 160 -17.55 5.28 -34.63
N GLY D 161 -18.12 6.43 -34.32
CA GLY D 161 -17.34 7.61 -34.00
C GLY D 161 -18.27 8.77 -33.82
N LYS D 162 -17.75 9.99 -33.85
CA LYS D 162 -18.58 11.19 -33.77
C LYS D 162 -19.65 11.14 -34.91
N GLU D 163 -19.19 10.88 -36.13
CA GLU D 163 -20.08 10.48 -37.24
C GLU D 163 -19.76 9.00 -37.54
N ASP D 164 -20.78 8.23 -37.83
CA ASP D 164 -20.60 6.82 -38.09
C ASP D 164 -20.43 6.63 -39.61
N VAL D 165 -19.57 5.69 -39.97
CA VAL D 165 -19.30 5.37 -41.35
C VAL D 165 -19.69 3.93 -41.65
N ILE D 166 -20.38 3.68 -42.77
CA ILE D 166 -20.68 2.39 -43.20
C ILE D 166 -20.22 2.25 -44.68
N VAL D 167 -19.49 1.17 -44.95
CA VAL D 167 -19.07 0.86 -46.34
C VAL D 167 -19.56 -0.54 -46.64
N GLN D 168 -20.36 -0.68 -47.68
CA GLN D 168 -20.81 -1.96 -48.15
C GLN D 168 -21.03 -1.88 -49.62
N GLY D 169 -20.50 -2.86 -50.33
CA GLY D 169 -20.57 -2.86 -51.75
C GLY D 169 -20.00 -1.56 -52.37
N ASP D 170 -20.77 -0.92 -53.24
CA ASP D 170 -20.27 0.22 -53.99
C ASP D 170 -20.63 1.56 -53.34
N LYS D 171 -21.00 1.54 -52.05
CA LYS D 171 -21.31 2.78 -51.36
C LYS D 171 -20.59 2.95 -50.03
N ALA D 172 -20.29 4.20 -49.72
CA ALA D 172 -19.86 4.59 -48.38
C ALA D 172 -20.73 5.77 -47.87
N ILE D 173 -21.18 5.66 -46.61
CA ILE D 173 -22.14 6.57 -46.10
C ILE D 173 -21.62 7.04 -44.77
N VAL D 174 -21.79 8.33 -44.51
CA VAL D 174 -21.51 8.92 -43.20
C VAL D 174 -22.84 9.39 -42.58
N LEU D 175 -23.09 8.97 -41.35
CA LEU D 175 -24.34 9.23 -40.66
C LEU D 175 -23.99 10.18 -39.53
N ALA D 176 -24.97 10.99 -39.13
CA ALA D 176 -24.72 11.96 -38.08
C ALA D 176 -25.87 12.06 -37.08
N ASN D 177 -26.31 10.95 -36.52
CA ASN D 177 -27.29 10.99 -35.40
C ASN D 177 -26.67 10.57 -34.12
N GLY D 178 -27.37 10.79 -33.02
CA GLY D 178 -26.93 10.22 -31.75
C GLY D 178 -26.83 11.27 -30.68
N SER D 179 -26.20 10.89 -29.58
CA SER D 179 -26.08 11.75 -28.41
C SER D 179 -24.74 11.46 -27.76
N PRO D 180 -24.11 12.49 -27.20
CA PRO D 180 -22.90 12.32 -26.41
C PRO D 180 -23.09 11.38 -25.22
N LEU D 181 -24.31 11.33 -24.66
CA LEU D 181 -24.56 10.44 -23.51
C LEU D 181 -24.30 9.00 -23.86
N LEU D 182 -24.41 8.60 -25.12
CA LEU D 182 -24.03 7.24 -25.49
C LEU D 182 -22.60 6.83 -25.13
N ALA D 183 -21.66 7.74 -25.21
CA ALA D 183 -20.28 7.39 -24.82
C ALA D 183 -20.13 7.19 -23.32
N ARG D 184 -21.15 7.53 -22.54
CA ARG D 184 -20.99 7.49 -21.09
C ARG D 184 -21.76 6.33 -20.56
N VAL D 185 -22.25 5.48 -21.45
CA VAL D 185 -22.94 4.28 -21.07
C VAL D 185 -22.08 3.13 -21.53
N THR D 186 -21.66 2.24 -20.61
CA THR D 186 -20.76 1.17 -21.03
C THR D 186 -21.50 0.23 -21.94
N GLY D 187 -20.77 -0.15 -22.99
CA GLY D 187 -21.28 -1.08 -23.94
C GLY D 187 -22.29 -0.53 -24.92
N ALA D 188 -22.37 0.79 -25.08
CA ALA D 188 -23.27 1.36 -26.13
C ALA D 188 -22.89 0.71 -27.43
N GLY D 189 -21.62 0.79 -27.79
CA GLY D 189 -21.24 0.37 -29.12
C GLY D 189 -21.34 -1.15 -29.18
N CYS D 190 -21.16 -1.80 -28.03
CA CYS D 190 -21.25 -3.25 -27.98
C CYS D 190 -22.71 -3.68 -28.24
N LEU D 191 -23.65 -2.90 -27.70
CA LEU D 191 -25.06 -3.12 -28.00
C LEU D 191 -25.32 -2.84 -29.46
N LEU D 192 -24.68 -1.81 -30.00
CA LEU D 192 -24.91 -1.56 -31.42
C LEU D 192 -24.55 -2.78 -32.29
N GLY D 193 -23.49 -3.48 -31.94
CA GLY D 193 -23.09 -4.70 -32.62
C GLY D 193 -24.23 -5.69 -32.64
N GLY D 194 -24.84 -5.85 -31.48
CA GLY D 194 -26.03 -6.70 -31.34
C GLY D 194 -27.20 -6.24 -32.18
N ILE D 195 -27.44 -4.94 -32.17
CA ILE D 195 -28.56 -4.37 -32.95
C ILE D 195 -28.33 -4.66 -34.42
N ILE D 196 -27.11 -4.43 -34.89
CA ILE D 196 -26.82 -4.72 -36.29
C ILE D 196 -27.11 -6.21 -36.60
N ALA D 197 -26.65 -7.11 -35.75
CA ALA D 197 -26.92 -8.52 -35.96
C ALA D 197 -28.43 -8.75 -36.06
N GLY D 198 -29.20 -8.02 -35.25
CA GLY D 198 -30.66 -8.12 -35.32
C GLY D 198 -31.29 -7.76 -36.65
N PHE D 199 -30.57 -6.98 -37.45
CA PHE D 199 -31.11 -6.45 -38.73
C PHE D 199 -30.72 -7.35 -39.91
N LEU D 200 -29.96 -8.43 -39.67
CA LEU D 200 -29.38 -9.17 -40.81
C LEU D 200 -30.31 -10.16 -41.49
N PHE D 201 -31.21 -10.78 -40.72
CA PHE D 201 -32.17 -11.74 -41.30
C PHE D 201 -31.47 -12.79 -42.14
N ARG D 202 -30.38 -13.31 -41.61
CA ARG D 202 -29.66 -14.43 -42.21
C ARG D 202 -29.07 -14.09 -43.59
N GLU D 203 -28.88 -12.82 -43.89
CA GLU D 203 -28.19 -12.39 -45.12
C GLU D 203 -26.71 -12.27 -44.84
N THR D 204 -25.93 -13.06 -45.53
CA THR D 204 -24.51 -13.08 -45.25
C THR D 204 -23.83 -11.92 -45.96
N GLU D 205 -24.50 -11.30 -46.92
CA GLU D 205 -24.02 -10.05 -47.54
C GLU D 205 -25.11 -8.95 -47.40
N PRO D 206 -25.24 -8.39 -46.21
CA PRO D 206 -26.42 -7.53 -46.01
C PRO D 206 -26.47 -6.27 -46.91
N ASP D 207 -27.68 -5.85 -47.26
CA ASP D 207 -27.91 -4.62 -47.98
C ASP D 207 -27.41 -3.50 -47.09
N ILE D 208 -26.73 -2.52 -47.70
CA ILE D 208 -26.31 -1.34 -46.97
C ILE D 208 -27.52 -0.66 -46.27
N GLU D 209 -28.69 -0.73 -46.88
CA GLU D 209 -29.86 -0.12 -46.24
C GLU D 209 -30.18 -0.75 -44.85
N ALA D 210 -30.00 -2.05 -44.68
CA ALA D 210 -30.23 -2.70 -43.40
C ALA D 210 -29.23 -2.16 -42.38
N LEU D 211 -28.00 -1.97 -42.80
CA LEU D 211 -26.96 -1.46 -41.87
C LEU D 211 -27.21 0.00 -41.49
N ILE D 212 -27.62 0.82 -42.46
CA ILE D 212 -27.95 2.22 -42.19
C ILE D 212 -29.11 2.30 -41.23
N GLU D 213 -30.12 1.45 -41.45
CA GLU D 213 -31.29 1.43 -40.56
C GLU D 213 -30.90 1.03 -39.14
N ALA D 214 -30.10 -0.01 -39.00
CA ALA D 214 -29.64 -0.44 -37.71
C ALA D 214 -28.95 0.67 -36.93
N VAL D 215 -27.96 1.29 -37.56
CA VAL D 215 -27.20 2.35 -36.91
C VAL D 215 -28.10 3.53 -36.61
N SER D 216 -28.99 3.85 -37.53
CA SER D 216 -29.85 5.05 -37.41
C SER D 216 -30.88 4.83 -36.34
N VAL D 217 -31.44 3.63 -36.26
CA VAL D 217 -32.46 3.32 -35.24
C VAL D 217 -31.79 3.56 -33.90
N PHE D 218 -30.58 3.02 -33.74
CA PHE D 218 -29.90 3.12 -32.47
C PHE D 218 -29.57 4.54 -32.12
N ASN D 219 -29.00 5.28 -33.05
CA ASN D 219 -28.65 6.64 -32.78
C ASN D 219 -29.79 7.63 -32.65
N ILE D 220 -30.85 7.44 -33.42
CA ILE D 220 -32.04 8.26 -33.29
C ILE D 220 -32.72 7.98 -31.96
N ALA D 221 -32.80 6.70 -31.57
CA ALA D 221 -33.34 6.42 -30.22
C ALA D 221 -32.53 7.10 -29.11
N ALA D 222 -31.21 7.11 -29.24
CA ALA D 222 -30.34 7.80 -28.31
C ALA D 222 -30.61 9.29 -28.25
N GLU D 223 -30.78 9.89 -29.39
CA GLU D 223 -31.08 11.30 -29.50
C GLU D 223 -32.39 11.66 -28.80
N VAL D 224 -33.42 10.88 -29.07
CA VAL D 224 -34.72 11.10 -28.47
C VAL D 224 -34.73 10.83 -26.98
N ALA D 225 -34.09 9.75 -26.55
CA ALA D 225 -33.99 9.48 -25.14
C ALA D 225 -33.31 10.66 -24.42
N ALA D 226 -32.26 11.21 -24.99
CA ALA D 226 -31.48 12.25 -24.28
C ALA D 226 -32.31 13.55 -24.16
N GLU D 227 -33.27 13.75 -25.08
CA GLU D 227 -34.17 14.91 -25.02
C GLU D 227 -35.28 14.72 -24.02
N ASN D 228 -35.49 13.52 -23.53
CA ASN D 228 -36.59 13.27 -22.64
C ASN D 228 -36.41 14.07 -21.37
N GLU D 229 -37.51 14.62 -20.85
CA GLU D 229 -37.41 15.51 -19.69
C GLU D 229 -36.93 14.74 -18.42
N ASN D 230 -37.09 13.42 -18.39
CA ASN D 230 -36.59 12.61 -17.32
C ASN D 230 -35.17 12.09 -17.50
N CYS D 231 -34.49 12.49 -18.57
CA CYS D 231 -33.08 12.09 -18.73
C CYS D 231 -32.23 13.07 -17.91
N GLY D 232 -31.65 12.63 -16.84
CA GLY D 232 -30.87 13.48 -15.94
C GLY D 232 -29.38 13.22 -16.02
N GLY D 233 -28.97 12.34 -16.90
CA GLY D 233 -27.57 11.96 -16.99
C GLY D 233 -27.42 10.54 -17.52
N PRO D 234 -26.17 10.02 -17.54
CA PRO D 234 -25.98 8.74 -18.19
C PRO D 234 -26.70 7.59 -17.50
N GLY D 235 -26.94 7.68 -16.22
CA GLY D 235 -27.62 6.61 -15.47
C GLY D 235 -29.05 6.53 -15.91
N THR D 236 -29.77 7.66 -15.91
CA THR D 236 -31.18 7.63 -16.32
C THR D 236 -31.37 7.46 -17.80
N PHE D 237 -30.35 7.87 -18.59
CA PHE D 237 -30.38 7.74 -20.01
C PHE D 237 -30.58 6.30 -20.50
N SER D 238 -29.90 5.38 -19.86
CA SER D 238 -29.91 4.01 -20.34
C SER D 238 -31.34 3.37 -20.33
N PRO D 239 -32.06 3.42 -19.21
CA PRO D 239 -33.46 2.95 -19.25
C PRO D 239 -34.29 3.70 -20.28
N LEU D 240 -34.07 5.00 -20.41
CA LEU D 240 -34.79 5.75 -21.43
C LEU D 240 -34.46 5.35 -22.89
N LEU D 241 -33.20 5.00 -23.12
CA LEU D 241 -32.79 4.52 -24.42
C LEU D 241 -33.57 3.25 -24.80
N LEU D 242 -33.64 2.34 -23.87
CA LEU D 242 -34.40 1.13 -24.09
C LEU D 242 -35.89 1.41 -24.34
N ASP D 243 -36.51 2.30 -23.55
CA ASP D 243 -37.91 2.65 -23.79
C ASP D 243 -38.06 3.20 -25.22
N THR D 244 -37.14 4.04 -25.62
CA THR D 244 -37.20 4.72 -26.92
C THR D 244 -37.06 3.75 -28.08
N LEU D 245 -36.13 2.80 -27.96
CA LEU D 245 -35.99 1.74 -28.95
C LEU D 245 -37.29 0.98 -29.05
N TYR D 246 -37.88 0.67 -27.91
CA TYR D 246 -39.11 -0.09 -27.90
C TYR D 246 -40.25 0.62 -28.65
N HIS D 247 -40.32 1.93 -28.51
CA HIS D 247 -41.43 2.70 -29.04
C HIS D 247 -41.15 3.37 -30.38
N LEU D 248 -39.90 3.35 -30.83
CA LEU D 248 -39.51 4.16 -31.98
C LEU D 248 -40.44 3.88 -33.18
N ASN D 249 -40.98 4.93 -33.76
CA ASN D 249 -41.87 4.76 -34.91
C ASN D 249 -41.28 5.35 -36.19
N GLU D 250 -41.96 5.12 -37.30
CA GLU D 250 -41.49 5.57 -38.62
C GLU D 250 -41.41 7.07 -38.71
N THR D 251 -42.38 7.75 -38.13
CA THR D 251 -42.43 9.19 -38.24
C THR D 251 -41.23 9.82 -37.59
N THR D 252 -40.93 9.36 -36.38
CA THR D 252 -39.77 9.87 -35.67
C THR D 252 -38.51 9.55 -36.49
N TYR D 253 -38.43 8.33 -37.02
CA TYR D 253 -37.21 7.90 -37.71
C TYR D 253 -36.98 8.80 -38.93
N GLN D 254 -38.03 8.95 -39.73
CA GLN D 254 -37.93 9.78 -40.94
C GLN D 254 -37.71 11.26 -40.66
N GLN D 255 -38.31 11.82 -39.61
CA GLN D 255 -38.02 13.21 -39.23
C GLN D 255 -36.59 13.43 -38.74
N ARG D 256 -35.99 12.44 -38.07
CA ARG D 256 -34.71 12.71 -37.42
C ARG D 256 -33.48 12.23 -38.19
N ILE D 257 -33.64 11.31 -39.11
CA ILE D 257 -32.47 10.67 -39.71
C ILE D 257 -31.63 11.71 -40.42
N ARG D 258 -30.33 11.70 -40.19
CA ARG D 258 -29.41 12.66 -40.82
C ARG D 258 -28.28 11.93 -41.50
N ILE D 259 -28.32 11.99 -42.81
CA ILE D 259 -27.16 11.53 -43.55
C ILE D 259 -26.22 12.71 -43.81
N GLN D 260 -24.94 12.51 -43.55
CA GLN D 260 -23.97 13.60 -43.74
C GLN D 260 -23.43 13.60 -45.12
N GLU D 261 -23.01 12.44 -45.56
CA GLU D 261 -22.62 12.32 -46.92
C GLU D 261 -22.55 10.87 -47.42
N VAL D 262 -22.62 10.75 -48.71
CA VAL D 262 -22.55 9.46 -49.38
C VAL D 262 -21.55 9.63 -50.50
N GLU D 263 -20.68 8.65 -50.60
CA GLU D 263 -19.85 8.61 -51.76
C GLU D 263 -19.74 7.21 -52.41
N GLU D 264 -19.25 7.18 -53.60
CA GLU D 264 -19.09 5.91 -54.34
C GLU D 264 -17.88 5.20 -53.73
N ASN D 265 -17.95 3.87 -53.63
CA ASN D 265 -16.83 3.04 -53.19
C ASN D 265 -16.54 2.09 -54.42
N LEU D 266 -15.54 2.40 -55.24
CA LEU D 266 -15.12 1.51 -56.36
C LEU D 266 -14.21 0.41 -55.80
N TYR D 267 -14.58 -0.86 -55.96
CA TYR D 267 -13.77 -1.89 -55.26
C TYR D 267 -12.79 -2.77 -56.01
N GLN D 268 -13.06 -3.17 -57.24
CA GLN D 268 -12.02 -4.02 -57.96
C GLN D 268 -12.02 -5.50 -57.50
N ASN E 2 -7.76 19.33 -7.00
CA ASN E 2 -8.97 18.47 -6.85
C ASN E 2 -9.00 17.24 -7.82
N TYR E 3 -9.10 16.05 -7.23
CA TYR E 3 -8.84 14.83 -8.00
C TYR E 3 -9.93 14.56 -9.00
N LEU E 4 -11.18 14.82 -8.64
CA LEU E 4 -12.27 14.49 -9.53
C LEU E 4 -12.19 15.30 -10.82
N ASN E 5 -11.81 16.57 -10.69
CA ASN E 5 -11.61 17.40 -11.87
C ASN E 5 -10.57 16.79 -12.81
N ASN E 6 -9.51 16.26 -12.23
CA ASN E 6 -8.45 15.65 -13.03
C ASN E 6 -8.90 14.35 -13.65
N ILE E 7 -9.76 13.58 -12.97
CA ILE E 7 -10.30 12.41 -13.59
C ILE E 7 -11.11 12.79 -14.84
N ARG E 8 -11.97 13.79 -14.71
CA ARG E 8 -12.85 14.22 -15.82
C ARG E 8 -12.06 14.75 -17.03
N ILE E 9 -10.91 15.33 -16.78
CA ILE E 9 -10.05 15.86 -17.86
C ILE E 9 -9.12 14.80 -18.44
N GLU E 10 -8.50 14.00 -17.58
CA GLU E 10 -7.51 13.05 -18.02
C GLU E 10 -8.07 11.68 -18.39
N ASN E 11 -9.30 11.35 -17.96
CA ASN E 11 -9.94 10.09 -18.34
C ASN E 11 -9.02 8.84 -18.09
N PRO E 12 -8.52 8.70 -16.85
CA PRO E 12 -7.55 7.66 -16.52
C PRO E 12 -8.06 6.23 -16.86
N LEU E 13 -7.24 5.50 -17.59
CA LEU E 13 -7.47 4.12 -17.84
C LEU E 13 -7.37 3.32 -16.53
N THR E 14 -8.46 2.66 -16.18
CA THR E 14 -8.60 1.99 -14.92
C THR E 14 -8.97 0.54 -15.19
N ILE E 15 -8.05 -0.36 -14.94
CA ILE E 15 -8.25 -1.77 -15.28
C ILE E 15 -8.99 -2.42 -14.12
N CYS E 16 -10.04 -3.16 -14.45
CA CYS E 16 -10.81 -3.83 -13.42
C CYS E 16 -10.88 -5.31 -13.69
N TYR E 17 -10.38 -6.07 -12.71
CA TYR E 17 -10.56 -7.52 -12.66
C TYR E 17 -11.54 -7.71 -11.51
N THR E 18 -12.80 -7.80 -11.86
CA THR E 18 -13.80 -7.80 -10.85
C THR E 18 -14.79 -8.92 -11.06
N ASN E 19 -15.74 -8.99 -10.16
CA ASN E 19 -16.65 -10.09 -10.14
C ASN E 19 -17.80 -9.91 -11.14
N ASP E 20 -18.37 -11.04 -11.51
CA ASP E 20 -19.35 -11.11 -12.58
C ASP E 20 -20.68 -10.46 -12.22
N VAL E 21 -20.94 -10.19 -10.95
CA VAL E 21 -22.23 -9.58 -10.60
C VAL E 21 -22.18 -8.06 -10.83
N VAL E 22 -21.00 -7.47 -10.80
CA VAL E 22 -20.90 -6.02 -10.73
C VAL E 22 -20.12 -5.40 -11.86
N LYS E 23 -19.73 -6.17 -12.90
CA LYS E 23 -18.86 -5.59 -13.93
C LYS E 23 -19.52 -4.39 -14.57
N ASN E 24 -20.76 -4.53 -15.00
CA ASN E 24 -21.41 -3.48 -15.80
C ASN E 24 -21.58 -2.23 -14.94
N PHE E 25 -22.02 -2.42 -13.71
CA PHE E 25 -22.21 -1.31 -12.79
C PHE E 25 -20.90 -0.64 -12.46
N THR E 26 -19.83 -1.42 -12.27
CA THR E 26 -18.57 -0.83 -11.97
C THR E 26 -18.07 -0.01 -13.17
N ALA E 27 -18.18 -0.55 -14.35
CA ALA E 27 -17.79 0.19 -15.56
C ALA E 27 -18.59 1.49 -15.70
N ASN E 28 -19.90 1.42 -15.49
CA ASN E 28 -20.74 2.58 -15.60
C ASN E 28 -20.44 3.63 -14.56
N GLY E 29 -20.09 3.22 -13.36
CA GLY E 29 -19.70 4.17 -12.33
C GLY E 29 -18.44 4.88 -12.67
N LEU E 30 -17.46 4.12 -13.14
CA LEU E 30 -16.20 4.71 -13.58
C LEU E 30 -16.39 5.65 -14.76
N LEU E 31 -17.17 5.23 -15.73
CA LEU E 31 -17.51 6.14 -16.87
C LEU E 31 -18.17 7.44 -16.38
N SER E 32 -19.07 7.32 -15.40
CA SER E 32 -19.83 8.46 -14.96
C SER E 32 -18.92 9.51 -14.35
N ILE E 33 -17.85 9.12 -13.61
CA ILE E 33 -16.93 10.12 -13.06
C ILE E 33 -15.84 10.57 -14.07
N GLY E 34 -15.84 10.01 -15.28
CA GLY E 34 -14.92 10.40 -16.35
C GLY E 34 -13.70 9.51 -16.53
N ALA E 35 -13.65 8.39 -15.81
CA ALA E 35 -12.54 7.44 -15.95
C ALA E 35 -12.82 6.59 -17.20
N SER E 36 -11.81 5.82 -17.60
CA SER E 36 -11.90 4.94 -18.74
C SER E 36 -11.73 3.51 -18.21
N PRO E 37 -12.84 2.85 -17.87
CA PRO E 37 -12.73 1.50 -17.37
C PRO E 37 -12.35 0.51 -18.49
N ALA E 38 -11.58 -0.50 -18.12
CA ALA E 38 -11.31 -1.62 -19.01
C ALA E 38 -11.31 -2.93 -18.16
N MET E 39 -12.22 -3.83 -18.47
CA MET E 39 -12.33 -5.10 -17.74
C MET E 39 -11.51 -6.15 -18.52
N SER E 40 -10.20 -6.04 -18.47
CA SER E 40 -9.29 -7.01 -19.06
C SER E 40 -8.93 -8.02 -17.99
N GLU E 41 -9.09 -9.30 -18.33
CA GLU E 41 -8.81 -10.40 -17.44
C GLU E 41 -7.74 -11.39 -17.97
N ALA E 42 -7.26 -11.20 -19.21
CA ALA E 42 -6.31 -12.09 -19.82
C ALA E 42 -4.90 -11.69 -19.36
N PRO E 43 -4.20 -12.61 -18.69
CA PRO E 43 -2.80 -12.31 -18.38
C PRO E 43 -1.93 -12.04 -19.60
N GLU E 44 -2.29 -12.62 -20.74
CA GLU E 44 -1.56 -12.41 -21.99
C GLU E 44 -1.51 -10.93 -22.49
N GLU E 45 -2.39 -10.06 -22.02
CA GLU E 45 -2.36 -8.64 -22.46
C GLU E 45 -2.09 -7.69 -21.32
N ALA E 46 -1.82 -8.25 -20.14
CA ALA E 46 -1.65 -7.43 -18.94
C ALA E 46 -0.43 -6.52 -19.05
N GLU E 47 0.68 -7.03 -19.56
CA GLU E 47 1.89 -6.20 -19.70
C GLU E 47 1.63 -4.96 -20.58
N GLU E 48 1.03 -5.17 -21.74
CA GLU E 48 0.71 -4.06 -22.63
C GLU E 48 -0.32 -3.07 -22.05
N PHE E 49 -1.40 -3.56 -21.45
CA PHE E 49 -2.41 -2.70 -20.87
C PHE E 49 -1.88 -1.93 -19.68
N TYR E 50 -1.11 -2.59 -18.83
CA TYR E 50 -0.69 -1.99 -17.56
C TYR E 50 0.30 -0.85 -17.75
N LYS E 51 1.10 -0.93 -18.80
CA LYS E 51 2.08 0.11 -19.12
C LYS E 51 1.35 1.47 -19.24
N VAL E 52 0.14 1.46 -19.78
CA VAL E 52 -0.57 2.69 -20.01
C VAL E 52 -1.69 3.00 -18.97
N ALA E 53 -1.98 2.04 -18.10
CA ALA E 53 -3.07 2.20 -17.14
C ALA E 53 -2.65 3.03 -15.94
N GLN E 54 -3.66 3.53 -15.21
CA GLN E 54 -3.44 4.31 -14.01
C GLN E 54 -3.68 3.56 -12.72
N ALA E 55 -4.44 2.48 -12.79
CA ALA E 55 -4.66 1.61 -11.66
C ALA E 55 -5.27 0.32 -12.10
N LEU E 56 -5.18 -0.66 -11.23
CA LEU E 56 -5.83 -1.95 -11.35
C LEU E 56 -6.67 -2.21 -10.11
N LEU E 57 -7.91 -2.60 -10.34
CA LEU E 57 -8.76 -3.14 -9.28
C LEU E 57 -8.77 -4.66 -9.37
N ILE E 58 -8.49 -5.31 -8.27
CA ILE E 58 -8.71 -6.75 -8.13
C ILE E 58 -9.79 -6.95 -7.08
N ASN E 59 -10.89 -7.56 -7.49
CA ASN E 59 -12.02 -7.85 -6.60
C ASN E 59 -12.30 -9.35 -6.73
N ILE E 60 -12.35 -10.08 -5.61
CA ILE E 60 -12.47 -11.55 -5.66
C ILE E 60 -13.89 -12.07 -5.39
N GLY E 61 -14.85 -11.21 -5.60
CA GLY E 61 -16.23 -11.56 -5.35
C GLY E 61 -16.67 -12.91 -5.90
N THR E 62 -16.29 -13.23 -7.13
CA THR E 62 -16.75 -14.53 -7.61
C THR E 62 -15.56 -15.42 -7.88
N LEU E 63 -14.63 -15.47 -6.92
CA LEU E 63 -13.43 -16.29 -7.05
C LEU E 63 -13.73 -17.74 -7.37
N THR E 64 -13.08 -18.25 -8.41
CA THR E 64 -13.13 -19.68 -8.72
C THR E 64 -11.75 -20.15 -9.15
N ALA E 65 -11.60 -21.46 -9.31
CA ALA E 65 -10.32 -22.05 -9.74
C ALA E 65 -9.85 -21.47 -11.07
N GLN E 66 -10.77 -21.13 -11.98
CA GLN E 66 -10.44 -20.46 -13.26
C GLN E 66 -9.69 -19.13 -13.10
N ASN E 67 -9.92 -18.43 -11.98
CA ASN E 67 -9.37 -17.09 -11.71
C ASN E 67 -8.07 -17.10 -10.91
N GLU E 68 -7.86 -18.12 -10.07
CA GLU E 68 -6.86 -17.98 -9.02
C GLU E 68 -5.48 -17.68 -9.56
N GLN E 69 -5.00 -18.51 -10.48
CA GLN E 69 -3.64 -18.34 -10.98
C GLN E 69 -3.52 -17.07 -11.81
N ASP E 70 -4.57 -16.76 -12.57
CA ASP E 70 -4.59 -15.53 -13.36
C ASP E 70 -4.50 -14.27 -12.51
N ILE E 71 -5.23 -14.23 -11.41
CA ILE E 71 -5.14 -13.09 -10.49
C ILE E 71 -3.73 -12.92 -9.89
N ILE E 72 -3.14 -14.02 -9.44
CA ILE E 72 -1.77 -13.94 -8.95
C ILE E 72 -0.86 -13.39 -10.06
N ALA E 73 -0.97 -13.96 -11.25
CA ALA E 73 -0.10 -13.55 -12.34
C ALA E 73 -0.27 -12.07 -12.65
N ILE E 74 -1.51 -11.57 -12.75
CA ILE E 74 -1.68 -10.16 -13.11
C ILE E 74 -1.26 -9.23 -12.00
N ALA E 75 -1.42 -9.64 -10.74
CA ALA E 75 -0.95 -8.82 -9.61
C ALA E 75 0.57 -8.66 -9.69
N GLN E 76 1.28 -9.71 -10.06
CA GLN E 76 2.72 -9.65 -10.24
C GLN E 76 3.08 -8.78 -11.45
N THR E 77 2.33 -8.91 -12.54
CA THR E 77 2.56 -8.04 -13.69
C THR E 77 2.34 -6.55 -13.35
N ALA E 78 1.32 -6.27 -12.53
CA ALA E 78 1.09 -4.91 -12.05
C ALA E 78 2.26 -4.36 -11.20
N ASN E 79 2.73 -5.16 -10.23
CA ASN E 79 3.89 -4.76 -9.43
C ASN E 79 5.08 -4.43 -10.33
N GLU E 80 5.37 -5.31 -11.29
CA GLU E 80 6.49 -5.09 -12.21
C GLU E 80 6.28 -3.82 -13.06
N ALA E 81 5.03 -3.48 -13.38
CA ALA E 81 4.74 -2.29 -14.15
C ALA E 81 4.68 -1.02 -13.32
N GLY E 82 4.70 -1.14 -11.99
CA GLY E 82 4.46 0.02 -11.13
C GLY E 82 2.99 0.49 -11.11
N LEU E 83 2.08 -0.42 -11.46
CA LEU E 83 0.65 -0.08 -11.53
C LEU E 83 0.00 -0.35 -10.18
N PRO E 84 -0.53 0.69 -9.53
CA PRO E 84 -1.12 0.44 -8.22
C PRO E 84 -2.34 -0.47 -8.24
N ILE E 85 -2.46 -1.31 -7.20
CA ILE E 85 -3.55 -2.28 -7.10
C ILE E 85 -4.49 -1.92 -5.95
N VAL E 86 -5.76 -1.86 -6.24
CA VAL E 86 -6.78 -1.76 -5.21
C VAL E 86 -7.31 -3.17 -5.07
N PHE E 87 -7.25 -3.69 -3.86
CA PHE E 87 -7.69 -5.07 -3.61
C PHE E 87 -8.93 -5.08 -2.72
N ASP E 88 -9.94 -5.79 -3.17
CA ASP E 88 -11.18 -5.96 -2.45
C ASP E 88 -11.35 -7.44 -2.15
N PRO E 89 -11.04 -7.85 -0.91
CA PRO E 89 -11.14 -9.22 -0.45
C PRO E 89 -12.57 -9.59 -0.05
N VAL E 90 -13.45 -9.55 -1.04
CA VAL E 90 -14.88 -9.76 -0.81
C VAL E 90 -15.18 -11.07 -0.09
N ALA E 91 -15.88 -10.97 1.04
CA ALA E 91 -16.38 -12.11 1.79
C ALA E 91 -15.26 -13.05 2.27
N VAL E 92 -14.06 -12.50 2.50
CA VAL E 92 -12.92 -13.32 2.85
C VAL E 92 -13.18 -14.09 4.14
N GLY E 93 -13.93 -13.49 5.07
CA GLY E 93 -14.25 -14.15 6.30
C GLY E 93 -15.29 -15.25 6.15
N ALA E 94 -15.90 -15.38 4.97
CA ALA E 94 -16.96 -16.38 4.78
C ALA E 94 -16.44 -17.75 4.35
N SER E 95 -15.21 -17.87 3.88
CA SER E 95 -14.66 -19.22 3.59
C SER E 95 -13.17 -19.34 3.69
N THR E 96 -12.72 -20.55 4.02
CA THR E 96 -11.31 -20.81 4.10
C THR E 96 -10.72 -20.67 2.69
N TYR E 97 -11.50 -21.04 1.67
CA TYR E 97 -11.08 -20.93 0.30
C TYR E 97 -10.66 -19.47 0.01
N ARG E 98 -11.52 -18.50 0.36
CA ARG E 98 -11.15 -17.12 0.15
C ARG E 98 -10.00 -16.65 1.05
N LYS E 99 -10.01 -17.07 2.32
CA LYS E 99 -8.94 -16.71 3.24
C LYS E 99 -7.61 -17.14 2.69
N GLN E 100 -7.52 -18.41 2.30
CA GLN E 100 -6.25 -18.95 1.87
C GLN E 100 -5.82 -18.20 0.61
N PHE E 101 -6.76 -17.88 -0.27
CA PHE E 101 -6.37 -17.19 -1.48
C PHE E 101 -5.84 -15.78 -1.17
N CYS E 102 -6.55 -15.03 -0.33
CA CYS E 102 -6.15 -13.66 -0.03
C CYS E 102 -4.78 -13.65 0.65
N LYS E 103 -4.53 -14.59 1.56
CA LYS E 103 -3.21 -14.77 2.23
C LYS E 103 -2.13 -15.04 1.15
N LEU E 104 -2.41 -15.96 0.23
CA LEU E 104 -1.49 -16.20 -0.89
C LEU E 104 -1.24 -14.94 -1.75
N LEU E 105 -2.30 -14.22 -2.11
CA LEU E 105 -2.15 -13.02 -2.93
C LEU E 105 -1.28 -11.99 -2.24
N LEU E 106 -1.58 -11.71 -0.98
CA LEU E 106 -0.87 -10.65 -0.27
C LEU E 106 0.55 -11.04 0.12
N LYS E 107 0.87 -12.34 0.10
CA LYS E 107 2.25 -12.82 0.23
C LYS E 107 2.96 -12.66 -1.14
N SER E 108 2.21 -12.68 -2.23
CA SER E 108 2.76 -12.72 -3.60
C SER E 108 2.93 -11.34 -4.25
N ALA E 109 2.21 -10.34 -3.76
CA ALA E 109 2.16 -9.02 -4.43
C ALA E 109 1.91 -7.90 -3.44
N LYS E 110 2.43 -6.73 -3.74
CA LYS E 110 2.21 -5.54 -2.93
C LYS E 110 0.98 -4.85 -3.53
N VAL E 111 -0.02 -4.55 -2.71
CA VAL E 111 -1.16 -3.77 -3.19
C VAL E 111 -1.05 -2.35 -2.62
N SER E 112 -1.79 -1.43 -3.21
CA SER E 112 -1.75 -0.04 -2.82
C SER E 112 -2.88 0.38 -1.89
N VAL E 113 -4.01 -0.33 -1.96
CA VAL E 113 -5.15 -0.05 -1.12
C VAL E 113 -5.81 -1.39 -0.91
N ILE E 114 -6.18 -1.65 0.32
CA ILE E 114 -7.03 -2.79 0.65
C ILE E 114 -8.35 -2.22 1.19
N LYS E 115 -9.45 -2.60 0.58
CA LYS E 115 -10.75 -2.05 0.89
C LYS E 115 -11.69 -3.21 1.26
N GLY E 116 -12.39 -3.07 2.37
CA GLY E 116 -13.41 -4.03 2.71
C GLY E 116 -14.25 -3.52 3.86
N ASN E 117 -15.20 -4.34 4.31
CA ASN E 117 -15.93 -4.02 5.53
C ASN E 117 -15.13 -4.54 6.72
N ALA E 118 -15.58 -4.24 7.94
CA ALA E 118 -14.79 -4.52 9.13
C ALA E 118 -14.55 -6.01 9.30
N SER E 119 -15.56 -6.80 9.03
CA SER E 119 -15.45 -8.21 9.12
C SER E 119 -14.43 -8.79 8.12
N GLU E 120 -14.39 -8.26 6.91
CA GLU E 120 -13.42 -8.70 5.89
C GLU E 120 -11.99 -8.36 6.30
N ILE E 121 -11.76 -7.14 6.76
CA ILE E 121 -10.42 -6.75 7.11
C ILE E 121 -9.99 -7.51 8.36
N LEU E 122 -10.92 -7.69 9.30
CA LEU E 122 -10.60 -8.45 10.51
C LEU E 122 -10.16 -9.89 10.17
N ALA E 123 -10.86 -10.50 9.22
CA ALA E 123 -10.56 -11.85 8.76
C ALA E 123 -9.17 -11.91 8.11
N LEU E 124 -8.75 -10.86 7.44
CA LEU E 124 -7.40 -10.80 6.87
C LEU E 124 -6.30 -10.75 7.89
N ILE E 125 -6.52 -10.03 8.98
CA ILE E 125 -5.49 -9.88 10.00
C ILE E 125 -5.51 -10.99 11.05
N ASP E 126 -6.64 -11.66 11.24
CA ASP E 126 -6.79 -12.56 12.41
C ASP E 126 -5.17 -14.12 13.03
N LEU E 140 -13.87 -5.52 17.35
CA LEU E 140 -13.61 -4.24 17.99
C LEU E 140 -13.83 -3.09 16.97
N ASP E 141 -13.23 -1.92 17.21
CA ASP E 141 -13.62 -0.74 16.43
C ASP E 141 -12.92 -0.75 15.05
N ALA E 142 -13.60 -0.19 14.07
CA ALA E 142 -13.09 -0.20 12.71
C ALA E 142 -11.77 0.56 12.62
N VAL E 143 -11.61 1.61 13.42
CA VAL E 143 -10.35 2.34 13.43
C VAL E 143 -9.20 1.46 13.92
N THR E 144 -9.43 0.71 14.97
CA THR E 144 -8.40 -0.16 15.49
C THR E 144 -8.06 -1.24 14.49
N ILE E 145 -9.08 -1.81 13.88
CA ILE E 145 -8.87 -2.86 12.89
C ILE E 145 -8.05 -2.30 11.72
N ALA E 146 -8.44 -1.11 11.24
CA ALA E 146 -7.72 -0.50 10.13
C ALA E 146 -6.26 -0.22 10.49
N LYS E 147 -5.98 0.26 11.70
CA LYS E 147 -4.61 0.57 12.15
C LYS E 147 -3.78 -0.72 12.28
N LYS E 148 -4.36 -1.78 12.82
CA LYS E 148 -3.69 -3.10 12.84
C LYS E 148 -3.39 -3.59 11.42
N ALA E 149 -4.35 -3.49 10.51
CA ALA E 149 -4.11 -3.95 9.14
C ALA E 149 -3.03 -3.12 8.47
N TYR E 150 -3.07 -1.81 8.69
CA TYR E 150 -2.04 -0.93 8.14
C TYR E 150 -0.64 -1.37 8.67
N ALA E 151 -0.56 -1.68 9.97
CA ALA E 151 0.71 -2.14 10.55
C ALA E 151 1.21 -3.43 9.92
N ILE E 152 0.31 -4.33 9.58
CA ILE E 152 0.70 -5.61 8.98
C ILE E 152 1.11 -5.45 7.49
N TYR E 153 0.29 -4.75 6.72
CA TYR E 153 0.49 -4.69 5.26
C TYR E 153 1.23 -3.44 4.76
N LYS E 154 1.41 -2.43 5.61
CA LYS E 154 2.03 -1.13 5.22
C LYS E 154 1.41 -0.64 3.89
N THR E 155 0.07 -0.66 3.84
CA THR E 155 -0.73 -0.38 2.65
C THR E 155 -1.99 0.35 3.12
N ALA E 156 -2.47 1.33 2.36
CA ALA E 156 -3.66 2.09 2.74
C ALA E 156 -4.79 1.12 2.97
N ILE E 157 -5.57 1.37 4.02
CA ILE E 157 -6.72 0.53 4.35
C ILE E 157 -7.96 1.40 4.35
N VAL E 158 -8.99 0.94 3.65
CA VAL E 158 -10.29 1.60 3.68
C VAL E 158 -11.28 0.58 4.21
N ILE E 159 -11.91 0.90 5.33
CA ILE E 159 -12.96 0.07 5.88
C ILE E 159 -14.30 0.79 5.70
N THR E 160 -15.16 0.20 4.91
CA THR E 160 -16.50 0.73 4.74
C THR E 160 -17.42 0.20 5.84
N GLY E 161 -18.44 0.97 6.17
CA GLY E 161 -19.34 0.65 7.29
C GLY E 161 -20.29 1.80 7.49
N LYS E 162 -20.95 1.87 8.64
CA LYS E 162 -21.86 2.99 8.93
C LYS E 162 -21.10 4.32 8.74
N GLU E 163 -19.93 4.40 9.37
CA GLU E 163 -18.93 5.42 9.06
C GLU E 163 -17.79 4.70 8.34
N ASP E 164 -17.18 5.37 7.39
CA ASP E 164 -16.03 4.79 6.72
C ASP E 164 -14.74 5.22 7.43
N VAL E 165 -13.75 4.34 7.41
CA VAL E 165 -12.42 4.63 7.97
C VAL E 165 -11.34 4.49 6.90
N ILE E 166 -10.44 5.46 6.84
CA ILE E 166 -9.30 5.37 5.98
C ILE E 166 -8.05 5.56 6.83
N VAL E 167 -7.10 4.66 6.65
CA VAL E 167 -5.79 4.78 7.27
C VAL E 167 -4.75 4.75 6.16
N GLN E 168 -3.93 5.79 6.10
CA GLN E 168 -2.81 5.81 5.18
C GLN E 168 -1.66 6.57 5.83
N GLY E 169 -0.47 5.99 5.75
CA GLY E 169 0.68 6.49 6.47
C GLY E 169 0.30 6.58 7.93
N ASP E 170 0.44 7.75 8.48
CA ASP E 170 0.29 7.94 9.89
C ASP E 170 -1.04 8.65 10.23
N LYS E 171 -1.94 8.73 9.25
CA LYS E 171 -3.21 9.43 9.44
C LYS E 171 -4.34 8.41 9.40
N ALA E 172 -5.33 8.62 10.26
CA ALA E 172 -6.56 7.86 10.21
C ALA E 172 -7.74 8.84 10.22
N ILE E 173 -8.71 8.61 9.37
CA ILE E 173 -9.82 9.53 9.18
C ILE E 173 -11.12 8.73 9.16
N VAL E 174 -12.17 9.31 9.73
CA VAL E 174 -13.50 8.74 9.75
C VAL E 174 -14.40 9.68 8.94
N LEU E 175 -15.16 9.10 8.00
CA LEU E 175 -16.10 9.82 7.15
C LEU E 175 -17.51 9.35 7.40
N ALA E 176 -18.48 10.26 7.23
CA ALA E 176 -19.86 9.96 7.63
C ALA E 176 -20.88 10.43 6.60
N ASN E 177 -20.69 10.08 5.34
CA ASN E 177 -21.65 10.44 4.30
C ASN E 177 -22.31 9.17 3.77
N GLY E 178 -23.39 9.32 3.02
CA GLY E 178 -23.93 8.18 2.24
C GLY E 178 -25.42 8.01 2.48
N SER E 179 -25.95 6.83 2.10
CA SER E 179 -27.38 6.53 2.18
C SER E 179 -27.60 5.01 2.44
N PRO E 180 -28.64 4.67 3.18
CA PRO E 180 -29.06 3.27 3.40
C PRO E 180 -29.44 2.57 2.08
N LEU E 181 -29.95 3.31 1.09
CA LEU E 181 -30.22 2.70 -0.20
C LEU E 181 -28.98 2.14 -0.89
N LEU E 182 -27.77 2.61 -0.58
CA LEU E 182 -26.57 1.94 -1.09
C LEU E 182 -26.43 0.45 -0.72
N ALA E 183 -26.88 0.06 0.46
CA ALA E 183 -26.86 -1.38 0.85
C ALA E 183 -27.86 -2.24 0.07
N ARG E 184 -28.75 -1.62 -0.69
CA ARG E 184 -29.78 -2.37 -1.33
C ARG E 184 -29.53 -2.40 -2.84
N VAL E 185 -28.35 -1.95 -3.23
CA VAL E 185 -27.95 -2.01 -4.59
C VAL E 185 -26.80 -2.95 -4.66
N THR E 186 -26.87 -3.98 -5.51
CA THR E 186 -25.75 -4.92 -5.51
C THR E 186 -24.48 -4.25 -6.05
N GLY E 187 -23.38 -4.56 -5.40
CA GLY E 187 -22.11 -4.10 -5.84
C GLY E 187 -21.81 -2.64 -5.57
N ALA E 188 -22.53 -2.01 -4.62
CA ALA E 188 -22.20 -0.58 -4.27
C ALA E 188 -20.75 -0.52 -3.81
N GLY E 189 -20.39 -1.38 -2.85
CA GLY E 189 -19.05 -1.28 -2.35
C GLY E 189 -18.08 -1.76 -3.40
N CYS E 190 -18.55 -2.64 -4.29
CA CYS E 190 -17.66 -3.14 -5.33
C CYS E 190 -17.32 -2.01 -6.30
N LEU E 191 -18.34 -1.19 -6.58
CA LEU E 191 -18.14 -0.03 -7.42
C LEU E 191 -17.22 0.96 -6.70
N LEU E 192 -17.38 1.08 -5.39
CA LEU E 192 -16.45 1.96 -4.65
C LEU E 192 -14.97 1.58 -4.85
N GLY E 193 -14.68 0.30 -4.88
CA GLY E 193 -13.32 -0.19 -5.16
C GLY E 193 -12.83 0.37 -6.48
N GLY E 194 -13.69 0.32 -7.48
CA GLY E 194 -13.40 0.86 -8.80
C GLY E 194 -13.19 2.36 -8.79
N ILE E 195 -14.03 3.07 -8.06
CA ILE E 195 -13.93 4.50 -7.97
C ILE E 195 -12.60 4.88 -7.30
N ILE E 196 -12.25 4.19 -6.22
CA ILE E 196 -10.94 4.41 -5.60
C ILE E 196 -9.78 4.20 -6.60
N ALA E 197 -9.82 3.11 -7.35
CA ALA E 197 -8.81 2.90 -8.36
C ALA E 197 -8.75 4.11 -9.31
N GLY E 198 -9.91 4.65 -9.65
CA GLY E 198 -9.95 5.80 -10.54
C GLY E 198 -9.25 7.03 -10.04
N PHE E 199 -9.08 7.13 -8.72
CA PHE E 199 -8.48 8.30 -8.08
C PHE E 199 -6.96 8.15 -7.88
N LEU E 200 -6.36 7.03 -8.31
CA LEU E 200 -4.95 6.78 -7.95
C LEU E 200 -3.89 7.44 -8.83
N PHE E 201 -4.18 7.60 -10.11
CA PHE E 201 -3.23 8.24 -11.04
C PHE E 201 -1.81 7.63 -11.00
N ARG E 202 -1.75 6.31 -10.97
CA ARG E 202 -0.51 5.55 -10.97
C ARG E 202 0.37 5.83 -9.76
N GLU E 203 -0.20 6.29 -8.64
CA GLU E 203 0.55 6.44 -7.38
C GLU E 203 0.44 5.17 -6.57
N THR E 204 1.57 4.49 -6.36
CA THR E 204 1.52 3.22 -5.65
C THR E 204 1.39 3.45 -4.16
N GLU E 205 1.68 4.67 -3.70
CA GLU E 205 1.43 5.05 -2.30
C GLU E 205 0.52 6.30 -2.30
N PRO E 206 -0.78 6.10 -2.56
CA PRO E 206 -1.61 7.28 -2.73
C PRO E 206 -1.71 8.20 -1.51
N ASP E 207 -1.83 9.48 -1.78
CA ASP E 207 -2.13 10.46 -0.76
C ASP E 207 -3.46 10.11 -0.11
N ILE E 208 -3.52 10.20 1.19
CA ILE E 208 -4.80 10.04 1.88
C ILE E 208 -5.91 10.95 1.31
N GLU E 209 -5.53 12.15 0.83
CA GLU E 209 -6.53 13.07 0.27
C GLU E 209 -7.24 12.48 -0.94
N ALA E 210 -6.54 11.71 -1.76
CA ALA E 210 -7.17 11.07 -2.90
C ALA E 210 -8.22 10.06 -2.43
N LEU E 211 -7.88 9.33 -1.38
CA LEU E 211 -8.75 8.28 -0.88
C LEU E 211 -9.97 8.90 -0.22
N ILE E 212 -9.78 9.95 0.57
CA ILE E 212 -10.87 10.71 1.16
C ILE E 212 -11.82 11.23 0.08
N GLU E 213 -11.25 11.85 -0.97
CA GLU E 213 -12.07 12.34 -2.03
C GLU E 213 -12.87 11.23 -2.72
N ALA E 214 -12.21 10.11 -3.02
CA ALA E 214 -12.85 9.01 -3.71
C ALA E 214 -14.07 8.52 -2.92
N VAL E 215 -13.85 8.30 -1.63
CA VAL E 215 -14.93 7.78 -0.80
C VAL E 215 -16.05 8.83 -0.64
N SER E 216 -15.64 10.08 -0.48
CA SER E 216 -16.60 11.14 -0.27
C SER E 216 -17.41 11.43 -1.51
N VAL E 217 -16.77 11.37 -2.68
CA VAL E 217 -17.46 11.60 -3.91
C VAL E 217 -18.59 10.54 -4.01
N PHE E 218 -18.24 9.33 -3.70
CA PHE E 218 -19.18 8.22 -3.86
C PHE E 218 -20.31 8.37 -2.87
N ASN E 219 -19.98 8.58 -1.61
CA ASN E 219 -21.00 8.68 -0.61
C ASN E 219 -21.86 9.93 -0.69
N ILE E 220 -21.27 11.05 -1.13
CA ILE E 220 -22.06 12.26 -1.30
C ILE E 220 -22.99 12.09 -2.47
N ALA E 221 -22.50 11.50 -3.55
CA ALA E 221 -23.38 11.25 -4.68
C ALA E 221 -24.57 10.40 -4.25
N ALA E 222 -24.31 9.43 -3.42
CA ALA E 222 -25.37 8.52 -2.94
C ALA E 222 -26.41 9.28 -2.14
N GLU E 223 -25.92 10.15 -1.25
CA GLU E 223 -26.78 10.94 -0.41
C GLU E 223 -27.70 11.79 -1.30
N VAL E 224 -27.11 12.45 -2.29
CA VAL E 224 -27.84 13.39 -3.15
C VAL E 224 -28.82 12.63 -4.03
N ALA E 225 -28.38 11.50 -4.56
CA ALA E 225 -29.29 10.67 -5.35
C ALA E 225 -30.53 10.22 -4.53
N ALA E 226 -30.31 9.83 -3.29
CA ALA E 226 -31.41 9.33 -2.46
C ALA E 226 -32.39 10.42 -2.08
N GLU E 227 -31.94 11.67 -2.07
CA GLU E 227 -32.85 12.78 -1.89
C GLU E 227 -33.64 13.18 -3.13
N ASN E 228 -33.24 12.73 -4.30
CA ASN E 228 -33.87 13.18 -5.51
C ASN E 228 -35.34 12.80 -5.50
N GLU E 229 -36.18 13.67 -6.02
CA GLU E 229 -37.65 13.46 -5.96
C GLU E 229 -38.08 12.24 -6.76
N ASN E 230 -37.25 11.81 -7.70
CA ASN E 230 -37.54 10.64 -8.51
C ASN E 230 -36.94 9.36 -7.98
N CYS E 231 -36.34 9.40 -6.81
CA CYS E 231 -35.79 8.19 -6.23
C CYS E 231 -36.92 7.52 -5.48
N GLY E 232 -37.40 6.39 -5.99
CA GLY E 232 -38.55 5.72 -5.37
C GLY E 232 -38.14 4.44 -4.66
N GLY E 233 -36.85 4.13 -4.63
CA GLY E 233 -36.37 2.89 -4.08
C GLY E 233 -35.08 2.44 -4.68
N PRO E 234 -34.66 1.21 -4.38
CA PRO E 234 -33.31 0.85 -4.76
C PRO E 234 -33.15 0.71 -6.30
N GLY E 235 -34.24 0.44 -7.01
CA GLY E 235 -34.19 0.26 -8.46
C GLY E 235 -33.97 1.60 -9.14
N THR E 236 -34.75 2.63 -8.77
CA THR E 236 -34.53 3.96 -9.36
C THR E 236 -33.29 4.66 -8.80
N PHE E 237 -32.88 4.30 -7.60
CA PHE E 237 -31.71 4.86 -6.99
C PHE E 237 -30.43 4.69 -7.84
N SER E 238 -30.26 3.53 -8.42
CA SER E 238 -29.02 3.24 -9.09
C SER E 238 -28.74 4.11 -10.34
N PRO E 239 -29.73 4.28 -11.23
CA PRO E 239 -29.50 5.26 -12.32
C PRO E 239 -29.26 6.67 -11.77
N LEU E 240 -29.96 7.04 -10.69
CA LEU E 240 -29.80 8.37 -10.15
C LEU E 240 -28.40 8.54 -9.54
N LEU E 241 -27.85 7.49 -8.98
CA LEU E 241 -26.52 7.54 -8.44
C LEU E 241 -25.49 7.82 -9.53
N LEU E 242 -25.64 7.13 -10.66
CA LEU E 242 -24.81 7.39 -11.81
C LEU E 242 -24.96 8.83 -12.34
N ASP E 243 -26.19 9.36 -12.39
CA ASP E 243 -26.37 10.71 -12.84
C ASP E 243 -25.65 11.66 -11.89
N THR E 244 -25.80 11.40 -10.61
CA THR E 244 -25.28 12.29 -9.58
C THR E 244 -23.77 12.31 -9.53
N LEU E 245 -23.16 11.14 -9.69
CA LEU E 245 -21.73 11.06 -9.93
C LEU E 245 -21.32 11.86 -11.14
N TYR E 246 -22.08 11.73 -12.21
CA TYR E 246 -21.74 12.44 -13.42
C TYR E 246 -21.76 13.97 -13.25
N HIS E 247 -22.74 14.48 -12.51
CA HIS E 247 -22.94 15.89 -12.38
C HIS E 247 -22.28 16.49 -11.15
N LEU E 248 -21.74 15.69 -10.25
CA LEU E 248 -21.30 16.21 -8.94
C LEU E 248 -20.33 17.38 -9.10
N ASN E 249 -20.64 18.49 -8.45
CA ASN E 249 -19.80 19.65 -8.56
C ASN E 249 -19.14 19.99 -7.23
N GLU E 250 -18.25 20.97 -7.27
CA GLU E 250 -17.45 21.37 -6.09
C GLU E 250 -18.35 21.92 -5.01
N THR E 251 -19.39 22.67 -5.38
CA THR E 251 -20.24 23.29 -4.41
C THR E 251 -21.00 22.24 -3.57
N THR E 252 -21.54 21.26 -4.26
CA THR E 252 -22.26 20.19 -3.59
C THR E 252 -21.28 19.40 -2.70
N TYR E 253 -20.12 19.07 -3.24
CA TYR E 253 -19.12 18.30 -2.46
C TYR E 253 -18.75 19.03 -1.17
N GLN E 254 -18.40 20.30 -1.31
CA GLN E 254 -17.95 21.06 -0.15
C GLN E 254 -19.08 21.30 0.88
N GLN E 255 -20.32 21.52 0.42
CA GLN E 255 -21.45 21.68 1.34
C GLN E 255 -21.76 20.40 2.12
N ARG E 256 -21.57 19.24 1.51
CA ARG E 256 -22.04 18.00 2.12
C ARG E 256 -21.02 17.14 2.84
N ILE E 257 -19.75 17.36 2.57
CA ILE E 257 -18.74 16.43 3.08
C ILE E 257 -18.75 16.46 4.61
N ARG E 258 -18.73 15.29 5.26
CA ARG E 258 -18.71 15.20 6.72
C ARG E 258 -17.49 14.31 7.05
N ILE E 259 -16.37 14.98 7.32
CA ILE E 259 -15.07 14.33 7.43
C ILE E 259 -14.82 14.03 8.90
N MET F 1 -48.90 -12.24 2.80
CA MET F 1 -47.53 -11.68 2.98
C MET F 1 -46.66 -12.25 4.14
N ASN F 2 -47.03 -13.40 4.68
CA ASN F 2 -46.28 -14.01 5.79
C ASN F 2 -44.78 -14.17 5.54
N TYR F 3 -44.46 -14.81 4.44
CA TYR F 3 -43.11 -15.14 4.19
C TYR F 3 -42.30 -13.87 3.92
N LEU F 4 -42.85 -12.95 3.15
CA LEU F 4 -42.08 -11.79 2.70
C LEU F 4 -41.62 -10.99 3.94
N ASN F 5 -42.48 -10.90 4.94
CA ASN F 5 -42.12 -10.18 6.15
C ASN F 5 -40.90 -10.80 6.79
N ASN F 6 -40.86 -12.13 6.77
CA ASN F 6 -39.73 -12.83 7.32
C ASN F 6 -38.47 -12.60 6.49
N ILE F 7 -38.61 -12.54 5.17
CA ILE F 7 -37.43 -12.31 4.32
C ILE F 7 -36.81 -10.93 4.66
N ARG F 8 -37.67 -9.92 4.80
CA ARG F 8 -37.21 -8.56 5.10
C ARG F 8 -36.51 -8.44 6.46
N ILE F 9 -36.93 -9.22 7.43
CA ILE F 9 -36.32 -9.20 8.76
C ILE F 9 -35.11 -10.12 8.89
N GLU F 10 -35.20 -11.33 8.33
CA GLU F 10 -34.16 -12.30 8.52
C GLU F 10 -33.08 -12.23 7.47
N ASN F 11 -33.37 -11.65 6.30
CA ASN F 11 -32.33 -11.52 5.24
C ASN F 11 -31.64 -12.82 4.86
N PRO F 12 -32.44 -13.81 4.44
CA PRO F 12 -31.93 -15.16 4.18
C PRO F 12 -30.84 -15.17 3.10
N LEU F 13 -29.74 -15.84 3.43
CA LEU F 13 -28.66 -16.05 2.51
C LEU F 13 -29.11 -17.00 1.37
N THR F 14 -29.08 -16.48 0.15
CA THR F 14 -29.64 -17.18 -0.99
C THR F 14 -28.55 -17.33 -2.02
N ILE F 15 -28.07 -18.54 -2.21
CA ILE F 15 -26.95 -18.78 -3.09
C ILE F 15 -27.48 -18.89 -4.52
N CYS F 16 -26.89 -18.17 -5.47
CA CYS F 16 -27.32 -18.25 -6.84
C CYS F 16 -26.20 -18.68 -7.73
N TYR F 17 -26.39 -19.81 -8.40
CA TYR F 17 -25.51 -20.23 -9.49
C TYR F 17 -26.34 -19.99 -10.71
N THR F 18 -26.15 -18.82 -11.32
CA THR F 18 -27.02 -18.43 -12.41
C THR F 18 -26.25 -17.89 -13.60
N ASN F 19 -26.97 -17.50 -14.62
CA ASN F 19 -26.35 -17.26 -15.88
C ASN F 19 -25.82 -15.83 -15.97
N ASP F 20 -24.89 -15.66 -16.88
CA ASP F 20 -24.13 -14.43 -16.97
C ASP F 20 -24.98 -13.26 -17.48
N VAL F 21 -26.16 -13.50 -18.03
CA VAL F 21 -26.95 -12.38 -18.55
C VAL F 21 -27.74 -11.73 -17.43
N VAL F 22 -27.98 -12.46 -16.34
CA VAL F 22 -28.95 -12.01 -15.33
C VAL F 22 -28.40 -11.90 -13.95
N LYS F 23 -27.11 -12.09 -13.72
CA LYS F 23 -26.58 -12.14 -12.34
C LYS F 23 -26.88 -10.84 -11.58
N ASN F 24 -26.59 -9.72 -12.21
CA ASN F 24 -26.78 -8.44 -11.54
C ASN F 24 -28.25 -8.18 -11.22
N PHE F 25 -29.12 -8.45 -12.18
CA PHE F 25 -30.54 -8.24 -11.97
C PHE F 25 -31.10 -9.17 -10.95
N THR F 26 -30.64 -10.43 -10.97
CA THR F 26 -31.12 -11.36 -10.00
C THR F 26 -30.71 -10.92 -8.57
N ALA F 27 -29.46 -10.53 -8.42
CA ALA F 27 -28.94 -10.05 -7.13
C ALA F 27 -29.74 -8.82 -6.64
N ASN F 28 -30.00 -7.88 -7.55
CA ASN F 28 -30.78 -6.71 -7.19
C ASN F 28 -32.21 -6.98 -6.81
N GLY F 29 -32.85 -7.91 -7.52
CA GLY F 29 -34.20 -8.37 -7.12
C GLY F 29 -34.25 -9.00 -5.77
N LEU F 30 -33.30 -9.86 -5.48
CA LEU F 30 -33.20 -10.45 -4.16
C LEU F 30 -32.94 -9.40 -3.07
N LEU F 31 -32.02 -8.48 -3.35
CA LEU F 31 -31.76 -7.41 -2.36
C LEU F 31 -33.02 -6.59 -2.10
N SER F 32 -33.82 -6.39 -3.14
CA SER F 32 -34.98 -5.54 -3.03
C SER F 32 -36.05 -6.15 -2.08
N ILE F 33 -36.19 -7.47 -2.06
CA ILE F 33 -37.15 -8.06 -1.15
C ILE F 33 -36.54 -8.33 0.21
N GLY F 34 -35.28 -8.04 0.38
CA GLY F 34 -34.57 -8.17 1.67
C GLY F 34 -33.72 -9.42 1.82
N ALA F 35 -33.64 -10.26 0.78
CA ALA F 35 -32.77 -11.44 0.87
C ALA F 35 -31.31 -11.03 0.70
N SER F 36 -30.42 -11.96 0.97
CA SER F 36 -28.97 -11.71 0.91
C SER F 36 -28.43 -12.62 -0.21
N PRO F 37 -28.33 -12.09 -1.43
CA PRO F 37 -27.88 -12.94 -2.52
C PRO F 37 -26.37 -13.17 -2.45
N ALA F 38 -25.92 -14.38 -2.80
CA ALA F 38 -24.50 -14.66 -2.97
C ALA F 38 -24.32 -15.48 -4.21
N MET F 39 -23.68 -14.90 -5.21
CA MET F 39 -23.40 -15.62 -6.47
C MET F 39 -22.08 -16.40 -6.38
N SER F 40 -22.05 -17.43 -5.55
CA SER F 40 -20.86 -18.24 -5.36
C SER F 40 -20.96 -19.38 -6.34
N GLU F 41 -19.89 -19.59 -7.09
CA GLU F 41 -19.80 -20.67 -8.08
C GLU F 41 -18.68 -21.69 -7.83
N ALA F 42 -17.83 -21.45 -6.82
CA ALA F 42 -16.68 -22.29 -6.57
C ALA F 42 -17.12 -23.48 -5.71
N PRO F 43 -17.00 -24.71 -6.25
CA PRO F 43 -17.29 -25.85 -5.40
C PRO F 43 -16.47 -25.86 -4.10
N GLU F 44 -15.26 -25.31 -4.13
CA GLU F 44 -14.36 -25.30 -2.97
C GLU F 44 -14.92 -24.56 -1.76
N GLU F 45 -15.93 -23.71 -1.93
CA GLU F 45 -16.52 -23.02 -0.79
C GLU F 45 -17.98 -23.35 -0.60
N ALA F 46 -18.50 -24.30 -1.38
CA ALA F 46 -19.91 -24.64 -1.31
C ALA F 46 -20.26 -25.24 0.07
N GLU F 47 -19.43 -26.11 0.60
CA GLU F 47 -19.76 -26.74 1.89
C GLU F 47 -19.89 -25.68 3.02
N GLU F 48 -18.96 -24.73 3.09
CA GLU F 48 -19.01 -23.69 4.11
C GLU F 48 -20.19 -22.74 3.89
N PHE F 49 -20.43 -22.34 2.65
CA PHE F 49 -21.54 -21.45 2.37
C PHE F 49 -22.88 -22.12 2.62
N TYR F 50 -23.02 -23.37 2.21
CA TYR F 50 -24.32 -24.01 2.19
C TYR F 50 -24.81 -24.38 3.60
N LYS F 51 -23.87 -24.62 4.53
CA LYS F 51 -24.20 -24.85 5.95
C LYS F 51 -25.07 -23.68 6.45
N VAL F 52 -24.78 -22.46 6.02
CA VAL F 52 -25.47 -21.29 6.56
C VAL F 52 -26.56 -20.70 5.62
N ALA F 53 -26.63 -21.20 4.39
CA ALA F 53 -27.56 -20.66 3.40
C ALA F 53 -28.95 -21.19 3.59
N GLN F 54 -29.92 -20.50 3.02
CA GLN F 54 -31.32 -20.92 3.08
C GLN F 54 -31.82 -21.62 1.83
N ALA F 55 -31.17 -21.35 0.70
CA ALA F 55 -31.52 -22.00 -0.58
C ALA F 55 -30.41 -21.78 -1.58
N LEU F 56 -30.48 -22.59 -2.63
CA LEU F 56 -29.59 -22.52 -3.77
C LEU F 56 -30.41 -22.50 -5.04
N LEU F 57 -30.14 -21.50 -5.86
CA LEU F 57 -30.68 -21.47 -7.22
C LEU F 57 -29.62 -22.00 -8.17
N ILE F 58 -30.01 -22.92 -9.03
CA ILE F 58 -29.21 -23.35 -10.15
C ILE F 58 -29.99 -23.02 -11.42
N ASN F 59 -29.39 -22.18 -12.27
CA ASN F 59 -29.99 -21.72 -13.50
C ASN F 59 -28.96 -21.94 -14.64
N ILE F 60 -29.33 -22.69 -15.67
CA ILE F 60 -28.36 -23.17 -16.66
C ILE F 60 -28.39 -22.35 -17.91
N GLY F 61 -28.85 -21.08 -17.77
CA GLY F 61 -28.97 -20.21 -18.92
C GLY F 61 -27.75 -20.12 -19.79
N THR F 62 -26.56 -20.08 -19.22
CA THR F 62 -25.41 -20.01 -20.11
C THR F 62 -24.49 -21.18 -19.87
N LEU F 63 -25.10 -22.37 -19.83
CA LEU F 63 -24.35 -23.58 -19.63
C LEU F 63 -23.18 -23.70 -20.62
N THR F 64 -21.99 -23.98 -20.07
CA THR F 64 -20.84 -24.41 -20.89
C THR F 64 -20.08 -25.54 -20.18
N ALA F 65 -19.09 -26.10 -20.87
CA ALA F 65 -18.27 -27.17 -20.32
C ALA F 65 -17.59 -26.78 -19.02
N GLN F 66 -17.19 -25.53 -18.88
CA GLN F 66 -16.63 -24.98 -17.64
C GLN F 66 -17.57 -25.10 -16.42
N ASN F 67 -18.89 -25.12 -16.64
CA ASN F 67 -19.89 -25.20 -15.58
C ASN F 67 -20.35 -26.62 -15.23
N GLU F 68 -20.31 -27.56 -16.18
CA GLU F 68 -21.10 -28.82 -16.02
C GLU F 68 -20.75 -29.59 -14.79
N GLN F 69 -19.47 -29.92 -14.62
CA GLN F 69 -19.02 -30.79 -13.51
C GLN F 69 -19.22 -30.00 -12.19
N ASP F 70 -18.96 -28.70 -12.21
CA ASP F 70 -19.18 -27.87 -11.01
C ASP F 70 -20.64 -27.83 -10.54
N ILE F 71 -21.57 -27.71 -11.48
CA ILE F 71 -22.98 -27.69 -11.13
C ILE F 71 -23.41 -29.00 -10.50
N ILE F 72 -22.97 -30.10 -11.10
CA ILE F 72 -23.28 -31.42 -10.49
C ILE F 72 -22.71 -31.50 -9.09
N ALA F 73 -21.44 -31.11 -8.95
CA ALA F 73 -20.80 -31.19 -7.64
C ALA F 73 -21.53 -30.35 -6.60
N ILE F 74 -21.91 -29.12 -6.93
CA ILE F 74 -22.56 -28.28 -5.92
C ILE F 74 -23.96 -28.77 -5.60
N ALA F 75 -24.67 -29.33 -6.59
CA ALA F 75 -26.00 -29.87 -6.33
C ALA F 75 -25.93 -31.02 -5.32
N GLN F 76 -24.91 -31.86 -5.47
CA GLN F 76 -24.63 -32.91 -4.53
C GLN F 76 -24.24 -32.36 -3.15
N THR F 77 -23.41 -31.32 -3.12
CA THR F 77 -23.08 -30.69 -1.85
C THR F 77 -24.35 -30.14 -1.18
N ALA F 78 -25.24 -29.55 -1.97
CA ALA F 78 -26.47 -28.99 -1.43
C ALA F 78 -27.33 -30.10 -0.80
N ASN F 79 -27.51 -31.21 -1.51
CA ASN F 79 -28.29 -32.36 -0.97
C ASN F 79 -27.70 -32.82 0.35
N GLU F 80 -26.37 -32.98 0.39
CA GLU F 80 -25.69 -33.41 1.63
C GLU F 80 -25.84 -32.38 2.75
N ALA F 81 -25.92 -31.09 2.41
CA ALA F 81 -26.13 -30.04 3.41
C ALA F 81 -27.60 -29.85 3.82
N GLY F 82 -28.55 -30.45 3.11
CA GLY F 82 -29.97 -30.19 3.34
C GLY F 82 -30.42 -28.82 2.84
N LEU F 83 -29.68 -28.28 1.85
CA LEU F 83 -29.98 -26.97 1.29
C LEU F 83 -30.91 -27.14 0.07
N PRO F 84 -32.12 -26.56 0.11
CA PRO F 84 -33.04 -26.80 -1.02
C PRO F 84 -32.53 -26.12 -2.30
N ILE F 85 -32.79 -26.77 -3.40
CA ILE F 85 -32.36 -26.30 -4.72
C ILE F 85 -33.58 -25.89 -5.50
N VAL F 86 -33.52 -24.69 -6.07
CA VAL F 86 -34.46 -24.30 -7.10
C VAL F 86 -33.69 -24.45 -8.42
N PHE F 87 -34.29 -25.22 -9.33
CA PHE F 87 -33.65 -25.50 -10.61
C PHE F 87 -34.44 -24.89 -11.74
N ASP F 88 -33.74 -24.12 -12.59
CA ASP F 88 -34.30 -23.48 -13.76
C ASP F 88 -33.58 -24.00 -15.02
N PRO F 89 -34.25 -24.90 -15.75
CA PRO F 89 -33.69 -25.57 -16.91
C PRO F 89 -33.90 -24.73 -18.15
N VAL F 90 -33.27 -23.56 -18.13
CA VAL F 90 -33.43 -22.59 -19.19
C VAL F 90 -33.16 -23.17 -20.59
N ALA F 91 -34.14 -23.01 -21.49
CA ALA F 91 -34.02 -23.38 -22.91
C ALA F 91 -33.65 -24.82 -23.11
N VAL F 92 -34.04 -25.67 -22.17
CA VAL F 92 -33.69 -27.07 -22.28
C VAL F 92 -34.20 -27.69 -23.54
N GLY F 93 -35.36 -27.25 -24.02
CA GLY F 93 -35.89 -27.80 -25.27
C GLY F 93 -35.13 -27.32 -26.51
N ALA F 94 -34.24 -26.34 -26.37
CA ALA F 94 -33.54 -25.81 -27.54
C ALA F 94 -32.28 -26.61 -27.96
N SER F 95 -31.72 -27.45 -27.09
CA SER F 95 -30.58 -28.28 -27.52
C SER F 95 -30.46 -29.58 -26.80
N THR F 96 -29.92 -30.57 -27.51
CA THR F 96 -29.66 -31.86 -26.90
C THR F 96 -28.60 -31.70 -25.79
N TYR F 97 -27.66 -30.79 -25.97
CA TYR F 97 -26.67 -30.47 -24.97
C TYR F 97 -27.35 -30.12 -23.65
N ARG F 98 -28.33 -29.25 -23.69
CA ARG F 98 -29.01 -28.88 -22.42
C ARG F 98 -29.87 -30.04 -21.92
N LYS F 99 -30.57 -30.72 -22.83
CA LYS F 99 -31.43 -31.87 -22.43
C LYS F 99 -30.64 -32.93 -21.72
N GLN F 100 -29.50 -33.31 -22.29
CA GLN F 100 -28.65 -34.30 -21.66
C GLN F 100 -28.16 -33.81 -20.31
N PHE F 101 -27.77 -32.54 -20.20
CA PHE F 101 -27.28 -32.07 -18.92
C PHE F 101 -28.38 -32.03 -17.85
N CYS F 102 -29.57 -31.55 -18.20
CA CYS F 102 -30.65 -31.48 -17.22
C CYS F 102 -31.06 -32.89 -16.76
N LYS F 103 -31.13 -33.83 -17.68
CA LYS F 103 -31.35 -35.25 -17.31
C LYS F 103 -30.27 -35.70 -16.30
N LEU F 104 -29.00 -35.45 -16.62
CA LEU F 104 -27.92 -35.87 -15.76
C LEU F 104 -28.05 -35.24 -14.37
N LEU F 105 -28.36 -33.95 -14.33
CA LEU F 105 -28.51 -33.26 -13.05
C LEU F 105 -29.63 -33.85 -12.21
N LEU F 106 -30.78 -34.08 -12.82
CA LEU F 106 -31.92 -34.60 -12.08
C LEU F 106 -31.79 -36.09 -11.73
N LYS F 107 -30.87 -36.82 -12.39
CA LYS F 107 -30.52 -38.18 -12.02
C LYS F 107 -29.43 -38.16 -10.91
N SER F 108 -28.81 -37.03 -10.66
CA SER F 108 -27.68 -36.93 -9.74
C SER F 108 -28.07 -36.28 -8.41
N ALA F 109 -29.18 -35.53 -8.39
CA ALA F 109 -29.52 -34.72 -7.21
C ALA F 109 -31.02 -34.54 -7.12
N LYS F 110 -31.51 -34.41 -5.91
CA LYS F 110 -32.89 -34.08 -5.66
C LYS F 110 -33.00 -32.54 -5.59
N VAL F 111 -33.88 -31.94 -6.40
CA VAL F 111 -34.13 -30.54 -6.27
C VAL F 111 -35.47 -30.33 -5.59
N SER F 112 -35.68 -29.10 -5.12
CA SER F 112 -36.87 -28.77 -4.33
C SER F 112 -37.96 -28.08 -5.13
N VAL F 113 -37.58 -27.35 -6.16
CA VAL F 113 -38.53 -26.69 -7.05
C VAL F 113 -37.88 -26.70 -8.46
N ILE F 114 -38.69 -27.00 -9.44
CA ILE F 114 -38.26 -26.95 -10.85
C ILE F 114 -39.15 -25.94 -11.48
N LYS F 115 -38.56 -24.90 -12.02
CA LYS F 115 -39.29 -23.77 -12.56
C LYS F 115 -38.92 -23.58 -14.01
N GLY F 116 -39.92 -23.42 -14.85
CA GLY F 116 -39.66 -23.11 -16.25
C GLY F 116 -40.91 -22.70 -16.95
N ASN F 117 -40.79 -22.37 -18.23
CA ASN F 117 -41.99 -22.17 -19.04
C ASN F 117 -42.49 -23.54 -19.54
N ALA F 118 -43.66 -23.56 -20.17
CA ALA F 118 -44.31 -24.83 -20.53
C ALA F 118 -43.43 -25.64 -21.46
N SER F 119 -42.81 -24.97 -22.42
CA SER F 119 -41.99 -25.64 -23.37
C SER F 119 -40.73 -26.26 -22.72
N GLU F 120 -40.16 -25.60 -21.72
CA GLU F 120 -39.00 -26.13 -21.00
C GLU F 120 -39.41 -27.36 -20.18
N ILE F 121 -40.50 -27.27 -19.44
CA ILE F 121 -40.92 -28.41 -18.61
C ILE F 121 -41.36 -29.58 -19.48
N LEU F 122 -42.07 -29.29 -20.57
CA LEU F 122 -42.44 -30.34 -21.52
C LEU F 122 -41.22 -31.06 -22.07
N ALA F 123 -40.17 -30.30 -22.39
CA ALA F 123 -38.94 -30.90 -22.90
C ALA F 123 -38.25 -31.80 -21.87
N LEU F 124 -38.33 -31.43 -20.60
CA LEU F 124 -37.82 -32.31 -19.52
C LEU F 124 -38.51 -33.63 -19.44
N ILE F 125 -39.82 -33.64 -19.60
CA ILE F 125 -40.57 -34.86 -19.37
C ILE F 125 -40.66 -35.70 -20.66
N ASP F 126 -40.50 -35.06 -21.82
CA ASP F 126 -40.49 -35.75 -23.12
C ASP F 126 -39.22 -36.56 -23.33
N LEU F 140 -50.53 -30.96 -23.27
CA LEU F 140 -50.68 -29.65 -23.93
C LEU F 140 -50.95 -28.51 -22.88
N ASP F 141 -51.85 -28.70 -21.92
CA ASP F 141 -52.18 -27.67 -20.92
C ASP F 141 -51.02 -27.56 -19.91
N ALA F 142 -50.71 -26.34 -19.43
CA ALA F 142 -49.64 -26.18 -18.46
C ALA F 142 -49.93 -26.96 -17.19
N VAL F 143 -51.20 -27.05 -16.80
CA VAL F 143 -51.56 -27.81 -15.62
C VAL F 143 -51.24 -29.29 -15.80
N THR F 144 -51.57 -29.82 -16.95
CA THR F 144 -51.29 -31.21 -17.24
C THR F 144 -49.79 -31.45 -17.26
N ILE F 145 -49.05 -30.56 -17.90
CA ILE F 145 -47.61 -30.69 -17.98
C ILE F 145 -47.03 -30.66 -16.55
N ALA F 146 -47.49 -29.73 -15.72
CA ALA F 146 -46.95 -29.59 -14.36
C ALA F 146 -47.25 -30.82 -13.52
N LYS F 147 -48.45 -31.40 -13.67
CA LYS F 147 -48.80 -32.62 -12.92
C LYS F 147 -47.98 -33.83 -13.38
N LYS F 148 -47.78 -33.98 -14.69
CA LYS F 148 -46.89 -35.02 -15.18
C LYS F 148 -45.48 -34.86 -14.68
N ALA F 149 -44.95 -33.63 -14.71
CA ALA F 149 -43.61 -33.42 -14.20
C ALA F 149 -43.53 -33.70 -12.68
N TYR F 150 -44.54 -33.26 -11.93
CA TYR F 150 -44.59 -33.57 -10.53
C TYR F 150 -44.57 -35.11 -10.29
N ALA F 151 -45.36 -35.86 -11.05
CA ALA F 151 -45.36 -37.32 -10.92
C ALA F 151 -43.98 -37.91 -11.19
N ILE F 152 -43.25 -37.38 -12.14
CA ILE F 152 -41.92 -37.92 -12.47
C ILE F 152 -40.87 -37.56 -11.41
N TYR F 153 -40.84 -36.30 -10.98
CA TYR F 153 -39.75 -35.84 -10.14
C TYR F 153 -40.09 -35.73 -8.65
N LYS F 154 -41.38 -35.86 -8.31
CA LYS F 154 -41.87 -35.72 -6.93
C LYS F 154 -41.27 -34.44 -6.24
N THR F 155 -41.36 -33.36 -6.97
CA THR F 155 -40.68 -32.09 -6.66
C THR F 155 -41.63 -31.00 -7.14
N ALA F 156 -41.78 -29.95 -6.34
CA ALA F 156 -42.67 -28.84 -6.72
C ALA F 156 -42.32 -28.35 -8.11
N ILE F 157 -43.35 -28.01 -8.88
CA ILE F 157 -43.16 -27.56 -10.25
C ILE F 157 -43.82 -26.23 -10.37
N VAL F 158 -43.14 -25.27 -10.99
CA VAL F 158 -43.71 -23.99 -11.25
C VAL F 158 -43.57 -23.77 -12.75
N ILE F 159 -44.68 -23.58 -13.41
CA ILE F 159 -44.65 -23.26 -14.85
C ILE F 159 -45.15 -21.83 -15.08
N THR F 160 -44.24 -20.98 -15.53
CA THR F 160 -44.60 -19.60 -15.82
C THR F 160 -45.20 -19.52 -17.23
N GLY F 161 -46.09 -18.56 -17.44
CA GLY F 161 -46.81 -18.41 -18.70
C GLY F 161 -47.82 -17.29 -18.55
N LYS F 162 -48.80 -17.23 -19.46
CA LYS F 162 -49.87 -16.21 -19.40
C LYS F 162 -50.54 -16.28 -18.03
N GLU F 163 -50.91 -17.48 -17.62
CA GLU F 163 -51.20 -17.79 -16.22
C GLU F 163 -50.07 -18.70 -15.68
N ASP F 164 -49.72 -18.56 -14.41
CA ASP F 164 -48.69 -19.40 -13.83
C ASP F 164 -49.33 -20.57 -13.14
N VAL F 165 -48.63 -21.70 -13.13
CA VAL F 165 -49.10 -22.90 -12.49
C VAL F 165 -48.09 -23.34 -11.46
N ILE F 166 -48.59 -23.73 -10.30
CA ILE F 166 -47.77 -24.35 -9.30
C ILE F 166 -48.40 -25.68 -8.88
N VAL F 167 -47.59 -26.73 -8.85
CA VAL F 167 -48.01 -28.02 -8.34
C VAL F 167 -47.07 -28.45 -7.26
N GLN F 168 -47.62 -28.75 -6.10
CA GLN F 168 -46.83 -29.24 -4.99
C GLN F 168 -47.74 -30.22 -4.22
N GLY F 169 -47.21 -31.39 -3.94
CA GLY F 169 -47.97 -32.45 -3.28
C GLY F 169 -49.21 -32.73 -4.10
N ASP F 170 -50.36 -32.63 -3.44
CA ASP F 170 -51.64 -32.94 -4.08
C ASP F 170 -52.38 -31.70 -4.59
N LYS F 171 -51.74 -30.53 -4.58
CA LYS F 171 -52.41 -29.28 -4.89
C LYS F 171 -51.83 -28.72 -6.18
N ALA F 172 -52.71 -28.20 -7.02
CA ALA F 172 -52.31 -27.48 -8.18
C ALA F 172 -53.08 -26.17 -8.18
N ILE F 173 -52.39 -25.09 -8.45
CA ILE F 173 -52.94 -23.76 -8.36
C ILE F 173 -52.56 -23.01 -9.62
N VAL F 174 -53.48 -22.15 -10.07
CA VAL F 174 -53.25 -21.29 -11.23
C VAL F 174 -53.31 -19.85 -10.73
N LEU F 175 -52.32 -19.05 -11.09
CA LEU F 175 -52.22 -17.65 -10.72
C LEU F 175 -52.26 -16.77 -11.96
N ALA F 176 -52.84 -15.58 -11.82
CA ALA F 176 -53.11 -14.72 -12.97
C ALA F 176 -52.75 -13.27 -12.69
N ASN F 177 -51.54 -13.02 -12.19
CA ASN F 177 -51.05 -11.66 -11.98
C ASN F 177 -49.89 -11.37 -12.93
N GLY F 178 -49.52 -10.11 -13.06
CA GLY F 178 -48.30 -9.76 -13.80
C GLY F 178 -48.55 -8.73 -14.89
N SER F 179 -47.53 -8.55 -15.76
CA SER F 179 -47.56 -7.54 -16.82
C SER F 179 -46.83 -8.06 -18.07
N PRO F 180 -47.29 -7.67 -19.26
CA PRO F 180 -46.61 -7.97 -20.54
C PRO F 180 -45.21 -7.38 -20.62
N LEU F 181 -44.96 -6.26 -19.92
CA LEU F 181 -43.59 -5.70 -19.87
C LEU F 181 -42.60 -6.67 -19.28
N LEU F 182 -43.02 -7.60 -18.45
CA LEU F 182 -42.07 -8.57 -17.90
C LEU F 182 -41.38 -9.43 -18.95
N ALA F 183 -42.09 -9.76 -20.02
CA ALA F 183 -41.46 -10.49 -21.12
C ALA F 183 -40.40 -9.67 -21.89
N ARG F 184 -40.36 -8.35 -21.67
CA ARG F 184 -39.49 -7.53 -22.46
C ARG F 184 -38.30 -7.07 -21.62
N VAL F 185 -38.16 -7.65 -20.45
CA VAL F 185 -37.00 -7.43 -19.66
C VAL F 185 -36.25 -8.74 -19.65
N THR F 186 -34.97 -8.74 -20.00
CA THR F 186 -34.22 -10.00 -19.92
C THR F 186 -34.06 -10.50 -18.49
N GLY F 187 -34.21 -11.80 -18.37
CA GLY F 187 -34.04 -12.43 -17.11
C GLY F 187 -35.15 -12.21 -16.10
N ALA F 188 -36.35 -11.79 -16.53
CA ALA F 188 -37.49 -11.68 -15.57
C ALA F 188 -37.69 -13.03 -14.92
N GLY F 189 -37.85 -14.06 -15.75
CA GLY F 189 -38.17 -15.36 -15.18
C GLY F 189 -36.96 -15.92 -14.45
N CYS F 190 -35.77 -15.51 -14.89
CA CYS F 190 -34.55 -15.92 -14.20
C CYS F 190 -34.50 -15.32 -12.79
N LEU F 191 -34.94 -14.05 -12.70
CA LEU F 191 -35.03 -13.41 -11.38
C LEU F 191 -36.11 -14.13 -10.55
N LEU F 192 -37.21 -14.50 -11.18
CA LEU F 192 -38.26 -15.20 -10.41
C LEU F 192 -37.72 -16.45 -9.75
N GLY F 193 -36.82 -17.17 -10.45
CA GLY F 193 -36.18 -18.36 -9.85
C GLY F 193 -35.50 -17.98 -8.54
N GLY F 194 -34.76 -16.87 -8.60
CA GLY F 194 -34.08 -16.37 -7.42
C GLY F 194 -35.02 -15.97 -6.32
N ILE F 195 -36.10 -15.30 -6.70
CA ILE F 195 -37.10 -14.89 -5.72
C ILE F 195 -37.66 -16.12 -5.02
N ILE F 196 -37.97 -17.14 -5.81
CA ILE F 196 -38.52 -18.36 -5.17
C ILE F 196 -37.52 -18.93 -4.21
N ALA F 197 -36.25 -19.00 -4.61
CA ALA F 197 -35.24 -19.50 -3.66
C ALA F 197 -35.24 -18.67 -2.37
N GLY F 198 -35.47 -17.35 -2.49
CA GLY F 198 -35.54 -16.48 -1.34
C GLY F 198 -36.64 -16.80 -0.35
N PHE F 199 -37.66 -17.54 -0.80
CA PHE F 199 -38.84 -17.83 0.00
C PHE F 199 -38.76 -19.21 0.65
N LEU F 200 -37.69 -19.97 0.43
CA LEU F 200 -37.68 -21.38 0.89
C LEU F 200 -37.33 -21.60 2.36
N PHE F 201 -36.47 -20.76 2.91
CA PHE F 201 -36.09 -20.88 4.34
C PHE F 201 -35.62 -22.31 4.73
N ARG F 202 -34.82 -22.89 3.85
CA ARG F 202 -34.18 -24.16 4.06
C ARG F 202 -35.18 -25.32 4.12
N GLU F 203 -36.39 -25.15 3.60
CA GLU F 203 -37.36 -26.23 3.52
C GLU F 203 -37.18 -26.97 2.21
N THR F 204 -36.79 -28.22 2.28
CA THR F 204 -36.50 -28.98 1.09
C THR F 204 -37.80 -29.43 0.41
N GLU F 205 -38.90 -29.41 1.16
CA GLU F 205 -40.24 -29.68 0.61
C GLU F 205 -41.17 -28.49 0.88
N PRO F 206 -40.94 -27.40 0.15
CA PRO F 206 -41.63 -26.19 0.57
C PRO F 206 -43.16 -26.27 0.52
N ASP F 207 -43.78 -25.57 1.45
CA ASP F 207 -45.21 -25.41 1.47
C ASP F 207 -45.62 -24.71 0.19
N ILE F 208 -46.67 -25.20 -0.45
CA ILE F 208 -47.20 -24.51 -1.62
C ILE F 208 -47.49 -23.02 -1.35
N GLU F 209 -47.85 -22.67 -0.12
CA GLU F 209 -48.09 -21.26 0.20
C GLU F 209 -46.84 -20.35 0.02
N ALA F 210 -45.64 -20.86 0.29
CA ALA F 210 -44.43 -20.11 0.05
C ALA F 210 -44.19 -19.88 -1.45
N LEU F 211 -44.50 -20.88 -2.25
CA LEU F 211 -44.36 -20.76 -3.69
C LEU F 211 -45.37 -19.80 -4.28
N ILE F 212 -46.61 -19.92 -3.87
CA ILE F 212 -47.66 -18.98 -4.29
C ILE F 212 -47.24 -17.55 -3.94
N GLU F 213 -46.76 -17.34 -2.70
CA GLU F 213 -46.37 -15.98 -2.26
C GLU F 213 -45.20 -15.46 -3.08
N ALA F 214 -44.19 -16.29 -3.32
CA ALA F 214 -43.06 -15.88 -4.15
C ALA F 214 -43.50 -15.38 -5.51
N VAL F 215 -44.33 -16.18 -6.18
CA VAL F 215 -44.76 -15.89 -7.51
C VAL F 215 -45.67 -14.69 -7.54
N SER F 216 -46.55 -14.63 -6.56
CA SER F 216 -47.49 -13.54 -6.46
C SER F 216 -46.80 -12.22 -6.13
N VAL F 217 -45.81 -12.23 -5.24
CA VAL F 217 -45.09 -11.03 -4.86
C VAL F 217 -44.43 -10.46 -6.15
N PHE F 218 -43.81 -11.34 -6.91
CA PHE F 218 -43.15 -10.92 -8.13
C PHE F 218 -44.15 -10.37 -9.12
N ASN F 219 -45.23 -11.10 -9.36
CA ASN F 219 -46.17 -10.69 -10.41
C ASN F 219 -47.01 -9.52 -10.04
N ILE F 220 -47.33 -9.40 -8.76
CA ILE F 220 -48.04 -8.21 -8.30
C ILE F 220 -47.12 -7.00 -8.36
N ALA F 221 -45.85 -7.15 -7.97
CA ALA F 221 -44.92 -6.01 -8.08
C ALA F 221 -44.80 -5.55 -9.53
N ALA F 222 -44.74 -6.50 -10.46
CA ALA F 222 -44.69 -6.20 -11.86
C ALA F 222 -45.90 -5.42 -12.35
N GLU F 223 -47.08 -5.89 -11.95
CA GLU F 223 -48.33 -5.24 -12.31
C GLU F 223 -48.34 -3.79 -11.83
N VAL F 224 -47.97 -3.59 -10.56
CA VAL F 224 -47.95 -2.24 -9.96
C VAL F 224 -46.88 -1.33 -10.61
N ALA F 225 -45.69 -1.87 -10.86
CA ALA F 225 -44.62 -1.12 -11.53
C ALA F 225 -45.07 -0.65 -12.91
N ALA F 226 -45.76 -1.52 -13.64
CA ALA F 226 -46.21 -1.17 -15.02
C ALA F 226 -47.29 -0.10 -15.03
N GLU F 227 -48.04 0.04 -13.94
CA GLU F 227 -49.04 1.10 -13.83
C GLU F 227 -48.43 2.40 -13.40
N ASN F 228 -47.20 2.42 -12.96
CA ASN F 228 -46.59 3.65 -12.45
C ASN F 228 -46.48 4.66 -13.56
N GLU F 229 -46.76 5.92 -13.23
CA GLU F 229 -46.88 6.96 -14.26
C GLU F 229 -45.52 7.18 -14.93
N ASN F 230 -44.43 6.81 -14.25
CA ASN F 230 -43.09 6.96 -14.81
C ASN F 230 -42.62 5.76 -15.60
N CYS F 231 -43.46 4.74 -15.75
CA CYS F 231 -43.09 3.56 -16.51
C CYS F 231 -43.33 3.87 -17.96
N GLY F 232 -42.27 4.10 -18.73
CA GLY F 232 -42.42 4.52 -20.14
C GLY F 232 -42.06 3.42 -21.12
N GLY F 233 -41.72 2.24 -20.60
CA GLY F 233 -41.37 1.12 -21.44
C GLY F 233 -40.55 0.11 -20.66
N PRO F 234 -39.97 -0.86 -21.37
CA PRO F 234 -39.29 -1.92 -20.66
C PRO F 234 -38.01 -1.45 -19.96
N GLY F 235 -37.39 -0.38 -20.46
CA GLY F 235 -36.16 0.14 -19.81
C GLY F 235 -36.51 0.72 -18.45
N THR F 236 -37.50 1.59 -18.39
CA THR F 236 -37.86 2.24 -17.09
C THR F 236 -38.61 1.30 -16.17
N PHE F 237 -39.25 0.29 -16.74
CA PHE F 237 -39.97 -0.73 -15.97
C PHE F 237 -39.09 -1.45 -14.99
N SER F 238 -37.91 -1.78 -15.40
CA SER F 238 -37.05 -2.59 -14.56
C SER F 238 -36.63 -1.93 -13.22
N PRO F 239 -36.13 -0.71 -13.25
CA PRO F 239 -35.94 -0.02 -11.95
C PRO F 239 -37.23 0.07 -11.10
N LEU F 240 -38.32 0.38 -11.76
CA LEU F 240 -39.62 0.49 -11.07
C LEU F 240 -40.09 -0.83 -10.46
N LEU F 241 -39.81 -1.94 -11.13
CA LEU F 241 -40.06 -3.27 -10.56
C LEU F 241 -39.30 -3.47 -9.24
N LEU F 242 -38.01 -3.15 -9.26
CA LEU F 242 -37.22 -3.27 -8.06
C LEU F 242 -37.74 -2.34 -6.94
N ASP F 243 -38.12 -1.09 -7.27
CA ASP F 243 -38.70 -0.19 -6.23
C ASP F 243 -39.98 -0.83 -5.66
N THR F 244 -40.80 -1.38 -6.54
CA THR F 244 -42.09 -1.94 -6.13
C THR F 244 -41.97 -3.20 -5.28
N LEU F 245 -41.03 -4.08 -5.62
CA LEU F 245 -40.66 -5.15 -4.74
C LEU F 245 -40.23 -4.66 -3.37
N TYR F 246 -39.40 -3.63 -3.35
CA TYR F 246 -38.91 -3.13 -2.12
C TYR F 246 -40.04 -2.59 -1.18
N HIS F 247 -41.02 -1.94 -1.75
CA HIS F 247 -42.06 -1.30 -1.00
C HIS F 247 -43.32 -2.15 -0.83
N LEU F 248 -43.43 -3.29 -1.49
CA LEU F 248 -44.69 -3.98 -1.55
C LEU F 248 -45.22 -4.24 -0.14
N ASN F 249 -46.47 -3.89 0.10
CA ASN F 249 -47.08 -4.14 1.44
C ASN F 249 -48.21 -5.11 1.38
N GLU F 250 -48.68 -5.52 2.56
CA GLU F 250 -49.73 -6.50 2.63
C GLU F 250 -51.05 -6.07 2.01
N THR F 251 -51.40 -4.80 2.15
CA THR F 251 -52.65 -4.30 1.60
C THR F 251 -52.69 -4.45 0.10
N THR F 252 -51.59 -4.03 -0.55
CA THR F 252 -51.51 -4.14 -1.97
C THR F 252 -51.57 -5.60 -2.38
N TYR F 253 -50.79 -6.43 -1.70
CA TYR F 253 -50.72 -7.85 -2.06
C TYR F 253 -52.15 -8.45 -1.99
N GLN F 254 -52.84 -8.21 -0.88
CA GLN F 254 -54.16 -8.81 -0.68
C GLN F 254 -55.22 -8.25 -1.64
N GLN F 255 -55.15 -6.97 -1.98
CA GLN F 255 -56.05 -6.40 -2.99
C GLN F 255 -55.84 -6.98 -4.37
N ARG F 256 -54.59 -7.28 -4.73
CA ARG F 256 -54.31 -7.60 -6.14
C ARG F 256 -54.21 -9.05 -6.47
N ILE F 257 -53.98 -9.89 -5.47
CA ILE F 257 -53.67 -11.27 -5.77
C ILE F 257 -54.85 -11.94 -6.50
N ARG F 258 -54.57 -12.66 -7.59
CA ARG F 258 -55.63 -13.36 -8.34
C ARG F 258 -55.20 -14.82 -8.45
N ILE F 259 -55.70 -15.66 -7.56
CA ILE F 259 -55.17 -17.03 -7.41
C ILE F 259 -56.16 -18.12 -7.86
#